data_5E9G
#
_entry.id   5E9G
#
_cell.length_a   121.122
_cell.length_b   135.078
_cell.length_c   158.704
_cell.angle_alpha   90.00
_cell.angle_beta   90.00
_cell.angle_gamma   90.00
#
_symmetry.space_group_name_H-M   'P 21 21 21'
#
loop_
_entity.id
_entity.type
_entity.pdbx_description
1 polymer 'Isocitrate lyase'
2 non-polymer 'GLYOXYLIC ACID'
3 non-polymer GLYCEROL
4 non-polymer 'MAGNESIUM ION'
5 water water
#
_entity_poly.entity_id   1
_entity_poly.type   'polypeptide(L)'
_entity_poly.pdbx_seq_one_letter_code
;MASKNMVNPAVEPSMEDDLFAREVAEVKQWWSDPRWRYTKRPFTAEQIVSKRGNLKIEYPSNAQSKKLWKILEGRFQKRD
ASYTYGCLEPTMVTQMAKYLDTVYVSGWQSSSTASSSDEPGPDLADYPYTTVPNKVSHLFMAQLFHDRKQRHERLSAPKS
ERSKLQNIDYLRPIIADADTGHGGLTAVMKLTKLFIEKGAAGIHIEDQAPGTKKCGHMGGKVLVPISEHINRLVAIRAQA
DIMGVDLLAIARTDAEAATLITTSIDPRDHAFILGCTNPSLQPLADLMNTAEQSGKTGDQLQAIEDEWMAKANLKRFDDA
VVDVINSSSSIRNPKDVAAKYLQAAKGKSNREARAIASSLGVPEIFFDWDSPRTREGYFRIKGGCDCAINRAIAYAPYAD
AIWMESKLPDYEQAKEFAEGVHAVYPEQKLAYNLSPSFNWKTAMPRDEQETYIRRLAGLGYCWQFITLAGLHTTALISDR
FARAYSEVGMRAYGELVQEPEMELGVDVVKHQKWSGATYVDELQKMVTGGVSSTAAMGKGVTEDQFHAAALEHHHHHHHH
;
_entity_poly.pdbx_strand_id   A,B,C,D
#
loop_
_chem_comp.id
_chem_comp.type
_chem_comp.name
_chem_comp.formula
GLV non-polymer 'GLYOXYLIC ACID' 'C2 H2 O3'
GOL non-polymer GLYCEROL 'C3 H8 O3'
MG non-polymer 'MAGNESIUM ION' 'Mg 2'
#
# COMPACT_ATOMS: atom_id res chain seq x y z
N ASN A 5 30.99 16.80 -17.94
CA ASN A 5 29.98 17.75 -17.40
C ASN A 5 28.58 17.17 -17.53
N MET A 6 27.80 17.25 -16.45
CA MET A 6 26.45 16.72 -16.43
C MET A 6 25.38 17.80 -16.30
N VAL A 7 25.80 19.05 -16.40
CA VAL A 7 24.88 20.17 -16.29
C VAL A 7 24.25 20.52 -17.62
N ASN A 8 22.91 20.51 -17.66
CA ASN A 8 22.16 20.85 -18.85
C ASN A 8 20.75 21.23 -18.41
N PRO A 9 20.06 22.08 -19.18
CA PRO A 9 18.70 22.50 -18.84
C PRO A 9 17.66 21.45 -19.20
N ALA A 10 16.50 21.53 -18.57
CA ALA A 10 15.43 20.59 -18.88
C ALA A 10 15.12 20.75 -20.36
N VAL A 11 15.10 22.00 -20.81
CA VAL A 11 14.81 22.30 -22.21
C VAL A 11 15.54 23.56 -22.65
N GLU A 12 16.11 23.52 -23.85
CA GLU A 12 16.82 24.67 -24.42
C GLU A 12 15.92 25.89 -24.51
N PRO A 13 16.24 26.96 -23.76
CA PRO A 13 15.46 28.21 -23.76
C PRO A 13 15.11 28.74 -25.16
N SER A 14 15.90 28.36 -26.16
CA SER A 14 15.67 28.82 -27.53
C SER A 14 14.48 28.15 -28.20
N MET A 15 14.15 26.93 -27.76
CA MET A 15 13.05 26.22 -28.37
C MET A 15 11.82 26.09 -27.49
N GLU A 16 11.89 26.59 -26.26
CA GLU A 16 10.76 26.51 -25.35
C GLU A 16 9.46 27.02 -25.98
N ASP A 17 9.51 28.22 -26.56
CA ASP A 17 8.31 28.79 -27.17
C ASP A 17 7.78 28.00 -28.36
N ASP A 18 8.67 27.46 -29.19
CA ASP A 18 8.22 26.68 -30.33
C ASP A 18 7.46 25.44 -29.86
N LEU A 19 8.03 24.75 -28.88
CA LEU A 19 7.40 23.55 -28.34
C LEU A 19 6.04 23.88 -27.72
N PHE A 20 6.00 24.94 -26.92
CA PHE A 20 4.74 25.34 -26.29
C PHE A 20 3.69 25.60 -27.38
N ALA A 21 4.10 26.30 -28.43
CA ALA A 21 3.20 26.62 -29.52
C ALA A 21 2.65 25.36 -30.20
N ARG A 22 3.51 24.38 -30.44
CA ARG A 22 3.08 23.15 -31.09
C ARG A 22 2.18 22.33 -30.19
N GLU A 23 2.49 22.28 -28.90
CA GLU A 23 1.66 21.52 -27.96
C GLU A 23 0.28 22.15 -27.90
N VAL A 24 0.23 23.47 -27.76
CA VAL A 24 -1.05 24.17 -27.71
C VAL A 24 -1.86 23.84 -28.95
N ALA A 25 -1.22 23.91 -30.11
CA ALA A 25 -1.91 23.62 -31.37
C ALA A 25 -2.51 22.23 -31.34
N GLU A 26 -1.76 21.26 -30.82
CA GLU A 26 -2.25 19.89 -30.75
C GLU A 26 -3.45 19.81 -29.83
N VAL A 27 -3.31 20.38 -28.63
CA VAL A 27 -4.41 20.35 -27.68
C VAL A 27 -5.67 20.90 -28.36
N LYS A 28 -5.54 22.04 -29.04
CA LYS A 28 -6.71 22.61 -29.73
C LYS A 28 -7.25 21.68 -30.81
N GLN A 29 -6.37 20.98 -31.50
CA GLN A 29 -6.79 20.06 -32.54
C GLN A 29 -7.55 18.91 -31.87
N TRP A 30 -7.03 18.44 -30.74
CA TRP A 30 -7.65 17.37 -29.98
C TRP A 30 -9.03 17.78 -29.47
N TRP A 31 -9.16 19.03 -29.05
CA TRP A 31 -10.43 19.50 -28.53
C TRP A 31 -11.54 19.65 -29.58
N SER A 32 -11.17 19.68 -30.85
CA SER A 32 -12.18 19.84 -31.91
C SER A 32 -12.82 18.50 -32.25
N ASP A 33 -12.28 17.42 -31.70
CA ASP A 33 -12.80 16.08 -31.94
C ASP A 33 -14.24 15.94 -31.46
N PRO A 34 -15.10 15.24 -32.23
CA PRO A 34 -16.50 15.05 -31.85
C PRO A 34 -16.72 14.49 -30.45
N ARG A 35 -15.66 13.96 -29.85
CA ARG A 35 -15.76 13.42 -28.50
C ARG A 35 -16.13 14.55 -27.57
N TRP A 36 -15.74 15.77 -27.91
CA TRP A 36 -16.00 16.92 -27.06
C TRP A 36 -17.09 17.86 -27.53
N ARG A 37 -17.92 17.41 -28.47
CA ARG A 37 -18.96 18.30 -28.98
C ARG A 37 -19.94 18.83 -27.95
N TYR A 38 -20.08 18.14 -26.82
CA TYR A 38 -21.01 18.58 -25.77
C TYR A 38 -20.28 19.21 -24.59
N THR A 39 -18.95 19.15 -24.63
CA THR A 39 -18.11 19.63 -23.54
C THR A 39 -17.78 21.11 -23.46
N LYS A 40 -18.10 21.71 -22.31
CA LYS A 40 -17.82 23.11 -22.05
C LYS A 40 -16.55 23.20 -21.20
N ARG A 41 -15.54 23.88 -21.72
CA ARG A 41 -14.28 24.04 -21.01
C ARG A 41 -14.07 25.51 -20.65
N PRO A 42 -14.15 25.85 -19.36
CA PRO A 42 -13.96 27.22 -18.90
C PRO A 42 -12.50 27.61 -18.76
N PHE A 43 -11.67 27.16 -19.70
CA PHE A 43 -10.24 27.44 -19.69
C PHE A 43 -9.70 27.19 -21.10
N THR A 44 -8.52 27.74 -21.40
CA THR A 44 -7.95 27.58 -22.73
C THR A 44 -6.87 26.51 -22.86
N ALA A 45 -6.55 26.19 -24.11
CA ALA A 45 -5.53 25.19 -24.42
C ALA A 45 -4.17 25.68 -23.91
N GLU A 46 -3.98 26.99 -23.89
CA GLU A 46 -2.72 27.57 -23.42
C GLU A 46 -2.55 27.41 -21.91
N GLN A 47 -3.66 27.51 -21.18
CA GLN A 47 -3.64 27.37 -19.72
C GLN A 47 -3.31 25.94 -19.34
N ILE A 48 -3.93 24.99 -20.03
CA ILE A 48 -3.69 23.57 -19.78
C ILE A 48 -2.25 23.20 -20.09
N VAL A 49 -1.79 23.51 -21.29
CA VAL A 49 -0.42 23.19 -21.67
C VAL A 49 0.59 23.83 -20.71
N SER A 50 0.23 24.96 -20.13
CA SER A 50 1.15 25.63 -19.20
C SER A 50 1.31 24.88 -17.89
N LYS A 51 0.44 23.90 -17.66
CA LYS A 51 0.51 23.11 -16.43
C LYS A 51 1.21 21.77 -16.68
N ARG A 52 1.46 21.47 -17.95
CA ARG A 52 2.11 20.21 -18.31
C ARG A 52 3.62 20.26 -18.11
N GLY A 53 4.22 19.08 -17.95
CA GLY A 53 5.66 18.97 -17.81
C GLY A 53 6.26 18.80 -19.20
N ASN A 54 7.52 18.37 -19.28
CA ASN A 54 8.19 18.19 -20.56
C ASN A 54 8.17 16.75 -21.06
N LEU A 55 7.69 15.83 -20.22
CA LEU A 55 7.63 14.43 -20.63
C LEU A 55 6.19 13.95 -20.72
N LYS A 56 5.70 13.81 -21.95
CA LYS A 56 4.35 13.33 -22.19
C LYS A 56 4.22 11.86 -21.79
N ILE A 57 3.11 11.54 -21.13
CA ILE A 57 2.84 10.16 -20.70
C ILE A 57 1.51 9.73 -21.32
N GLU A 58 1.42 8.47 -21.73
CA GLU A 58 0.19 7.96 -22.30
C GLU A 58 -0.31 6.85 -21.40
N TYR A 59 -1.62 6.81 -21.16
CA TYR A 59 -2.20 5.82 -20.26
C TYR A 59 -3.16 4.84 -20.92
N PRO A 60 -3.11 3.56 -20.51
CA PRO A 60 -4.04 2.62 -21.12
C PRO A 60 -5.49 2.99 -20.76
N SER A 61 -5.64 3.79 -19.71
CA SER A 61 -6.97 4.23 -19.29
C SER A 61 -7.60 5.09 -20.39
N ASN A 62 -6.78 5.75 -21.20
CA ASN A 62 -7.26 6.60 -22.28
C ASN A 62 -7.87 5.71 -23.36
N ALA A 63 -7.23 4.58 -23.62
CA ALA A 63 -7.73 3.64 -24.60
C ALA A 63 -9.06 3.12 -24.09
N GLN A 64 -9.13 2.81 -22.79
CA GLN A 64 -10.36 2.30 -22.21
C GLN A 64 -11.53 3.27 -22.21
N SER A 65 -11.25 4.56 -22.10
CA SER A 65 -12.33 5.54 -22.12
C SER A 65 -12.85 5.71 -23.54
N LYS A 66 -11.95 5.68 -24.52
CA LYS A 66 -12.36 5.82 -25.92
C LYS A 66 -13.28 4.66 -26.28
N LYS A 67 -12.93 3.49 -25.79
CA LYS A 67 -13.73 2.30 -26.04
C LYS A 67 -15.08 2.48 -25.35
N LEU A 68 -15.06 3.01 -24.13
CA LEU A 68 -16.30 3.26 -23.39
C LEU A 68 -17.16 4.28 -24.12
N TRP A 69 -16.53 5.32 -24.63
CA TRP A 69 -17.24 6.38 -25.34
C TRP A 69 -17.95 5.84 -26.56
N LYS A 70 -17.26 5.00 -27.33
CA LYS A 70 -17.86 4.41 -28.52
C LYS A 70 -19.09 3.58 -28.13
N ILE A 71 -18.95 2.78 -27.09
CA ILE A 71 -20.05 1.94 -26.63
C ILE A 71 -21.26 2.78 -26.22
N LEU A 72 -21.03 3.75 -25.34
CA LEU A 72 -22.13 4.59 -24.88
C LEU A 72 -22.74 5.47 -25.98
N GLU A 73 -21.91 5.85 -26.96
CA GLU A 73 -22.41 6.64 -28.09
C GLU A 73 -23.44 5.78 -28.82
N GLY A 74 -23.04 4.55 -29.13
CA GLY A 74 -23.92 3.64 -29.82
C GLY A 74 -25.20 3.39 -29.06
N ARG A 75 -25.10 3.09 -27.76
CA ARG A 75 -26.29 2.82 -26.96
C ARG A 75 -27.28 3.99 -26.99
N PHE A 76 -26.80 5.18 -26.62
CA PHE A 76 -27.66 6.36 -26.59
C PHE A 76 -28.37 6.63 -27.91
N GLN A 77 -27.61 6.63 -29.00
CA GLN A 77 -28.19 6.88 -30.32
C GLN A 77 -29.26 5.86 -30.71
N LYS A 78 -29.07 4.60 -30.31
CA LYS A 78 -30.04 3.54 -30.61
C LYS A 78 -31.04 3.48 -29.45
N ARG A 79 -30.78 4.24 -28.40
CA ARG A 79 -31.62 4.23 -27.21
C ARG A 79 -31.66 2.85 -26.58
N ASP A 80 -30.49 2.23 -26.48
CA ASP A 80 -30.33 0.93 -25.85
C ASP A 80 -29.44 1.25 -24.66
N ALA A 81 -28.95 0.24 -23.97
CA ALA A 81 -28.09 0.49 -22.83
C ALA A 81 -27.12 -0.63 -22.54
N SER A 82 -25.97 -0.27 -21.98
CA SER A 82 -25.00 -1.24 -21.54
C SER A 82 -25.27 -1.26 -20.04
N TYR A 83 -25.30 -2.43 -19.42
CA TYR A 83 -25.54 -2.49 -17.98
C TYR A 83 -24.57 -3.49 -17.35
N THR A 84 -24.17 -3.19 -16.13
CA THR A 84 -23.21 -4.01 -15.42
C THR A 84 -23.53 -3.87 -13.92
N TYR A 85 -22.61 -4.31 -13.07
CA TYR A 85 -22.80 -4.20 -11.63
C TYR A 85 -21.47 -4.03 -10.91
N GLY A 86 -21.52 -3.69 -9.62
CA GLY A 86 -20.31 -3.48 -8.84
C GLY A 86 -19.50 -4.76 -8.64
N CYS A 87 -18.29 -4.76 -9.18
CA CYS A 87 -17.39 -5.91 -9.10
C CYS A 87 -16.49 -5.83 -7.88
N LEU A 88 -16.42 -6.93 -7.14
CA LEU A 88 -15.62 -7.00 -5.91
C LEU A 88 -14.14 -7.24 -6.08
N GLU A 89 -13.78 -8.23 -6.91
CA GLU A 89 -12.39 -8.60 -7.10
C GLU A 89 -12.15 -9.27 -8.47
N PRO A 90 -10.89 -9.71 -8.76
CA PRO A 90 -10.55 -10.34 -10.04
C PRO A 90 -11.31 -11.60 -10.46
N THR A 91 -11.54 -12.53 -9.53
CA THR A 91 -12.26 -13.73 -9.93
C THR A 91 -13.58 -13.28 -10.55
N MET A 92 -14.28 -12.39 -9.86
CA MET A 92 -15.56 -11.87 -10.33
C MET A 92 -15.47 -11.14 -11.68
N VAL A 93 -14.45 -10.31 -11.85
CA VAL A 93 -14.34 -9.55 -13.09
C VAL A 93 -14.12 -10.44 -14.33
N THR A 94 -13.35 -11.51 -14.21
CA THR A 94 -13.08 -12.42 -15.33
C THR A 94 -14.33 -13.16 -15.81
N GLN A 95 -15.34 -13.23 -14.95
CA GLN A 95 -16.58 -13.92 -15.29
C GLN A 95 -17.56 -12.92 -15.89
N MET A 96 -17.55 -11.71 -15.35
CA MET A 96 -18.42 -10.66 -15.85
C MET A 96 -18.05 -10.35 -17.30
N ALA A 97 -16.76 -10.42 -17.61
CA ALA A 97 -16.26 -10.12 -18.95
C ALA A 97 -16.91 -10.96 -20.05
N LYS A 98 -17.47 -12.11 -19.67
CA LYS A 98 -18.12 -12.99 -20.63
C LYS A 98 -19.47 -12.48 -21.11
N TYR A 99 -20.18 -11.74 -20.25
CA TYR A 99 -21.50 -11.27 -20.62
C TYR A 99 -21.74 -9.77 -20.54
N LEU A 100 -20.94 -9.07 -19.73
CA LEU A 100 -21.09 -7.62 -19.55
C LEU A 100 -19.96 -6.82 -20.18
N ASP A 101 -20.29 -5.76 -20.92
CA ASP A 101 -19.30 -4.95 -21.62
C ASP A 101 -18.63 -3.83 -20.83
N THR A 102 -19.05 -3.64 -19.58
CA THR A 102 -18.43 -2.63 -18.74
C THR A 102 -18.35 -3.20 -17.35
N VAL A 103 -17.58 -2.54 -16.49
CA VAL A 103 -17.39 -2.98 -15.11
C VAL A 103 -17.60 -1.78 -14.21
N TYR A 104 -18.36 -1.97 -13.13
CA TYR A 104 -18.57 -0.86 -12.21
C TYR A 104 -17.77 -1.12 -10.93
N VAL A 105 -17.18 -0.08 -10.37
CA VAL A 105 -16.45 -0.21 -9.11
C VAL A 105 -17.17 0.71 -8.14
N SER A 106 -17.78 0.11 -7.13
CA SER A 106 -18.57 0.83 -6.13
C SER A 106 -17.78 1.35 -4.94
N GLY A 107 -18.10 2.57 -4.52
CA GLY A 107 -17.44 3.16 -3.37
C GLY A 107 -18.03 2.52 -2.13
N TRP A 108 -19.30 2.14 -2.22
CA TRP A 108 -20.03 1.48 -1.13
C TRP A 108 -19.37 0.13 -0.87
N GLN A 109 -19.16 -0.64 -1.94
CA GLN A 109 -18.54 -1.96 -1.79
C GLN A 109 -17.11 -1.80 -1.30
N SER A 110 -16.43 -0.76 -1.77
CA SER A 110 -15.05 -0.55 -1.37
C SER A 110 -14.92 -0.26 0.13
N SER A 111 -15.93 0.38 0.72
CA SER A 111 -15.91 0.71 2.14
C SER A 111 -15.92 -0.55 3.00
N SER A 112 -16.80 -1.48 2.65
CA SER A 112 -16.95 -2.72 3.41
C SER A 112 -15.98 -3.83 3.05
N THR A 113 -15.28 -3.68 1.94
CA THR A 113 -14.38 -4.74 1.50
C THR A 113 -13.03 -4.35 0.88
N ALA A 114 -12.75 -3.06 0.68
CA ALA A 114 -11.49 -2.71 0.03
C ALA A 114 -10.75 -1.45 0.46
N SER A 115 -11.04 -0.94 1.66
CA SER A 115 -10.31 0.25 2.10
C SER A 115 -8.81 -0.01 2.09
N SER A 116 -8.05 0.99 1.68
CA SER A 116 -6.59 0.92 1.61
C SER A 116 -5.96 0.74 2.98
N SER A 117 -6.73 0.96 4.04
CA SER A 117 -6.21 0.79 5.40
C SER A 117 -6.79 -0.48 6.00
N ASP A 118 -7.61 -1.17 5.23
CA ASP A 118 -8.26 -2.41 5.70
C ASP A 118 -9.27 -2.15 6.82
N GLU A 119 -9.55 -0.89 7.12
CA GLU A 119 -10.54 -0.58 8.14
C GLU A 119 -11.85 -0.42 7.39
N PRO A 120 -12.75 -1.40 7.50
CA PRO A 120 -14.05 -1.35 6.82
C PRO A 120 -15.06 -0.43 7.50
N GLY A 121 -16.28 -0.41 6.97
CA GLY A 121 -17.30 0.44 7.54
C GLY A 121 -18.37 0.83 6.53
N PRO A 122 -19.42 1.53 6.99
CA PRO A 122 -20.53 1.98 6.15
C PRO A 122 -20.12 3.04 5.10
N ASP A 123 -20.89 3.11 4.02
CA ASP A 123 -20.62 4.03 2.92
C ASP A 123 -20.64 5.52 3.29
N LEU A 124 -19.49 6.02 3.78
CA LEU A 124 -19.36 7.42 4.18
C LEU A 124 -18.20 8.12 3.48
N ALA A 125 -17.60 7.44 2.51
CA ALA A 125 -16.48 7.99 1.78
C ALA A 125 -15.38 8.48 2.74
N ASP A 126 -15.19 7.75 3.85
CA ASP A 126 -14.18 8.16 4.81
C ASP A 126 -12.92 7.31 4.87
N TYR A 127 -12.77 6.39 3.91
CA TYR A 127 -11.56 5.58 3.81
C TYR A 127 -10.56 6.49 3.10
N PRO A 128 -9.27 6.11 3.06
CA PRO A 128 -8.27 6.97 2.37
C PRO A 128 -8.69 7.01 0.90
N TYR A 129 -8.51 8.13 0.22
CA TYR A 129 -8.97 8.24 -1.17
C TYR A 129 -8.27 7.41 -2.24
N THR A 130 -7.25 6.66 -1.84
CA THR A 130 -6.55 5.78 -2.76
C THR A 130 -7.38 4.50 -2.86
N THR A 131 -8.31 4.34 -1.94
CA THR A 131 -9.16 3.14 -1.89
C THR A 131 -9.81 2.73 -3.23
N VAL A 132 -10.60 3.59 -3.84
CA VAL A 132 -11.27 3.22 -5.09
C VAL A 132 -10.31 3.12 -6.29
N PRO A 133 -9.38 4.07 -6.45
CA PRO A 133 -8.48 3.94 -7.58
C PRO A 133 -7.72 2.61 -7.51
N ASN A 134 -7.30 2.24 -6.29
CA ASN A 134 -6.59 0.99 -6.08
C ASN A 134 -7.43 -0.22 -6.47
N LYS A 135 -8.74 -0.12 -6.23
CA LYS A 135 -9.63 -1.22 -6.60
C LYS A 135 -9.68 -1.26 -8.13
N VAL A 136 -9.72 -0.09 -8.77
CA VAL A 136 -9.73 -0.02 -10.23
C VAL A 136 -8.50 -0.76 -10.75
N SER A 137 -7.33 -0.40 -10.21
CA SER A 137 -6.07 -1.03 -10.60
C SER A 137 -6.07 -2.55 -10.37
N HIS A 138 -6.62 -2.96 -9.23
CA HIS A 138 -6.72 -4.37 -8.88
C HIS A 138 -7.44 -5.16 -10.00
N LEU A 139 -8.54 -4.60 -10.48
CA LEU A 139 -9.33 -5.25 -11.52
C LEU A 139 -8.69 -5.08 -12.90
N PHE A 140 -8.18 -3.89 -13.17
CA PHE A 140 -7.58 -3.60 -14.45
C PHE A 140 -6.30 -4.43 -14.71
N MET A 141 -5.46 -4.58 -13.70
CA MET A 141 -4.24 -5.38 -13.88
C MET A 141 -4.60 -6.84 -14.11
N ALA A 142 -5.71 -7.28 -13.53
CA ALA A 142 -6.14 -8.65 -13.69
C ALA A 142 -6.68 -8.84 -15.11
N GLN A 143 -7.45 -7.87 -15.59
CA GLN A 143 -8.00 -7.94 -16.94
C GLN A 143 -6.84 -8.03 -17.93
N LEU A 144 -5.86 -7.16 -17.74
CA LEU A 144 -4.68 -7.14 -18.61
C LEU A 144 -3.98 -8.48 -18.65
N PHE A 145 -3.80 -9.08 -17.48
CA PHE A 145 -3.15 -10.39 -17.37
C PHE A 145 -3.93 -11.48 -18.08
N HIS A 146 -5.24 -11.50 -17.87
CA HIS A 146 -6.07 -12.53 -18.49
C HIS A 146 -6.16 -12.32 -20.01
N ASP A 147 -6.04 -11.08 -20.47
CA ASP A 147 -6.06 -10.82 -21.91
C ASP A 147 -4.74 -11.38 -22.47
N ARG A 148 -3.64 -11.25 -21.73
CA ARG A 148 -2.37 -11.79 -22.20
C ARG A 148 -2.48 -13.32 -22.22
N LYS A 149 -2.97 -13.88 -21.12
CA LYS A 149 -3.12 -15.32 -21.00
C LYS A 149 -3.86 -15.93 -22.19
N GLN A 150 -5.03 -15.38 -22.48
CA GLN A 150 -5.88 -15.87 -23.56
C GLN A 150 -5.32 -15.69 -24.98
N ARG A 151 -4.64 -14.58 -25.24
CA ARG A 151 -4.09 -14.33 -26.56
C ARG A 151 -3.02 -15.38 -26.85
N HIS A 152 -2.19 -15.65 -25.85
CA HIS A 152 -1.13 -16.64 -25.98
C HIS A 152 -1.69 -18.02 -26.31
N GLU A 153 -2.73 -18.44 -25.57
CA GLU A 153 -3.33 -19.74 -25.82
C GLU A 153 -3.93 -19.79 -27.22
N ARG A 154 -4.59 -18.71 -27.63
CA ARG A 154 -5.21 -18.65 -28.94
C ARG A 154 -4.18 -18.63 -30.08
N LEU A 155 -3.23 -17.69 -30.00
CA LEU A 155 -2.20 -17.58 -31.03
C LEU A 155 -1.33 -18.83 -31.09
N SER A 156 -1.16 -19.51 -29.96
CA SER A 156 -0.35 -20.71 -29.90
C SER A 156 -1.03 -21.90 -30.58
N ALA A 157 -2.33 -21.81 -30.79
CA ALA A 157 -3.08 -22.89 -31.43
C ALA A 157 -3.29 -22.62 -32.91
N PRO A 158 -3.42 -23.69 -33.72
CA PRO A 158 -3.63 -23.57 -35.17
C PRO A 158 -4.92 -22.80 -35.42
N LYS A 159 -4.90 -21.91 -36.42
CA LYS A 159 -6.07 -21.11 -36.73
C LYS A 159 -7.36 -21.94 -36.75
N SER A 160 -7.25 -23.18 -37.20
CA SER A 160 -8.41 -24.06 -37.30
C SER A 160 -8.97 -24.56 -35.97
N GLU A 161 -8.19 -24.48 -34.90
CA GLU A 161 -8.66 -24.95 -33.59
C GLU A 161 -9.14 -23.84 -32.66
N ARG A 162 -8.98 -22.60 -33.09
CA ARG A 162 -9.37 -21.46 -32.27
C ARG A 162 -10.87 -21.36 -31.98
N SER A 163 -11.71 -21.83 -32.90
CA SER A 163 -13.15 -21.78 -32.69
C SER A 163 -13.58 -22.54 -31.44
N LYS A 164 -12.76 -23.50 -31.01
CA LYS A 164 -13.07 -24.29 -29.83
C LYS A 164 -12.60 -23.61 -28.54
N LEU A 165 -11.73 -22.60 -28.70
CA LEU A 165 -11.18 -21.88 -27.56
C LEU A 165 -12.01 -20.65 -27.18
N GLN A 166 -11.91 -20.23 -25.92
CA GLN A 166 -12.65 -19.07 -25.45
C GLN A 166 -12.09 -17.82 -26.13
N ASN A 167 -12.93 -16.80 -26.27
CA ASN A 167 -12.51 -15.56 -26.89
C ASN A 167 -13.10 -14.39 -26.09
N ILE A 168 -12.95 -14.47 -24.77
CA ILE A 168 -13.47 -13.46 -23.87
C ILE A 168 -12.81 -12.11 -24.04
N ASP A 169 -13.60 -11.05 -24.01
CA ASP A 169 -13.08 -9.69 -24.10
C ASP A 169 -12.95 -9.25 -22.63
N TYR A 170 -11.74 -9.41 -22.09
CA TYR A 170 -11.45 -9.06 -20.72
C TYR A 170 -11.29 -7.57 -20.50
N LEU A 171 -11.08 -6.85 -21.59
CA LEU A 171 -10.85 -5.41 -21.49
C LEU A 171 -12.13 -4.58 -21.48
N ARG A 172 -13.00 -4.90 -20.52
CA ARG A 172 -14.24 -4.21 -20.36
C ARG A 172 -13.99 -2.91 -19.59
N PRO A 173 -14.33 -1.77 -20.21
CA PRO A 173 -14.13 -0.46 -19.58
C PRO A 173 -14.69 -0.38 -18.16
N ILE A 174 -13.92 0.20 -17.25
CA ILE A 174 -14.31 0.33 -15.85
C ILE A 174 -14.74 1.76 -15.52
N ILE A 175 -15.91 1.89 -14.88
CA ILE A 175 -16.41 3.18 -14.45
C ILE A 175 -16.26 3.14 -12.91
N ALA A 176 -15.58 4.15 -12.35
CA ALA A 176 -15.34 4.17 -10.92
C ALA A 176 -15.98 5.32 -10.13
N ASP A 177 -16.17 5.05 -8.84
CA ASP A 177 -16.79 5.96 -7.88
C ASP A 177 -15.76 6.90 -7.25
N ALA A 178 -15.93 8.21 -7.47
CA ALA A 178 -15.00 9.17 -6.90
C ALA A 178 -15.65 9.86 -5.71
N ASP A 179 -16.75 9.29 -5.23
CA ASP A 179 -17.49 9.84 -4.10
C ASP A 179 -17.86 11.31 -4.38
N THR A 180 -17.46 12.24 -3.51
CA THR A 180 -17.74 13.66 -3.71
C THR A 180 -16.43 14.39 -4.12
N GLY A 181 -15.33 13.63 -4.18
CA GLY A 181 -14.05 14.22 -4.54
C GLY A 181 -12.99 14.14 -3.46
N HIS A 182 -13.40 13.71 -2.27
CA HIS A 182 -12.49 13.58 -1.14
C HIS A 182 -11.73 14.84 -0.69
N GLY A 183 -12.42 15.98 -0.64
CA GLY A 183 -11.76 17.20 -0.21
C GLY A 183 -12.05 18.37 -1.13
N GLY A 184 -11.09 19.27 -1.25
CA GLY A 184 -11.28 20.41 -2.12
C GLY A 184 -10.94 20.09 -3.56
N LEU A 185 -10.91 21.12 -4.40
CA LEU A 185 -10.60 20.96 -5.82
C LEU A 185 -9.21 20.37 -6.05
N THR A 186 -8.25 20.70 -5.19
CA THR A 186 -6.92 20.14 -5.39
C THR A 186 -6.96 18.64 -5.06
N ALA A 187 -7.83 18.26 -4.12
CA ALA A 187 -7.95 16.85 -3.78
C ALA A 187 -8.65 16.15 -4.96
N VAL A 188 -9.63 16.83 -5.56
CA VAL A 188 -10.36 16.26 -6.69
C VAL A 188 -9.41 15.95 -7.84
N MET A 189 -8.53 16.90 -8.15
CA MET A 189 -7.58 16.70 -9.23
C MET A 189 -6.62 15.55 -8.96
N LYS A 190 -6.14 15.42 -7.72
CA LYS A 190 -5.22 14.35 -7.37
C LYS A 190 -5.92 13.00 -7.49
N LEU A 191 -7.20 12.98 -7.10
CA LEU A 191 -7.99 11.75 -7.16
C LEU A 191 -8.15 11.31 -8.62
N THR A 192 -8.55 12.25 -9.48
CA THR A 192 -8.74 12.00 -10.90
C THR A 192 -7.43 11.52 -11.52
N LYS A 193 -6.31 12.08 -11.07
CA LYS A 193 -5.00 11.72 -11.59
C LYS A 193 -4.68 10.24 -11.31
N LEU A 194 -4.99 9.77 -10.10
CA LEU A 194 -4.75 8.36 -9.77
C LEU A 194 -5.72 7.46 -10.53
N PHE A 195 -6.97 7.92 -10.69
CA PHE A 195 -7.92 7.10 -11.41
C PHE A 195 -7.40 6.86 -12.82
N ILE A 196 -6.92 7.92 -13.46
CA ILE A 196 -6.38 7.83 -14.81
C ILE A 196 -5.15 6.93 -14.81
N GLU A 197 -4.30 7.07 -13.78
CA GLU A 197 -3.10 6.25 -13.70
C GLU A 197 -3.41 4.79 -13.41
N LYS A 198 -4.56 4.51 -12.80
CA LYS A 198 -4.94 3.13 -12.46
C LYS A 198 -5.74 2.39 -13.51
N GLY A 199 -6.18 3.10 -14.56
CA GLY A 199 -6.92 2.46 -15.63
C GLY A 199 -8.41 2.73 -15.75
N ALA A 200 -8.92 3.73 -15.04
CA ALA A 200 -10.35 4.05 -15.10
C ALA A 200 -10.73 4.64 -16.45
N ALA A 201 -11.87 4.20 -16.99
CA ALA A 201 -12.36 4.69 -18.27
C ALA A 201 -13.29 5.89 -17.99
N GLY A 202 -13.85 5.88 -16.78
CA GLY A 202 -14.75 6.94 -16.35
C GLY A 202 -14.91 6.93 -14.83
N ILE A 203 -15.26 8.08 -14.25
CA ILE A 203 -15.48 8.18 -12.81
C ILE A 203 -16.72 9.04 -12.58
N HIS A 204 -17.40 8.84 -11.46
CA HIS A 204 -18.57 9.64 -11.17
C HIS A 204 -18.40 10.37 -9.85
N ILE A 205 -18.86 11.62 -9.79
CA ILE A 205 -18.76 12.43 -8.59
C ILE A 205 -20.13 13.02 -8.27
N GLU A 206 -20.51 13.01 -6.99
CA GLU A 206 -21.82 13.47 -6.54
C GLU A 206 -21.84 14.78 -5.76
N ASP A 207 -22.97 15.49 -5.83
CA ASP A 207 -23.08 16.79 -5.18
C ASP A 207 -23.36 16.82 -3.69
N GLN A 208 -22.81 15.86 -2.96
CA GLN A 208 -22.97 15.86 -1.50
C GLN A 208 -21.67 16.49 -1.00
N ALA A 209 -21.61 16.80 0.29
CA ALA A 209 -20.41 17.39 0.87
C ALA A 209 -19.55 16.30 1.50
N PRO A 210 -18.22 16.39 1.33
CA PRO A 210 -17.40 15.35 1.94
C PRO A 210 -17.54 15.45 3.46
N GLY A 211 -17.34 14.36 4.17
CA GLY A 211 -17.46 14.47 5.61
C GLY A 211 -18.85 14.16 6.10
N THR A 212 -19.85 14.48 5.30
CA THR A 212 -21.24 14.18 5.67
C THR A 212 -21.83 13.23 4.62
N LYS A 213 -21.01 12.86 3.65
CA LYS A 213 -21.45 11.97 2.57
C LYS A 213 -22.02 10.67 3.10
N LYS A 214 -23.06 10.18 2.43
CA LYS A 214 -23.65 8.91 2.81
C LYS A 214 -24.39 8.21 1.70
N CYS A 215 -24.89 7.03 2.05
CA CYS A 215 -25.66 6.16 1.19
C CYS A 215 -26.67 6.98 0.38
N GLY A 216 -26.84 6.65 -0.90
CA GLY A 216 -27.78 7.38 -1.73
C GLY A 216 -29.22 7.30 -1.24
N HIS A 217 -29.53 6.25 -0.47
CA HIS A 217 -30.88 6.07 0.04
C HIS A 217 -30.95 6.19 1.56
N MET A 218 -30.12 7.06 2.13
CA MET A 218 -30.09 7.30 3.57
C MET A 218 -30.71 8.67 3.84
N GLY A 219 -31.45 8.81 4.93
CA GLY A 219 -32.07 10.09 5.25
C GLY A 219 -31.08 11.15 5.71
N GLY A 220 -31.42 12.40 5.44
CA GLY A 220 -30.57 13.51 5.86
C GLY A 220 -29.37 13.88 4.98
N LYS A 221 -29.46 13.64 3.67
CA LYS A 221 -28.35 13.98 2.80
C LYS A 221 -28.12 15.49 2.74
N VAL A 222 -26.85 15.86 2.76
CA VAL A 222 -26.44 17.25 2.70
C VAL A 222 -25.84 17.57 1.33
N LEU A 223 -26.36 18.61 0.68
CA LEU A 223 -25.89 19.00 -0.63
C LEU A 223 -24.89 20.16 -0.56
N VAL A 224 -24.06 20.29 -1.59
CA VAL A 224 -23.15 21.43 -1.66
C VAL A 224 -23.79 22.34 -2.70
N PRO A 225 -23.47 23.65 -2.70
CA PRO A 225 -24.07 24.54 -3.69
C PRO A 225 -23.75 24.11 -5.12
N ILE A 226 -24.61 24.48 -6.07
CA ILE A 226 -24.41 24.12 -7.46
C ILE A 226 -23.03 24.48 -8.01
N SER A 227 -22.59 25.72 -7.77
CA SER A 227 -21.29 26.20 -8.23
C SER A 227 -20.14 25.30 -7.78
N GLU A 228 -20.21 24.81 -6.55
CA GLU A 228 -19.16 23.96 -6.02
C GLU A 228 -19.04 22.65 -6.81
N HIS A 229 -20.16 21.99 -7.07
CA HIS A 229 -20.10 20.73 -7.81
C HIS A 229 -19.62 20.94 -9.24
N ILE A 230 -19.98 22.08 -9.83
CA ILE A 230 -19.55 22.36 -11.19
C ILE A 230 -18.02 22.51 -11.17
N ASN A 231 -17.49 23.09 -10.10
CA ASN A 231 -16.05 23.26 -9.99
C ASN A 231 -15.36 21.90 -9.95
N ARG A 232 -16.00 20.93 -9.28
CA ARG A 232 -15.44 19.60 -9.20
C ARG A 232 -15.36 18.99 -10.60
N LEU A 233 -16.48 19.05 -11.32
CA LEU A 233 -16.54 18.51 -12.68
C LEU A 233 -15.51 19.17 -13.58
N VAL A 234 -15.34 20.49 -13.43
CA VAL A 234 -14.36 21.20 -14.24
C VAL A 234 -12.96 20.76 -13.84
N ALA A 235 -12.75 20.55 -12.55
CA ALA A 235 -11.45 20.10 -12.05
C ALA A 235 -11.09 18.74 -12.66
N ILE A 236 -12.09 17.88 -12.77
CA ILE A 236 -11.88 16.57 -13.34
C ILE A 236 -11.42 16.69 -14.79
N ARG A 237 -12.16 17.48 -15.57
CA ARG A 237 -11.82 17.67 -16.99
C ARG A 237 -10.46 18.31 -17.17
N ALA A 238 -10.15 19.31 -16.34
CA ALA A 238 -8.88 19.99 -16.41
C ALA A 238 -7.73 19.01 -16.19
N GLN A 239 -7.86 18.17 -15.17
CA GLN A 239 -6.82 17.18 -14.89
C GLN A 239 -6.70 16.16 -16.03
N ALA A 240 -7.83 15.78 -16.62
CA ALA A 240 -7.80 14.83 -17.72
C ALA A 240 -7.10 15.49 -18.90
N ASP A 241 -7.42 16.76 -19.12
CA ASP A 241 -6.81 17.52 -20.22
C ASP A 241 -5.31 17.64 -20.04
N ILE A 242 -4.88 17.96 -18.81
CA ILE A 242 -3.47 18.07 -18.51
C ILE A 242 -2.78 16.76 -18.84
N MET A 243 -3.44 15.65 -18.54
CA MET A 243 -2.86 14.33 -18.80
C MET A 243 -3.10 13.82 -20.22
N GLY A 244 -3.87 14.60 -20.99
CA GLY A 244 -4.17 14.27 -22.37
C GLY A 244 -5.06 13.06 -22.61
N VAL A 245 -6.02 12.81 -21.73
CA VAL A 245 -6.90 11.65 -21.91
C VAL A 245 -8.38 12.01 -22.03
N ASP A 246 -9.17 11.06 -22.55
CA ASP A 246 -10.60 11.25 -22.77
C ASP A 246 -11.52 10.76 -21.64
N LEU A 247 -10.99 10.68 -20.42
CA LEU A 247 -11.76 10.20 -19.27
C LEU A 247 -13.21 10.71 -19.23
N LEU A 248 -14.19 9.82 -19.12
CA LEU A 248 -15.57 10.28 -19.03
C LEU A 248 -15.87 10.78 -17.62
N ALA A 249 -16.59 11.89 -17.53
CA ALA A 249 -16.97 12.49 -16.25
C ALA A 249 -18.47 12.36 -16.07
N ILE A 250 -18.89 11.56 -15.10
CA ILE A 250 -20.31 11.35 -14.84
C ILE A 250 -20.73 12.12 -13.59
N ALA A 251 -21.75 12.97 -13.72
CA ALA A 251 -22.24 13.76 -12.60
C ALA A 251 -23.43 13.09 -11.94
N ARG A 252 -23.38 12.97 -10.63
CA ARG A 252 -24.47 12.38 -9.88
C ARG A 252 -25.05 13.44 -8.94
N THR A 253 -26.38 13.56 -8.92
CA THR A 253 -27.02 14.49 -8.03
C THR A 253 -27.86 13.74 -7.01
N ASP A 254 -27.78 14.17 -5.76
CA ASP A 254 -28.52 13.56 -4.68
C ASP A 254 -29.66 14.46 -4.22
N ALA A 255 -30.02 15.43 -5.07
CA ALA A 255 -31.06 16.39 -4.76
C ALA A 255 -32.48 15.83 -4.66
N GLU A 256 -32.72 14.65 -5.23
CA GLU A 256 -34.07 14.09 -5.20
C GLU A 256 -34.56 13.92 -3.76
N ALA A 257 -33.70 13.42 -2.88
CA ALA A 257 -34.07 13.19 -1.48
C ALA A 257 -33.32 14.02 -0.43
N ALA A 258 -32.30 14.76 -0.85
CA ALA A 258 -31.53 15.58 0.10
C ALA A 258 -32.40 16.56 0.87
N THR A 259 -32.08 16.76 2.14
CA THR A 259 -32.84 17.68 2.99
C THR A 259 -32.02 18.89 3.44
N LEU A 260 -30.71 18.82 3.28
CA LEU A 260 -29.83 19.91 3.71
C LEU A 260 -28.87 20.36 2.61
N ILE A 261 -28.35 21.58 2.77
CA ILE A 261 -27.37 22.15 1.86
C ILE A 261 -26.43 22.95 2.75
N THR A 262 -25.13 22.91 2.44
CA THR A 262 -24.12 23.59 3.23
C THR A 262 -24.21 25.12 3.25
N THR A 263 -24.60 25.73 2.15
CA THR A 263 -24.68 27.17 2.10
C THR A 263 -25.74 27.67 1.13
N SER A 264 -26.13 28.93 1.30
CA SER A 264 -27.14 29.58 0.48
C SER A 264 -26.53 30.61 -0.46
N ILE A 265 -25.21 30.54 -0.66
CA ILE A 265 -24.54 31.51 -1.51
C ILE A 265 -24.84 31.46 -3.02
N ASP A 266 -25.24 30.30 -3.54
CA ASP A 266 -25.52 30.17 -4.97
C ASP A 266 -26.96 30.50 -5.34
N PRO A 267 -27.17 31.63 -6.06
CA PRO A 267 -28.53 32.02 -6.46
C PRO A 267 -29.36 30.94 -7.13
N ARG A 268 -28.70 29.97 -7.76
CA ARG A 268 -29.45 28.88 -8.42
C ARG A 268 -30.10 27.97 -7.38
N ASP A 269 -29.58 28.00 -6.16
CA ASP A 269 -30.14 27.17 -5.09
C ASP A 269 -31.26 27.88 -4.31
N HIS A 270 -31.42 29.18 -4.52
CA HIS A 270 -32.43 29.94 -3.76
C HIS A 270 -33.88 29.50 -3.91
N ALA A 271 -34.25 29.02 -5.09
CA ALA A 271 -35.63 28.59 -5.32
C ALA A 271 -36.01 27.40 -4.47
N PHE A 272 -35.02 26.72 -3.91
CA PHE A 272 -35.29 25.52 -3.12
C PHE A 272 -34.98 25.60 -1.62
N ILE A 273 -34.22 26.60 -1.21
CA ILE A 273 -33.89 26.74 0.21
C ILE A 273 -35.12 27.09 1.05
N LEU A 274 -35.33 26.33 2.10
CA LEU A 274 -36.47 26.54 3.00
C LEU A 274 -36.25 27.64 4.03
N GLY A 275 -37.23 28.53 4.14
CA GLY A 275 -37.16 29.61 5.10
C GLY A 275 -38.32 29.62 6.07
N CYS A 276 -38.08 30.13 7.27
CA CYS A 276 -39.13 30.23 8.29
C CYS A 276 -40.02 31.43 7.96
N THR A 277 -41.34 31.25 8.06
CA THR A 277 -42.27 32.34 7.76
C THR A 277 -43.07 32.81 8.97
N ASN A 278 -42.59 32.49 10.17
CA ASN A 278 -43.25 32.92 11.40
C ASN A 278 -42.31 33.91 12.06
N PRO A 279 -42.64 35.21 11.97
CA PRO A 279 -41.83 36.27 12.56
C PRO A 279 -41.74 36.28 14.09
N SER A 280 -42.52 35.42 14.74
CA SER A 280 -42.53 35.38 16.21
C SER A 280 -41.50 34.42 16.79
N LEU A 281 -40.94 33.54 15.96
CA LEU A 281 -39.96 32.58 16.44
C LEU A 281 -38.54 33.14 16.51
N GLN A 282 -37.73 32.55 17.37
CA GLN A 282 -36.34 32.95 17.50
C GLN A 282 -35.57 31.86 16.75
N PRO A 283 -34.37 32.18 16.25
CA PRO A 283 -33.57 31.19 15.52
C PRO A 283 -33.44 29.85 16.25
N LEU A 284 -33.59 28.77 15.51
CA LEU A 284 -33.51 27.42 16.07
C LEU A 284 -32.22 27.21 16.86
N ALA A 285 -31.14 27.86 16.43
CA ALA A 285 -29.85 27.74 17.09
C ALA A 285 -29.90 28.26 18.52
N ASP A 286 -30.44 29.46 18.70
CA ASP A 286 -30.54 30.06 20.02
C ASP A 286 -31.46 29.23 20.93
N LEU A 287 -32.58 28.77 20.38
CA LEU A 287 -33.52 27.97 21.15
C LEU A 287 -32.82 26.73 21.70
N MET A 288 -32.29 25.90 20.81
CA MET A 288 -31.59 24.67 21.20
C MET A 288 -30.47 24.94 22.20
N ASN A 289 -29.70 26.00 21.97
CA ASN A 289 -28.62 26.35 22.89
C ASN A 289 -29.23 26.56 24.27
N THR A 290 -30.02 27.63 24.39
CA THR A 290 -30.68 27.96 25.65
C THR A 290 -31.24 26.68 26.27
N ALA A 291 -31.84 25.85 25.44
CA ALA A 291 -32.44 24.59 25.88
C ALA A 291 -31.44 23.63 26.51
N GLU A 292 -30.34 23.37 25.81
CA GLU A 292 -29.33 22.46 26.34
C GLU A 292 -28.54 23.03 27.50
N GLN A 293 -28.45 24.35 27.58
CA GLN A 293 -27.72 25.00 28.68
C GLN A 293 -28.52 24.86 29.96
N SER A 294 -29.29 23.77 30.05
CA SER A 294 -30.12 23.50 31.20
C SER A 294 -30.68 22.07 31.13
N GLY A 295 -29.77 21.10 31.06
CA GLY A 295 -30.19 19.71 30.98
C GLY A 295 -31.03 19.46 29.75
N LYS A 296 -32.09 18.67 29.91
CA LYS A 296 -32.98 18.35 28.81
C LYS A 296 -32.34 17.38 27.82
N THR A 297 -31.02 17.54 27.64
CA THR A 297 -30.25 16.72 26.72
C THR A 297 -30.83 15.31 26.53
N GLY A 298 -31.25 15.04 25.30
CA GLY A 298 -31.81 13.74 24.97
C GLY A 298 -32.94 13.89 23.97
N ASP A 299 -33.93 13.02 24.05
CA ASP A 299 -35.06 13.08 23.15
C ASP A 299 -35.86 14.37 23.38
N GLN A 300 -35.61 15.01 24.52
CA GLN A 300 -36.30 16.25 24.85
C GLN A 300 -35.87 17.34 23.87
N LEU A 301 -34.57 17.50 23.69
CA LEU A 301 -34.04 18.51 22.77
C LEU A 301 -34.53 18.20 21.36
N GLN A 302 -34.69 16.91 21.06
CA GLN A 302 -35.15 16.49 19.74
C GLN A 302 -36.54 17.06 19.50
N ALA A 303 -37.48 16.68 20.35
CA ALA A 303 -38.87 17.14 20.25
C ALA A 303 -38.96 18.65 20.20
N ILE A 304 -38.16 19.33 21.02
CA ILE A 304 -38.16 20.79 21.06
C ILE A 304 -37.90 21.37 19.68
N GLU A 305 -37.08 20.67 18.90
CA GLU A 305 -36.76 21.10 17.55
C GLU A 305 -37.91 20.83 16.59
N ASP A 306 -38.56 19.68 16.75
CA ASP A 306 -39.67 19.33 15.88
C ASP A 306 -40.76 20.39 15.98
N GLU A 307 -41.04 20.84 17.20
CA GLU A 307 -42.06 21.86 17.43
C GLU A 307 -41.71 23.19 16.77
N TRP A 308 -40.46 23.63 16.96
CA TRP A 308 -40.00 24.87 16.35
C TRP A 308 -40.25 24.75 14.85
N MET A 309 -39.65 23.72 14.27
CA MET A 309 -39.78 23.44 12.84
C MET A 309 -41.25 23.52 12.43
N ALA A 310 -42.14 23.05 13.29
CA ALA A 310 -43.57 23.06 13.00
C ALA A 310 -44.10 24.49 13.02
N LYS A 311 -43.67 25.26 14.02
CA LYS A 311 -44.10 26.63 14.15
C LYS A 311 -43.50 27.49 13.04
N ALA A 312 -42.29 27.17 12.62
CA ALA A 312 -41.59 27.91 11.58
C ALA A 312 -42.36 27.95 10.26
N ASN A 313 -43.16 26.91 10.00
CA ASN A 313 -43.93 26.85 8.78
C ASN A 313 -43.03 27.12 7.56
N LEU A 314 -42.05 26.24 7.37
CA LEU A 314 -41.07 26.34 6.29
C LEU A 314 -41.67 26.19 4.90
N LYS A 315 -41.19 27.01 3.98
CA LYS A 315 -41.68 26.96 2.61
C LYS A 315 -40.57 27.37 1.64
N ARG A 316 -40.74 27.01 0.38
CA ARG A 316 -39.80 27.44 -0.64
C ARG A 316 -40.25 28.88 -0.79
N PHE A 317 -39.38 29.78 -1.22
CA PHE A 317 -39.77 31.18 -1.35
C PHE A 317 -40.97 31.45 -2.26
N ASP A 318 -41.00 30.83 -3.44
CA ASP A 318 -42.11 31.07 -4.37
C ASP A 318 -43.46 30.77 -3.71
N ASP A 319 -43.52 29.70 -2.94
CA ASP A 319 -44.76 29.33 -2.27
C ASP A 319 -45.10 30.33 -1.18
N ALA A 320 -44.08 30.83 -0.49
CA ALA A 320 -44.30 31.82 0.55
C ALA A 320 -44.90 33.05 -0.11
N VAL A 321 -44.37 33.42 -1.27
CA VAL A 321 -44.86 34.58 -2.02
C VAL A 321 -46.30 34.38 -2.43
N VAL A 322 -46.59 33.22 -3.02
CA VAL A 322 -47.94 32.94 -3.45
C VAL A 322 -48.92 32.92 -2.29
N ASP A 323 -48.48 32.42 -1.13
CA ASP A 323 -49.36 32.38 0.05
C ASP A 323 -49.75 33.77 0.52
N VAL A 324 -48.83 34.73 0.39
CA VAL A 324 -49.12 36.11 0.78
C VAL A 324 -50.05 36.75 -0.25
N ILE A 325 -49.84 36.41 -1.52
CA ILE A 325 -50.67 36.96 -2.57
C ILE A 325 -52.13 36.55 -2.39
N ASN A 326 -52.35 35.29 -2.05
CA ASN A 326 -53.72 34.79 -1.88
C ASN A 326 -54.37 35.18 -0.54
N SER A 327 -53.68 36.00 0.24
CA SER A 327 -54.22 36.46 1.52
C SER A 327 -54.02 37.96 1.71
N SER A 328 -53.92 38.69 0.59
CA SER A 328 -53.75 40.13 0.61
C SER A 328 -54.91 40.78 -0.13
N SER A 329 -55.88 41.28 0.63
CA SER A 329 -57.05 41.93 0.05
C SER A 329 -56.70 43.11 -0.84
N SER A 330 -55.54 43.69 -0.64
CA SER A 330 -55.12 44.84 -1.44
C SER A 330 -54.77 44.45 -2.88
N ILE A 331 -54.77 43.15 -3.16
CA ILE A 331 -54.44 42.67 -4.51
C ILE A 331 -55.71 42.35 -5.28
N ARG A 332 -55.99 43.15 -6.29
CA ARG A 332 -57.20 42.97 -7.08
C ARG A 332 -57.16 41.77 -8.01
N ASN A 333 -56.00 41.49 -8.57
CA ASN A 333 -55.86 40.36 -9.49
C ASN A 333 -54.81 39.38 -8.95
N PRO A 334 -55.19 38.60 -7.92
CA PRO A 334 -54.31 37.61 -7.30
C PRO A 334 -53.82 36.51 -8.23
N LYS A 335 -54.72 35.99 -9.05
CA LYS A 335 -54.35 34.93 -9.99
C LYS A 335 -53.37 35.45 -11.03
N ASP A 336 -53.61 36.66 -11.51
CA ASP A 336 -52.73 37.26 -12.50
C ASP A 336 -51.39 37.60 -11.86
N VAL A 337 -51.43 38.15 -10.65
CA VAL A 337 -50.20 38.52 -9.95
C VAL A 337 -49.32 37.29 -9.68
N ALA A 338 -49.93 36.23 -9.17
CA ALA A 338 -49.19 35.00 -8.88
C ALA A 338 -48.51 34.46 -10.15
N ALA A 339 -49.30 34.22 -11.19
CA ALA A 339 -48.75 33.68 -12.44
C ALA A 339 -47.58 34.52 -12.95
N LYS A 340 -47.75 35.83 -12.96
CA LYS A 340 -46.70 36.73 -13.43
C LYS A 340 -45.46 36.68 -12.54
N TYR A 341 -45.69 36.55 -11.23
CA TYR A 341 -44.57 36.46 -10.30
C TYR A 341 -43.77 35.19 -10.56
N LEU A 342 -44.46 34.07 -10.65
CA LEU A 342 -43.84 32.76 -10.90
C LEU A 342 -43.05 32.71 -12.21
N GLN A 343 -43.65 33.24 -13.27
CA GLN A 343 -43.03 33.26 -14.59
C GLN A 343 -41.70 34.01 -14.61
N ALA A 344 -41.70 35.21 -14.02
CA ALA A 344 -40.50 36.04 -13.98
C ALA A 344 -39.44 35.63 -12.97
N ALA A 345 -39.86 35.22 -11.77
CA ALA A 345 -38.91 34.82 -10.72
C ALA A 345 -38.31 33.43 -10.94
N LYS A 346 -38.81 32.72 -11.94
CA LYS A 346 -38.32 31.37 -12.22
C LYS A 346 -36.80 31.37 -12.44
N GLY A 347 -36.08 30.67 -11.55
CA GLY A 347 -34.64 30.59 -11.67
C GLY A 347 -33.87 31.81 -11.19
N LYS A 348 -34.56 32.74 -10.54
CA LYS A 348 -33.92 33.96 -10.04
C LYS A 348 -33.50 33.86 -8.59
N SER A 349 -32.57 34.73 -8.18
CA SER A 349 -32.10 34.74 -6.80
C SER A 349 -33.20 35.31 -5.91
N ASN A 350 -33.05 35.14 -4.61
CA ASN A 350 -34.07 35.66 -3.69
C ASN A 350 -34.23 37.16 -3.83
N ARG A 351 -33.12 37.88 -3.91
CA ARG A 351 -33.19 39.33 -4.06
C ARG A 351 -33.95 39.71 -5.33
N GLU A 352 -33.66 39.04 -6.44
CA GLU A 352 -34.35 39.33 -7.70
C GLU A 352 -35.83 38.97 -7.58
N ALA A 353 -36.10 37.83 -6.94
CA ALA A 353 -37.47 37.37 -6.74
C ALA A 353 -38.25 38.36 -5.88
N ARG A 354 -37.60 38.92 -4.86
CA ARG A 354 -38.26 39.89 -4.00
C ARG A 354 -38.53 41.18 -4.75
N ALA A 355 -37.62 41.54 -5.64
CA ALA A 355 -37.79 42.76 -6.42
C ALA A 355 -38.97 42.58 -7.37
N ILE A 356 -39.13 41.36 -7.86
CA ILE A 356 -40.23 41.05 -8.78
C ILE A 356 -41.59 41.10 -8.06
N ALA A 357 -41.68 40.43 -6.92
CA ALA A 357 -42.92 40.42 -6.15
C ALA A 357 -43.27 41.85 -5.77
N SER A 358 -42.24 42.64 -5.50
CA SER A 358 -42.43 44.03 -5.11
C SER A 358 -43.06 44.78 -6.29
N SER A 359 -42.42 44.69 -7.46
CA SER A 359 -42.92 45.37 -8.65
C SER A 359 -44.37 45.03 -8.97
N LEU A 360 -44.82 43.86 -8.49
CA LEU A 360 -46.17 43.41 -8.74
C LEU A 360 -47.16 43.80 -7.64
N GLY A 361 -46.70 44.64 -6.72
CA GLY A 361 -47.56 45.10 -5.64
C GLY A 361 -47.79 44.10 -4.53
N VAL A 362 -46.84 43.19 -4.31
CA VAL A 362 -46.99 42.21 -3.24
C VAL A 362 -46.41 42.77 -1.96
N PRO A 363 -47.11 42.61 -0.83
CA PRO A 363 -46.63 43.11 0.45
C PRO A 363 -45.33 42.43 0.89
N GLU A 364 -44.60 43.08 1.77
CA GLU A 364 -43.33 42.55 2.30
C GLU A 364 -43.49 41.07 2.68
N ILE A 365 -42.60 40.23 2.17
CA ILE A 365 -42.65 38.80 2.47
C ILE A 365 -41.70 38.44 3.62
N PHE A 366 -42.24 37.90 4.71
CA PHE A 366 -41.36 37.51 5.81
C PHE A 366 -40.85 36.12 5.48
N PHE A 367 -39.56 36.05 5.17
CA PHE A 367 -38.93 34.78 4.80
C PHE A 367 -37.51 34.79 5.34
N ASP A 368 -37.20 33.83 6.22
CA ASP A 368 -35.89 33.73 6.85
C ASP A 368 -35.32 32.31 6.77
N TRP A 369 -34.37 32.07 5.88
CA TRP A 369 -33.81 30.73 5.77
C TRP A 369 -32.56 30.56 6.62
N ASP A 370 -32.21 31.59 7.38
CA ASP A 370 -31.06 31.52 8.26
C ASP A 370 -31.44 30.94 9.62
N SER A 371 -32.61 31.32 10.11
CA SER A 371 -33.06 30.85 11.41
C SER A 371 -33.22 29.35 11.54
N PRO A 372 -33.57 28.64 10.45
CA PRO A 372 -33.73 27.18 10.54
C PRO A 372 -32.43 26.36 10.43
N ARG A 373 -31.28 27.02 10.39
CA ARG A 373 -30.02 26.30 10.25
C ARG A 373 -29.71 25.34 11.39
N THR A 374 -29.17 24.18 11.02
CA THR A 374 -28.81 23.14 11.98
C THR A 374 -27.62 23.61 12.82
N ARG A 375 -27.32 22.89 13.89
CA ARG A 375 -26.21 23.27 14.75
C ARG A 375 -24.88 23.31 13.99
N GLU A 376 -24.81 22.61 12.87
CA GLU A 376 -23.58 22.58 12.08
C GLU A 376 -23.56 23.78 11.13
N GLY A 377 -24.66 24.51 11.09
CA GLY A 377 -24.73 25.68 10.22
C GLY A 377 -25.38 25.41 8.87
N TYR A 378 -25.90 24.20 8.69
CA TYR A 378 -26.54 23.80 7.42
C TYR A 378 -27.93 24.38 7.22
N PHE A 379 -28.26 24.74 5.98
CA PHE A 379 -29.56 25.29 5.66
C PHE A 379 -30.53 24.17 5.26
N ARG A 380 -31.83 24.38 5.45
CA ARG A 380 -32.82 23.36 5.07
C ARG A 380 -33.18 23.58 3.61
N ILE A 381 -33.56 22.51 2.92
CA ILE A 381 -33.95 22.60 1.52
C ILE A 381 -34.94 21.52 1.18
N LYS A 382 -35.87 21.86 0.29
CA LYS A 382 -36.86 20.90 -0.17
C LYS A 382 -36.44 20.54 -1.58
N GLY A 383 -35.83 19.38 -1.73
CA GLY A 383 -35.39 18.93 -3.04
C GLY A 383 -36.52 18.24 -3.78
N GLY A 384 -36.20 17.16 -4.47
CA GLY A 384 -37.19 16.43 -5.23
C GLY A 384 -36.76 16.36 -6.68
N CYS A 385 -37.58 15.74 -7.53
CA CYS A 385 -37.18 15.64 -8.93
C CYS A 385 -36.95 16.99 -9.58
N ASP A 386 -37.80 17.97 -9.25
CA ASP A 386 -37.65 19.29 -9.85
C ASP A 386 -36.31 19.93 -9.47
N CYS A 387 -35.90 19.78 -8.21
CA CYS A 387 -34.62 20.33 -7.76
C CYS A 387 -33.48 19.62 -8.47
N ALA A 388 -33.59 18.30 -8.59
CA ALA A 388 -32.57 17.49 -9.24
C ALA A 388 -32.47 17.83 -10.72
N ILE A 389 -33.61 18.06 -11.37
CA ILE A 389 -33.60 18.39 -12.80
C ILE A 389 -32.85 19.72 -12.97
N ASN A 390 -33.15 20.67 -12.10
CA ASN A 390 -32.49 21.96 -12.14
C ASN A 390 -30.98 21.79 -12.03
N ARG A 391 -30.54 20.93 -11.10
CA ARG A 391 -29.10 20.71 -10.94
C ARG A 391 -28.48 20.01 -12.13
N ALA A 392 -29.17 19.00 -12.67
CA ALA A 392 -28.65 18.26 -13.82
C ALA A 392 -28.42 19.21 -14.98
N ILE A 393 -29.40 20.08 -15.24
CA ILE A 393 -29.30 21.06 -16.32
C ILE A 393 -28.07 21.94 -16.13
N ALA A 394 -27.82 22.35 -14.89
CA ALA A 394 -26.67 23.20 -14.59
C ALA A 394 -25.35 22.45 -14.70
N TYR A 395 -25.37 21.13 -14.51
CA TYR A 395 -24.15 20.31 -14.58
C TYR A 395 -23.84 19.78 -15.99
N ALA A 396 -24.88 19.55 -16.76
CA ALA A 396 -24.77 18.98 -18.11
C ALA A 396 -23.62 19.40 -19.03
N PRO A 397 -23.32 20.71 -19.11
CA PRO A 397 -22.21 21.07 -20.01
C PRO A 397 -20.86 20.52 -19.57
N TYR A 398 -20.77 20.16 -18.29
CA TYR A 398 -19.53 19.65 -17.71
C TYR A 398 -19.60 18.17 -17.33
N ALA A 399 -20.58 17.46 -17.87
CA ALA A 399 -20.75 16.04 -17.56
C ALA A 399 -21.08 15.24 -18.80
N ASP A 400 -20.41 14.10 -18.97
CA ASP A 400 -20.64 13.24 -20.13
C ASP A 400 -21.90 12.41 -19.97
N ALA A 401 -22.32 12.21 -18.72
CA ALA A 401 -23.53 11.46 -18.40
C ALA A 401 -24.06 11.97 -17.05
N ILE A 402 -25.38 11.98 -16.88
CA ILE A 402 -25.95 12.46 -15.62
C ILE A 402 -26.77 11.38 -14.94
N TRP A 403 -26.66 11.34 -13.62
CA TRP A 403 -27.32 10.35 -12.79
C TRP A 403 -28.06 11.00 -11.60
N MET A 404 -29.34 10.66 -11.46
CA MET A 404 -30.13 11.16 -10.34
C MET A 404 -30.59 10.01 -9.46
N GLU A 405 -30.11 9.97 -8.22
CA GLU A 405 -30.52 8.91 -7.30
C GLU A 405 -32.02 9.05 -7.08
N SER A 406 -32.69 7.93 -6.83
CA SER A 406 -34.13 7.94 -6.60
C SER A 406 -34.47 7.04 -5.42
N LYS A 407 -35.66 7.22 -4.87
CA LYS A 407 -36.10 6.45 -3.72
C LYS A 407 -36.69 5.10 -4.11
N LEU A 408 -37.08 4.94 -5.37
CA LEU A 408 -37.70 3.69 -5.82
C LEU A 408 -37.49 3.55 -7.32
N PRO A 409 -37.58 2.31 -7.85
CA PRO A 409 -37.39 2.13 -9.29
C PRO A 409 -38.68 2.58 -9.96
N ASP A 410 -38.86 3.90 -10.03
CA ASP A 410 -40.05 4.52 -10.60
C ASP A 410 -39.87 5.01 -12.04
N TYR A 411 -40.45 4.27 -12.98
CA TYR A 411 -40.34 4.61 -14.39
C TYR A 411 -40.84 6.01 -14.71
N GLU A 412 -41.98 6.39 -14.13
CA GLU A 412 -42.54 7.71 -14.40
C GLU A 412 -41.61 8.84 -13.96
N GLN A 413 -41.01 8.71 -12.78
CA GLN A 413 -40.11 9.75 -12.32
C GLN A 413 -38.83 9.74 -13.15
N ALA A 414 -38.39 8.55 -13.56
CA ALA A 414 -37.19 8.44 -14.38
C ALA A 414 -37.45 9.13 -15.72
N LYS A 415 -38.67 9.00 -16.24
CA LYS A 415 -39.07 9.63 -17.49
C LYS A 415 -39.20 11.13 -17.28
N GLU A 416 -39.64 11.51 -16.08
CA GLU A 416 -39.81 12.91 -15.71
C GLU A 416 -38.44 13.59 -15.63
N PHE A 417 -37.49 12.89 -15.02
CA PHE A 417 -36.15 13.42 -14.88
C PHE A 417 -35.49 13.57 -16.25
N ALA A 418 -35.66 12.55 -17.10
CA ALA A 418 -35.07 12.58 -18.43
C ALA A 418 -35.63 13.71 -19.27
N GLU A 419 -36.95 13.87 -19.25
CA GLU A 419 -37.62 14.90 -20.04
C GLU A 419 -37.17 16.27 -19.57
N GLY A 420 -37.03 16.42 -18.25
CA GLY A 420 -36.61 17.69 -17.70
C GLY A 420 -35.26 18.07 -18.30
N VAL A 421 -34.33 17.12 -18.31
CA VAL A 421 -32.99 17.37 -18.84
C VAL A 421 -32.97 17.49 -20.35
N HIS A 422 -33.63 16.58 -21.06
CA HIS A 422 -33.63 16.61 -22.51
C HIS A 422 -34.36 17.82 -23.09
N ALA A 423 -35.20 18.47 -22.27
CA ALA A 423 -35.92 19.64 -22.74
C ALA A 423 -34.89 20.72 -23.07
N VAL A 424 -33.76 20.71 -22.37
CA VAL A 424 -32.71 21.68 -22.62
C VAL A 424 -31.56 21.10 -23.43
N TYR A 425 -31.16 19.87 -23.11
CA TYR A 425 -30.07 19.20 -23.82
C TYR A 425 -30.56 17.84 -24.28
N PRO A 426 -31.29 17.81 -25.40
CA PRO A 426 -31.84 16.56 -25.95
C PRO A 426 -30.88 15.41 -26.18
N GLU A 427 -29.57 15.68 -26.24
CA GLU A 427 -28.63 14.57 -26.45
C GLU A 427 -27.81 14.18 -25.22
N GLN A 428 -28.22 14.63 -24.05
CA GLN A 428 -27.50 14.32 -22.81
C GLN A 428 -27.66 12.85 -22.39
N LYS A 429 -26.56 12.11 -22.35
CA LYS A 429 -26.64 10.72 -21.94
C LYS A 429 -27.00 10.69 -20.44
N LEU A 430 -27.73 9.67 -20.01
CA LEU A 430 -28.12 9.55 -18.60
C LEU A 430 -27.67 8.19 -18.09
N ALA A 431 -27.53 8.08 -16.78
CA ALA A 431 -27.12 6.83 -16.14
C ALA A 431 -28.10 6.52 -15.03
N TYR A 432 -28.32 5.23 -14.76
CA TYR A 432 -29.29 4.85 -13.73
C TYR A 432 -28.82 3.76 -12.77
N ASN A 433 -29.09 3.98 -11.49
CA ASN A 433 -28.73 3.05 -10.43
C ASN A 433 -29.83 2.02 -10.19
N LEU A 434 -29.65 0.81 -10.71
CA LEU A 434 -30.62 -0.27 -10.52
C LEU A 434 -30.32 -0.76 -9.10
N SER A 435 -30.66 0.07 -8.12
CA SER A 435 -30.34 -0.24 -6.73
C SER A 435 -30.86 -1.50 -6.08
N PRO A 436 -29.96 -2.25 -5.42
CA PRO A 436 -30.34 -3.48 -4.74
C PRO A 436 -30.95 -3.10 -3.38
N SER A 437 -31.05 -1.80 -3.12
CA SER A 437 -31.65 -1.34 -1.88
C SER A 437 -33.16 -1.33 -2.11
N PHE A 438 -33.56 -1.46 -3.38
CA PHE A 438 -34.96 -1.51 -3.71
C PHE A 438 -35.42 -2.94 -3.53
N ASN A 439 -36.66 -3.12 -3.10
CA ASN A 439 -37.21 -4.46 -2.95
C ASN A 439 -37.84 -4.71 -4.31
N TRP A 440 -37.15 -5.45 -5.17
CA TRP A 440 -37.66 -5.70 -6.50
C TRP A 440 -38.92 -6.54 -6.59
N LYS A 441 -39.02 -7.58 -5.77
CA LYS A 441 -40.20 -8.43 -5.79
C LYS A 441 -41.43 -7.60 -5.47
N THR A 442 -41.24 -6.65 -4.56
CA THR A 442 -42.27 -5.75 -4.09
C THR A 442 -42.50 -4.54 -5.02
N ALA A 443 -41.51 -4.22 -5.83
CA ALA A 443 -41.61 -3.09 -6.74
C ALA A 443 -42.39 -3.37 -8.03
N MET A 444 -42.11 -4.48 -8.69
CA MET A 444 -42.80 -4.80 -9.94
C MET A 444 -42.74 -6.28 -10.25
N PRO A 445 -43.78 -6.81 -10.93
CA PRO A 445 -43.81 -8.23 -11.28
C PRO A 445 -42.60 -8.59 -12.14
N ARG A 446 -42.27 -9.87 -12.15
CA ARG A 446 -41.12 -10.37 -12.89
C ARG A 446 -41.06 -10.02 -14.38
N ASP A 447 -42.20 -10.04 -15.07
CA ASP A 447 -42.15 -9.71 -16.48
C ASP A 447 -41.75 -8.25 -16.65
N GLU A 448 -42.21 -7.40 -15.75
CA GLU A 448 -41.84 -5.98 -15.80
C GLU A 448 -40.42 -5.77 -15.33
N GLN A 449 -39.95 -6.63 -14.42
CA GLN A 449 -38.58 -6.52 -13.94
C GLN A 449 -37.64 -6.75 -15.12
N GLU A 450 -38.05 -7.63 -16.03
CA GLU A 450 -37.24 -7.96 -17.20
C GLU A 450 -37.25 -6.92 -18.31
N THR A 451 -38.24 -6.04 -18.31
CA THR A 451 -38.32 -4.99 -19.34
C THR A 451 -37.77 -3.66 -18.83
N TYR A 452 -37.69 -3.52 -17.51
CA TYR A 452 -37.23 -2.29 -16.89
C TYR A 452 -35.99 -1.63 -17.52
N ILE A 453 -34.89 -2.37 -17.61
CA ILE A 453 -33.69 -1.79 -18.20
C ILE A 453 -34.00 -1.24 -19.62
N ARG A 454 -34.75 -1.98 -20.42
CA ARG A 454 -35.08 -1.54 -21.78
C ARG A 454 -35.97 -0.29 -21.77
N ARG A 455 -36.94 -0.26 -20.87
CA ARG A 455 -37.81 0.90 -20.75
C ARG A 455 -36.95 2.12 -20.44
N LEU A 456 -36.05 1.98 -19.45
CA LEU A 456 -35.18 3.09 -19.08
C LEU A 456 -34.24 3.47 -20.22
N ALA A 457 -33.83 2.48 -21.00
CA ALA A 457 -32.94 2.75 -22.12
C ALA A 457 -33.63 3.63 -23.14
N GLY A 458 -34.92 3.39 -23.35
CA GLY A 458 -35.65 4.19 -24.30
C GLY A 458 -35.66 5.66 -23.93
N LEU A 459 -35.44 5.95 -22.65
CA LEU A 459 -35.44 7.32 -22.15
C LEU A 459 -34.07 7.98 -22.25
N GLY A 460 -33.05 7.20 -22.57
CA GLY A 460 -31.72 7.78 -22.66
C GLY A 460 -30.76 7.32 -21.57
N TYR A 461 -31.22 6.49 -20.65
CA TYR A 461 -30.35 5.96 -19.60
C TYR A 461 -29.55 4.89 -20.34
N CYS A 462 -28.47 5.31 -20.98
CA CYS A 462 -27.63 4.43 -21.80
C CYS A 462 -26.66 3.55 -21.03
N TRP A 463 -26.48 3.82 -19.74
CA TRP A 463 -25.60 3.01 -18.89
C TRP A 463 -26.29 2.85 -17.55
N GLN A 464 -26.48 1.60 -17.14
CA GLN A 464 -27.16 1.29 -15.87
C GLN A 464 -26.35 0.26 -15.07
N PHE A 465 -26.52 0.27 -13.76
CA PHE A 465 -25.77 -0.63 -12.91
C PHE A 465 -26.42 -0.97 -11.58
N ILE A 466 -26.19 -2.20 -11.12
CA ILE A 466 -26.68 -2.61 -9.81
C ILE A 466 -25.46 -2.42 -8.93
N THR A 467 -25.45 -1.31 -8.22
CA THR A 467 -24.34 -0.94 -7.35
C THR A 467 -23.65 -2.04 -6.53
N LEU A 468 -24.42 -2.76 -5.71
CA LEU A 468 -23.85 -3.77 -4.84
C LEU A 468 -24.14 -5.21 -5.16
N ALA A 469 -24.34 -5.53 -6.44
CA ALA A 469 -24.63 -6.90 -6.85
C ALA A 469 -23.47 -7.84 -6.48
N GLY A 470 -22.25 -7.35 -6.56
CA GLY A 470 -21.10 -8.19 -6.23
C GLY A 470 -21.15 -8.63 -4.78
N LEU A 471 -21.40 -7.67 -3.90
CA LEU A 471 -21.48 -7.95 -2.47
C LEU A 471 -22.50 -9.05 -2.23
N HIS A 472 -23.75 -8.80 -2.65
CA HIS A 472 -24.83 -9.75 -2.46
C HIS A 472 -24.62 -11.11 -3.11
N THR A 473 -24.17 -11.18 -4.36
CA THR A 473 -23.96 -12.50 -4.95
C THR A 473 -22.95 -13.28 -4.14
N THR A 474 -21.86 -12.60 -3.75
CA THR A 474 -20.81 -13.24 -2.97
C THR A 474 -21.30 -13.69 -1.60
N ALA A 475 -22.13 -12.86 -0.97
CA ALA A 475 -22.66 -13.17 0.35
C ALA A 475 -23.56 -14.40 0.28
N LEU A 476 -24.41 -14.45 -0.74
CA LEU A 476 -25.36 -15.54 -0.93
C LEU A 476 -24.67 -16.90 -1.06
N ILE A 477 -23.83 -17.05 -2.08
CA ILE A 477 -23.13 -18.32 -2.29
C ILE A 477 -22.25 -18.68 -1.09
N SER A 478 -21.70 -17.68 -0.42
CA SER A 478 -20.86 -17.94 0.73
C SER A 478 -21.69 -18.48 1.90
N ASP A 479 -22.83 -17.86 2.15
CA ASP A 479 -23.69 -18.32 3.23
C ASP A 479 -24.22 -19.73 2.93
N ARG A 480 -24.68 -19.93 1.70
CA ARG A 480 -25.21 -21.22 1.29
C ARG A 480 -24.17 -22.33 1.33
N PHE A 481 -23.00 -22.09 0.75
CA PHE A 481 -21.99 -23.13 0.75
C PHE A 481 -21.42 -23.40 2.12
N ALA A 482 -21.10 -22.35 2.86
CA ALA A 482 -20.53 -22.51 4.19
C ALA A 482 -21.49 -23.32 5.06
N ARG A 483 -22.77 -23.02 4.97
CA ARG A 483 -23.77 -23.75 5.75
C ARG A 483 -23.78 -25.22 5.39
N ALA A 484 -24.01 -25.52 4.11
CA ALA A 484 -24.06 -26.90 3.63
C ALA A 484 -22.76 -27.63 3.89
N TYR A 485 -21.63 -26.94 3.66
CA TYR A 485 -20.32 -27.52 3.87
C TYR A 485 -20.18 -27.94 5.34
N SER A 486 -20.68 -27.11 6.26
CA SER A 486 -20.59 -27.46 7.68
C SER A 486 -21.61 -28.53 8.04
N GLU A 487 -22.52 -28.85 7.11
CA GLU A 487 -23.54 -29.86 7.37
C GLU A 487 -23.20 -31.24 6.77
N VAL A 488 -22.87 -31.27 5.49
CA VAL A 488 -22.54 -32.55 4.84
C VAL A 488 -21.13 -32.65 4.27
N GLY A 489 -20.21 -31.86 4.82
CA GLY A 489 -18.83 -31.92 4.35
C GLY A 489 -18.62 -31.80 2.85
N MET A 490 -17.79 -32.69 2.30
CA MET A 490 -17.49 -32.66 0.88
C MET A 490 -18.64 -32.87 -0.06
N ARG A 491 -19.72 -33.50 0.42
CA ARG A 491 -20.86 -33.73 -0.46
C ARG A 491 -21.35 -32.39 -1.00
N ALA A 492 -21.29 -31.37 -0.14
CA ALA A 492 -21.74 -30.03 -0.51
C ALA A 492 -20.84 -29.38 -1.56
N TYR A 493 -19.55 -29.66 -1.50
CA TYR A 493 -18.65 -29.05 -2.46
C TYR A 493 -18.92 -29.56 -3.87
N GLY A 494 -19.08 -30.88 -4.00
CA GLY A 494 -19.34 -31.45 -5.30
C GLY A 494 -20.72 -31.09 -5.80
N GLU A 495 -21.69 -31.13 -4.90
CA GLU A 495 -23.09 -30.84 -5.22
C GLU A 495 -23.39 -29.38 -5.56
N LEU A 496 -22.98 -28.48 -4.66
CA LEU A 496 -23.23 -27.05 -4.85
C LEU A 496 -22.18 -26.27 -5.64
N VAL A 497 -20.97 -26.78 -5.76
CA VAL A 497 -19.94 -26.02 -6.46
C VAL A 497 -19.30 -26.68 -7.69
N GLN A 498 -18.46 -27.69 -7.45
CA GLN A 498 -17.75 -28.36 -8.52
C GLN A 498 -18.59 -28.92 -9.66
N GLU A 499 -19.61 -29.72 -9.35
CA GLU A 499 -20.44 -30.27 -10.41
C GLU A 499 -21.14 -29.16 -11.21
N PRO A 500 -21.71 -28.16 -10.52
CA PRO A 500 -22.39 -27.08 -11.25
C PRO A 500 -21.40 -26.34 -12.18
N GLU A 501 -20.18 -26.13 -11.70
CA GLU A 501 -19.15 -25.46 -12.51
C GLU A 501 -18.94 -26.26 -13.79
N MET A 502 -18.84 -27.58 -13.63
CA MET A 502 -18.64 -28.48 -14.76
C MET A 502 -19.78 -28.34 -15.75
N GLU A 503 -21.01 -28.54 -15.27
CA GLU A 503 -22.21 -28.42 -16.11
C GLU A 503 -22.20 -27.11 -16.87
N LEU A 504 -22.02 -26.01 -16.15
CA LEU A 504 -22.00 -24.68 -16.74
C LEU A 504 -20.77 -24.38 -17.59
N GLY A 505 -19.78 -25.26 -17.57
CA GLY A 505 -18.59 -25.01 -18.36
C GLY A 505 -17.82 -23.78 -17.89
N VAL A 506 -17.79 -23.57 -16.58
CA VAL A 506 -17.08 -22.44 -15.98
C VAL A 506 -15.57 -22.67 -16.15
N ASP A 507 -14.89 -21.76 -16.83
CA ASP A 507 -13.46 -21.93 -17.05
C ASP A 507 -12.61 -22.07 -15.78
N VAL A 508 -13.02 -21.40 -14.71
CA VAL A 508 -12.30 -21.46 -13.44
C VAL A 508 -12.21 -22.87 -12.87
N VAL A 509 -13.19 -23.71 -13.15
CA VAL A 509 -13.16 -25.07 -12.60
C VAL A 509 -11.82 -25.78 -12.88
N LYS A 510 -11.15 -25.37 -13.97
CA LYS A 510 -9.83 -25.90 -14.30
C LYS A 510 -8.96 -24.73 -13.84
N HIS A 511 -8.94 -24.51 -12.53
CA HIS A 511 -8.23 -23.37 -11.96
C HIS A 511 -6.78 -23.19 -12.36
N GLN A 512 -6.04 -24.28 -12.53
CA GLN A 512 -4.65 -24.14 -12.89
C GLN A 512 -4.53 -23.43 -14.24
N LYS A 513 -5.22 -23.94 -15.24
CA LYS A 513 -5.17 -23.34 -16.57
C LYS A 513 -5.76 -21.92 -16.54
N TRP A 514 -6.87 -21.75 -15.83
CA TRP A 514 -7.50 -20.43 -15.72
C TRP A 514 -6.55 -19.39 -15.08
N SER A 515 -5.75 -19.84 -14.13
CA SER A 515 -4.84 -18.94 -13.43
C SER A 515 -3.67 -18.50 -14.29
N GLY A 516 -3.53 -19.09 -15.47
CA GLY A 516 -2.45 -18.74 -16.37
C GLY A 516 -1.19 -19.57 -16.15
N ALA A 517 -1.34 -20.79 -15.62
CA ALA A 517 -0.19 -21.66 -15.37
C ALA A 517 0.54 -22.06 -16.66
N THR A 518 -0.23 -22.26 -17.72
CA THR A 518 0.36 -22.63 -19.01
C THR A 518 1.10 -21.44 -19.59
N TYR A 519 0.47 -20.27 -19.51
CA TYR A 519 1.05 -19.03 -20.01
C TYR A 519 2.43 -18.75 -19.37
N VAL A 520 2.51 -18.80 -18.04
CA VAL A 520 3.78 -18.54 -17.39
C VAL A 520 4.82 -19.64 -17.66
N ASP A 521 4.36 -20.88 -17.78
CA ASP A 521 5.29 -21.96 -18.04
C ASP A 521 5.96 -21.76 -19.41
N GLU A 522 5.21 -21.23 -20.36
CA GLU A 522 5.75 -20.97 -21.69
C GLU A 522 6.70 -19.76 -21.64
N LEU A 523 6.39 -18.80 -20.77
CA LEU A 523 7.28 -17.65 -20.63
C LEU A 523 8.60 -18.21 -20.16
N GLN A 524 8.52 -19.07 -19.15
CA GLN A 524 9.70 -19.72 -18.58
C GLN A 524 10.56 -20.39 -19.64
N LYS A 525 9.95 -21.29 -20.41
CA LYS A 525 10.65 -22.02 -21.45
C LYS A 525 11.31 -21.08 -22.45
N MET A 526 10.60 -20.04 -22.84
CA MET A 526 11.14 -19.09 -23.79
C MET A 526 12.48 -18.54 -23.31
N VAL A 527 12.54 -18.18 -22.03
CA VAL A 527 13.77 -17.67 -21.45
C VAL A 527 14.71 -18.86 -21.22
N THR A 528 14.22 -20.04 -21.53
CA THR A 528 14.96 -21.30 -21.38
C THR A 528 14.98 -21.79 -19.95
N ASN B 5 18.70 18.37 30.16
CA ASN B 5 18.41 18.32 28.70
C ASN B 5 17.66 17.06 28.28
N MET B 6 17.85 16.66 27.02
CA MET B 6 17.15 15.50 26.47
C MET B 6 17.98 14.24 26.23
N VAL B 7 19.15 14.18 26.85
CA VAL B 7 20.03 13.01 26.70
C VAL B 7 19.81 12.01 27.82
N ASN B 8 19.49 10.77 27.44
CA ASN B 8 19.28 9.69 28.41
C ASN B 8 19.47 8.37 27.69
N PRO B 9 19.93 7.32 28.42
CA PRO B 9 20.13 6.01 27.80
C PRO B 9 18.83 5.25 27.64
N ALA B 10 18.85 4.21 26.81
CA ALA B 10 17.67 3.40 26.58
C ALA B 10 17.34 2.72 27.92
N VAL B 11 18.39 2.25 28.59
CA VAL B 11 18.26 1.60 29.87
C VAL B 11 19.47 1.96 30.74
N GLU B 12 19.24 2.19 32.03
CA GLU B 12 20.35 2.52 32.92
C GLU B 12 21.18 1.26 33.08
N PRO B 13 22.49 1.36 32.80
CA PRO B 13 23.39 0.20 32.91
C PRO B 13 23.17 -0.64 34.17
N SER B 14 23.01 0.03 35.31
CA SER B 14 22.82 -0.66 36.59
C SER B 14 21.71 -1.70 36.60
N MET B 15 20.68 -1.51 35.78
CA MET B 15 19.56 -2.46 35.73
C MET B 15 19.53 -3.43 34.56
N GLU B 16 20.45 -3.28 33.61
CA GLU B 16 20.46 -4.15 32.45
C GLU B 16 20.45 -5.65 32.79
N ASP B 17 21.38 -6.10 33.62
CA ASP B 17 21.43 -7.52 33.98
C ASP B 17 20.18 -8.01 34.70
N ASP B 18 19.68 -7.21 35.64
CA ASP B 18 18.48 -7.58 36.39
C ASP B 18 17.30 -7.83 35.45
N LEU B 19 17.04 -6.85 34.58
CA LEU B 19 15.93 -6.94 33.62
C LEU B 19 16.09 -8.14 32.70
N PHE B 20 17.33 -8.44 32.32
CA PHE B 20 17.60 -9.57 31.45
C PHE B 20 17.29 -10.91 32.12
N ALA B 21 17.74 -11.07 33.37
CA ALA B 21 17.50 -12.31 34.11
C ALA B 21 16.01 -12.51 34.35
N ARG B 22 15.35 -11.42 34.72
CA ARG B 22 13.92 -11.42 34.99
C ARG B 22 13.13 -11.83 33.74
N GLU B 23 13.52 -11.29 32.59
CA GLU B 23 12.86 -11.61 31.33
C GLU B 23 13.22 -13.04 30.95
N VAL B 24 14.47 -13.43 31.15
CA VAL B 24 14.87 -14.80 30.83
C VAL B 24 14.06 -15.81 31.63
N ALA B 25 13.82 -15.51 32.91
CA ALA B 25 13.05 -16.39 33.77
C ALA B 25 11.61 -16.49 33.26
N GLU B 26 11.07 -15.36 32.83
CA GLU B 26 9.71 -15.33 32.32
C GLU B 26 9.55 -16.21 31.08
N VAL B 27 10.54 -16.19 30.20
CA VAL B 27 10.46 -17.01 28.99
C VAL B 27 10.54 -18.50 29.34
N LYS B 28 11.49 -18.89 30.19
CA LYS B 28 11.61 -20.29 30.59
C LYS B 28 10.31 -20.77 31.25
N GLN B 29 9.67 -19.90 32.02
CA GLN B 29 8.40 -20.25 32.65
C GLN B 29 7.34 -20.40 31.56
N TRP B 30 7.34 -19.49 30.59
CA TRP B 30 6.39 -19.52 29.48
C TRP B 30 6.54 -20.82 28.69
N TRP B 31 7.78 -21.20 28.37
CA TRP B 31 8.04 -22.43 27.63
C TRP B 31 7.61 -23.70 28.37
N SER B 32 7.33 -23.57 29.68
CA SER B 32 6.89 -24.70 30.50
C SER B 32 5.42 -25.02 30.29
N ASP B 33 4.67 -24.06 29.76
CA ASP B 33 3.25 -24.27 29.53
C ASP B 33 3.02 -25.51 28.69
N PRO B 34 1.91 -26.23 28.94
CA PRO B 34 1.55 -27.45 28.23
C PRO B 34 1.49 -27.23 26.70
N ARG B 35 1.33 -25.99 26.31
CA ARG B 35 1.28 -25.62 24.90
C ARG B 35 2.52 -26.11 24.17
N TRP B 36 3.63 -26.19 24.90
CA TRP B 36 4.91 -26.60 24.31
C TRP B 36 5.41 -28.01 24.60
N ARG B 37 4.57 -28.87 25.16
CA ARG B 37 5.03 -30.22 25.49
C ARG B 37 5.54 -31.05 24.31
N TYR B 38 5.15 -30.67 23.09
CA TYR B 38 5.61 -31.40 21.91
C TYR B 38 6.62 -30.62 21.12
N THR B 39 6.98 -29.43 21.61
CA THR B 39 7.89 -28.55 20.88
C THR B 39 9.37 -28.63 21.23
N LYS B 40 10.18 -28.91 20.22
CA LYS B 40 11.62 -28.98 20.42
C LYS B 40 12.26 -27.64 20.02
N ARG B 41 12.88 -26.99 21.00
CA ARG B 41 13.54 -25.72 20.78
C ARG B 41 15.05 -25.89 20.85
N PRO B 42 15.74 -25.82 19.69
CA PRO B 42 17.18 -25.98 19.64
C PRO B 42 17.94 -24.70 20.01
N PHE B 43 17.34 -23.90 20.90
CA PHE B 43 17.95 -22.65 21.35
C PHE B 43 17.50 -22.36 22.77
N THR B 44 18.23 -21.48 23.46
CA THR B 44 17.92 -21.16 24.85
C THR B 44 17.12 -19.89 25.05
N ALA B 45 16.51 -19.77 26.22
CA ALA B 45 15.73 -18.60 26.58
C ALA B 45 16.67 -17.40 26.55
N GLU B 46 17.91 -17.61 26.95
CA GLU B 46 18.89 -16.54 26.96
C GLU B 46 19.16 -16.03 25.55
N GLN B 47 19.26 -16.95 24.60
CA GLN B 47 19.51 -16.59 23.21
C GLN B 47 18.37 -15.76 22.65
N ILE B 48 17.14 -16.17 22.94
CA ILE B 48 15.95 -15.47 22.46
C ILE B 48 15.76 -14.10 23.11
N VAL B 49 15.86 -14.04 24.44
CA VAL B 49 15.69 -12.76 25.11
C VAL B 49 16.75 -11.77 24.66
N SER B 50 17.92 -12.32 24.37
CA SER B 50 19.05 -11.54 23.93
C SER B 50 18.84 -10.89 22.57
N LYS B 51 17.79 -11.29 21.86
CA LYS B 51 17.51 -10.74 20.53
C LYS B 51 16.34 -9.74 20.59
N ARG B 52 15.66 -9.72 21.72
CA ARG B 52 14.53 -8.82 21.92
C ARG B 52 14.96 -7.38 22.17
N GLY B 53 14.01 -6.46 22.05
CA GLY B 53 14.30 -5.07 22.29
C GLY B 53 13.90 -4.73 23.73
N ASN B 54 13.69 -3.45 24.00
CA ASN B 54 13.32 -3.00 25.34
C ASN B 54 11.83 -2.73 25.50
N LEU B 55 11.11 -2.70 24.38
CA LEU B 55 9.68 -2.45 24.47
C LEU B 55 8.89 -3.69 24.06
N LYS B 56 8.28 -4.35 25.05
CA LYS B 56 7.49 -5.55 24.79
C LYS B 56 6.18 -5.21 24.06
N ILE B 57 5.89 -5.95 23.00
CA ILE B 57 4.68 -5.73 22.23
C ILE B 57 3.72 -6.92 22.36
N GLU B 58 2.45 -6.62 22.54
CA GLU B 58 1.44 -7.66 22.66
C GLU B 58 0.68 -7.68 21.35
N TYR B 59 0.36 -8.86 20.85
CA TYR B 59 -0.35 -8.98 19.58
C TYR B 59 -1.62 -9.79 19.64
N PRO B 60 -2.72 -9.26 19.06
CA PRO B 60 -3.99 -9.98 19.06
C PRO B 60 -3.83 -11.33 18.36
N SER B 61 -2.74 -11.47 17.61
CA SER B 61 -2.43 -12.71 16.92
C SER B 61 -2.27 -13.80 17.99
N ASN B 62 -1.62 -13.43 19.09
CA ASN B 62 -1.39 -14.37 20.19
C ASN B 62 -2.71 -14.93 20.71
N ALA B 63 -3.67 -14.05 20.99
CA ALA B 63 -4.97 -14.48 21.48
C ALA B 63 -5.60 -15.48 20.52
N GLN B 64 -5.56 -15.16 19.22
CA GLN B 64 -6.14 -16.05 18.22
C GLN B 64 -5.46 -17.41 18.13
N SER B 65 -4.14 -17.44 18.32
CA SER B 65 -3.42 -18.72 18.24
C SER B 65 -3.71 -19.55 19.48
N LYS B 66 -3.97 -18.89 20.60
CA LYS B 66 -4.29 -19.60 21.83
C LYS B 66 -5.68 -20.22 21.60
N LYS B 67 -6.58 -19.44 21.00
CA LYS B 67 -7.92 -19.92 20.71
C LYS B 67 -7.86 -21.11 19.76
N LEU B 68 -7.09 -20.96 18.69
CA LEU B 68 -6.95 -22.01 17.70
C LEU B 68 -6.39 -23.27 18.34
N TRP B 69 -5.42 -23.10 19.24
CA TRP B 69 -4.80 -24.22 19.91
C TRP B 69 -5.81 -24.97 20.78
N LYS B 70 -6.68 -24.23 21.46
CA LYS B 70 -7.69 -24.84 22.30
C LYS B 70 -8.65 -25.68 21.46
N ILE B 71 -8.93 -25.18 20.25
CA ILE B 71 -9.83 -25.86 19.32
C ILE B 71 -9.23 -27.16 18.77
N LEU B 72 -8.02 -27.07 18.23
CA LEU B 72 -7.36 -28.24 17.68
C LEU B 72 -7.03 -29.27 18.76
N GLU B 73 -6.77 -28.81 19.98
CA GLU B 73 -6.47 -29.73 21.08
C GLU B 73 -7.69 -30.61 21.29
N GLY B 74 -8.86 -29.99 21.28
CA GLY B 74 -10.09 -30.74 21.46
C GLY B 74 -10.31 -31.68 20.30
N ARG B 75 -10.37 -31.12 19.08
CA ARG B 75 -10.59 -31.92 17.88
C ARG B 75 -9.76 -33.19 17.85
N PHE B 76 -8.44 -33.05 18.01
CA PHE B 76 -7.55 -34.20 17.97
C PHE B 76 -7.83 -35.21 19.07
N GLN B 77 -8.02 -34.71 20.30
CA GLN B 77 -8.28 -35.59 21.42
C GLN B 77 -9.55 -36.43 21.22
N LYS B 78 -10.54 -35.87 20.55
CA LYS B 78 -11.79 -36.59 20.31
C LYS B 78 -11.75 -37.25 18.93
N ARG B 79 -10.68 -37.00 18.20
CA ARG B 79 -10.54 -37.52 16.84
C ARG B 79 -11.68 -36.99 15.98
N ASP B 80 -11.92 -35.69 16.14
CA ASP B 80 -12.91 -34.97 15.38
C ASP B 80 -12.08 -34.02 14.53
N ALA B 81 -12.73 -33.09 13.84
CA ALA B 81 -12.00 -32.16 13.01
C ALA B 81 -12.75 -30.85 12.77
N SER B 82 -11.98 -29.76 12.75
CA SER B 82 -12.53 -28.45 12.46
C SER B 82 -12.17 -28.34 10.99
N TYR B 83 -13.10 -27.94 10.15
CA TYR B 83 -12.80 -27.79 8.73
C TYR B 83 -13.29 -26.44 8.23
N THR B 84 -12.59 -25.92 7.23
CA THR B 84 -12.89 -24.61 6.66
C THR B 84 -12.44 -24.56 5.20
N TYR B 85 -12.26 -23.36 4.67
CA TYR B 85 -11.81 -23.22 3.28
C TYR B 85 -11.17 -21.86 3.01
N GLY B 86 -10.52 -21.75 1.85
CA GLY B 86 -9.84 -20.53 1.49
C GLY B 86 -10.77 -19.34 1.30
N CYS B 87 -10.63 -18.34 2.15
CA CYS B 87 -11.47 -17.14 2.07
C CYS B 87 -10.81 -16.04 1.23
N LEU B 88 -11.58 -15.46 0.31
CA LEU B 88 -11.09 -14.42 -0.60
C LEU B 88 -11.09 -12.99 -0.09
N GLU B 89 -12.14 -12.61 0.62
CA GLU B 89 -12.27 -11.24 1.10
C GLU B 89 -13.27 -11.13 2.26
N PRO B 90 -13.44 -9.92 2.81
CA PRO B 90 -14.36 -9.66 3.94
C PRO B 90 -15.81 -10.12 3.84
N THR B 91 -16.44 -9.90 2.70
CA THR B 91 -17.83 -10.30 2.58
C THR B 91 -17.97 -11.78 2.91
N MET B 92 -17.13 -12.59 2.26
CA MET B 92 -17.09 -14.04 2.44
C MET B 92 -16.73 -14.48 3.86
N VAL B 93 -15.80 -13.79 4.50
CA VAL B 93 -15.43 -14.20 5.83
C VAL B 93 -16.54 -13.96 6.89
N THR B 94 -17.36 -12.94 6.69
CA THR B 94 -18.43 -12.66 7.65
C THR B 94 -19.56 -13.69 7.58
N GLN B 95 -19.65 -14.40 6.44
CA GLN B 95 -20.67 -15.41 6.27
C GLN B 95 -20.13 -16.76 6.76
N MET B 96 -18.85 -17.01 6.48
CA MET B 96 -18.20 -18.25 6.92
C MET B 96 -18.20 -18.36 8.44
N ALA B 97 -18.14 -17.21 9.11
CA ALA B 97 -18.10 -17.16 10.57
C ALA B 97 -19.30 -17.81 11.27
N LYS B 98 -20.39 -18.00 10.54
CA LYS B 98 -21.59 -18.58 11.16
C LYS B 98 -21.54 -20.09 11.31
N TYR B 99 -20.76 -20.77 10.48
CA TYR B 99 -20.71 -22.22 10.50
C TYR B 99 -19.33 -22.86 10.62
N LEU B 100 -18.29 -22.11 10.25
CA LEU B 100 -16.92 -22.62 10.31
C LEU B 100 -16.14 -21.91 11.41
N ASP B 101 -15.48 -22.68 12.29
CA ASP B 101 -14.73 -22.07 13.38
C ASP B 101 -13.31 -21.59 13.09
N THR B 102 -12.84 -21.80 11.86
CA THR B 102 -11.51 -21.33 11.47
C THR B 102 -11.58 -20.71 10.08
N VAL B 103 -10.51 -20.07 9.64
CA VAL B 103 -10.45 -19.44 8.33
C VAL B 103 -9.11 -19.75 7.70
N TYR B 104 -9.12 -20.15 6.44
CA TYR B 104 -7.89 -20.44 5.76
C TYR B 104 -7.57 -19.38 4.72
N VAL B 105 -6.32 -18.93 4.69
CA VAL B 105 -5.90 -17.95 3.71
C VAL B 105 -4.95 -18.64 2.74
N SER B 106 -5.43 -18.85 1.52
CA SER B 106 -4.67 -19.54 0.47
C SER B 106 -3.70 -18.64 -0.30
N GLY B 107 -2.49 -19.15 -0.53
CA GLY B 107 -1.50 -18.40 -1.29
C GLY B 107 -1.82 -18.54 -2.77
N TRP B 108 -2.44 -19.67 -3.14
CA TRP B 108 -2.85 -19.95 -4.51
C TRP B 108 -3.90 -18.89 -4.85
N GLN B 109 -4.89 -18.75 -3.98
CA GLN B 109 -5.95 -17.76 -4.19
C GLN B 109 -5.37 -16.36 -4.18
N SER B 110 -4.31 -16.16 -3.39
CA SER B 110 -3.72 -14.82 -3.31
C SER B 110 -2.98 -14.43 -4.61
N SER B 111 -2.35 -15.40 -5.24
CA SER B 111 -1.62 -15.11 -6.48
C SER B 111 -2.60 -14.66 -7.57
N SER B 112 -3.77 -15.29 -7.62
CA SER B 112 -4.76 -14.95 -8.64
C SER B 112 -5.66 -13.77 -8.26
N THR B 113 -5.68 -13.42 -6.98
CA THR B 113 -6.56 -12.35 -6.55
C THR B 113 -6.07 -11.35 -5.50
N ALA B 114 -4.85 -11.50 -4.97
CA ALA B 114 -4.44 -10.55 -3.93
C ALA B 114 -2.97 -10.17 -3.85
N SER B 115 -2.23 -10.32 -4.95
CA SER B 115 -0.81 -9.95 -4.93
C SER B 115 -0.75 -8.50 -4.47
N SER B 116 0.16 -8.18 -3.55
CA SER B 116 0.25 -6.80 -3.10
C SER B 116 0.67 -5.86 -4.22
N SER B 117 1.10 -6.42 -5.35
CA SER B 117 1.50 -5.59 -6.48
C SER B 117 0.42 -5.60 -7.54
N ASP B 118 -0.66 -6.31 -7.26
CA ASP B 118 -1.79 -6.43 -8.18
C ASP B 118 -1.47 -7.22 -9.45
N GLU B 119 -0.24 -7.70 -9.58
CA GLU B 119 0.10 -8.49 -10.76
C GLU B 119 -0.24 -9.94 -10.40
N PRO B 120 -1.34 -10.47 -10.94
CA PRO B 120 -1.81 -11.84 -10.69
C PRO B 120 -0.96 -12.92 -11.39
N GLY B 121 -1.34 -14.17 -11.22
CA GLY B 121 -0.61 -15.26 -11.86
C GLY B 121 -0.80 -16.61 -11.21
N PRO B 122 -0.26 -17.68 -11.82
CA PRO B 122 -0.40 -19.03 -11.25
C PRO B 122 0.32 -19.13 -9.90
N ASP B 123 0.00 -20.18 -9.16
CA ASP B 123 0.56 -20.41 -7.83
C ASP B 123 2.04 -20.79 -7.85
N LEU B 124 2.88 -19.77 -7.86
CA LEU B 124 4.31 -19.97 -7.92
C LEU B 124 5.05 -19.25 -6.78
N ALA B 125 4.27 -18.68 -5.86
CA ALA B 125 4.82 -17.93 -4.74
C ALA B 125 5.85 -16.91 -5.24
N ASP B 126 5.55 -16.28 -6.38
CA ASP B 126 6.47 -15.30 -6.91
C ASP B 126 5.94 -13.88 -6.81
N TYR B 127 5.00 -13.65 -5.89
CA TYR B 127 4.46 -12.31 -5.65
C TYR B 127 5.24 -11.77 -4.45
N PRO B 128 5.17 -10.46 -4.18
CA PRO B 128 5.90 -9.89 -3.04
C PRO B 128 5.45 -10.61 -1.75
N TYR B 129 6.39 -11.05 -0.92
CA TYR B 129 5.97 -11.78 0.28
C TYR B 129 5.05 -11.05 1.26
N THR B 130 4.69 -9.80 0.96
CA THR B 130 3.76 -9.05 1.81
C THR B 130 2.34 -9.51 1.48
N THR B 131 2.21 -10.17 0.33
CA THR B 131 0.92 -10.66 -0.17
C THR B 131 0.02 -11.43 0.82
N VAL B 132 0.44 -12.60 1.28
CA VAL B 132 -0.43 -13.36 2.18
C VAL B 132 -0.62 -12.71 3.54
N PRO B 133 0.43 -12.09 4.08
CA PRO B 133 0.21 -11.46 5.39
C PRO B 133 -0.81 -10.31 5.26
N ASN B 134 -0.81 -9.64 4.10
CA ASN B 134 -1.75 -8.54 3.91
C ASN B 134 -3.19 -9.04 3.76
N LYS B 135 -3.36 -10.26 3.26
CA LYS B 135 -4.70 -10.82 3.11
C LYS B 135 -5.19 -11.18 4.52
N VAL B 136 -4.29 -11.64 5.37
CA VAL B 136 -4.69 -12.01 6.72
C VAL B 136 -5.23 -10.74 7.40
N SER B 137 -4.48 -9.66 7.32
CA SER B 137 -4.88 -8.38 7.90
C SER B 137 -6.20 -7.91 7.30
N HIS B 138 -6.35 -8.07 5.99
CA HIS B 138 -7.57 -7.68 5.29
C HIS B 138 -8.78 -8.35 5.96
N LEU B 139 -8.67 -9.64 6.24
CA LEU B 139 -9.76 -10.39 6.85
C LEU B 139 -9.87 -10.15 8.36
N PHE B 140 -8.74 -10.12 9.05
CA PHE B 140 -8.73 -9.92 10.49
C PHE B 140 -9.31 -8.57 10.90
N MET B 141 -8.90 -7.49 10.24
CA MET B 141 -9.41 -6.16 10.56
C MET B 141 -10.91 -6.12 10.29
N ALA B 142 -11.38 -6.91 9.32
CA ALA B 142 -12.81 -6.97 9.03
C ALA B 142 -13.53 -7.77 10.11
N GLN B 143 -12.88 -8.82 10.61
CA GLN B 143 -13.47 -9.63 11.68
C GLN B 143 -13.62 -8.77 12.95
N LEU B 144 -12.56 -8.05 13.29
CA LEU B 144 -12.57 -7.17 14.46
C LEU B 144 -13.66 -6.12 14.36
N PHE B 145 -13.90 -5.66 13.13
CA PHE B 145 -14.92 -4.64 12.91
C PHE B 145 -16.33 -5.19 13.11
N HIS B 146 -16.62 -6.33 12.48
CA HIS B 146 -17.95 -6.89 12.61
C HIS B 146 -18.22 -7.36 14.03
N ASP B 147 -17.16 -7.65 14.77
CA ASP B 147 -17.28 -8.06 16.17
C ASP B 147 -17.71 -6.82 16.97
N ARG B 148 -17.02 -5.70 16.75
CA ARG B 148 -17.38 -4.48 17.46
C ARG B 148 -18.83 -4.12 17.09
N LYS B 149 -19.14 -4.10 15.80
CA LYS B 149 -20.48 -3.78 15.34
C LYS B 149 -21.54 -4.57 16.10
N GLN B 150 -21.43 -5.89 16.05
CA GLN B 150 -22.39 -6.77 16.68
C GLN B 150 -22.46 -6.64 18.19
N ARG B 151 -21.31 -6.47 18.85
CA ARG B 151 -21.33 -6.35 20.28
C ARG B 151 -22.14 -5.10 20.61
N HIS B 152 -21.92 -4.04 19.85
CA HIS B 152 -22.64 -2.79 20.05
C HIS B 152 -24.14 -2.98 19.94
N GLU B 153 -24.59 -3.68 18.90
CA GLU B 153 -26.02 -3.92 18.72
C GLU B 153 -26.56 -4.71 19.91
N ARG B 154 -25.87 -5.79 20.26
CA ARG B 154 -26.31 -6.64 21.36
C ARG B 154 -26.36 -5.91 22.71
N LEU B 155 -25.27 -5.27 23.11
CA LEU B 155 -25.25 -4.55 24.39
C LEU B 155 -26.17 -3.33 24.39
N SER B 156 -26.62 -2.90 23.21
CA SER B 156 -27.50 -1.75 23.09
C SER B 156 -28.98 -2.09 23.30
N ALA B 157 -29.35 -3.33 23.01
CA ALA B 157 -30.74 -3.75 23.15
C ALA B 157 -31.02 -4.29 24.54
N PRO B 158 -32.28 -4.17 25.00
CA PRO B 158 -32.66 -4.66 26.33
C PRO B 158 -32.30 -6.15 26.38
N LYS B 159 -31.75 -6.59 27.51
CA LYS B 159 -31.34 -7.98 27.66
C LYS B 159 -32.35 -8.99 27.09
N SER B 160 -33.63 -8.76 27.36
CA SER B 160 -34.68 -9.65 26.89
C SER B 160 -34.89 -9.61 25.38
N GLU B 161 -34.33 -8.59 24.75
CA GLU B 161 -34.44 -8.38 23.30
C GLU B 161 -33.33 -9.05 22.49
N ARG B 162 -32.25 -9.43 23.16
CA ARG B 162 -31.09 -10.04 22.51
C ARG B 162 -31.27 -11.40 21.84
N SER B 163 -32.19 -12.22 22.34
CA SER B 163 -32.42 -13.55 21.77
C SER B 163 -32.78 -13.47 20.29
N LYS B 164 -33.29 -12.33 19.86
CA LYS B 164 -33.68 -12.15 18.47
C LYS B 164 -32.49 -11.75 17.59
N LEU B 165 -31.53 -11.05 18.20
CA LEU B 165 -30.34 -10.57 17.50
C LEU B 165 -29.36 -11.69 17.22
N GLN B 166 -28.46 -11.45 16.27
CA GLN B 166 -27.44 -12.44 15.94
C GLN B 166 -26.36 -12.47 17.01
N ASN B 167 -25.62 -13.57 17.03
CA ASN B 167 -24.51 -13.73 17.96
C ASN B 167 -23.46 -14.58 17.25
N ILE B 168 -22.97 -14.04 16.14
CA ILE B 168 -21.95 -14.69 15.33
C ILE B 168 -20.57 -14.48 15.93
N ASP B 169 -19.74 -15.52 15.91
CA ASP B 169 -18.39 -15.41 16.42
C ASP B 169 -17.52 -15.04 15.21
N TYR B 170 -17.29 -13.74 15.02
CA TYR B 170 -16.48 -13.25 13.91
C TYR B 170 -14.98 -13.44 14.07
N LEU B 171 -14.53 -13.71 15.30
CA LEU B 171 -13.12 -13.88 15.57
C LEU B 171 -12.64 -15.32 15.38
N ARG B 172 -12.83 -15.84 14.17
CA ARG B 172 -12.43 -17.19 13.84
C ARG B 172 -10.94 -17.17 13.48
N PRO B 173 -10.10 -17.95 14.20
CA PRO B 173 -8.66 -18.00 13.94
C PRO B 173 -8.30 -18.22 12.48
N ILE B 174 -7.28 -17.51 12.02
CA ILE B 174 -6.84 -17.60 10.64
C ILE B 174 -5.52 -18.36 10.54
N ILE B 175 -5.48 -19.32 9.62
CA ILE B 175 -4.27 -20.08 9.36
C ILE B 175 -3.90 -19.63 7.96
N ALA B 176 -2.67 -19.14 7.79
CA ALA B 176 -2.23 -18.63 6.50
C ALA B 176 -1.07 -19.41 5.88
N ASP B 177 -0.93 -19.21 4.58
CA ASP B 177 0.08 -19.87 3.76
C ASP B 177 1.38 -19.05 3.71
N ALA B 178 2.50 -19.65 4.12
CA ALA B 178 3.79 -18.97 4.09
C ALA B 178 4.63 -19.51 2.93
N ASP B 179 3.99 -20.25 2.04
CA ASP B 179 4.67 -20.83 0.88
C ASP B 179 5.90 -21.63 1.31
N THR B 180 7.09 -21.24 0.87
CA THR B 180 8.29 -21.95 1.32
C THR B 180 9.12 -21.04 2.21
N GLY B 181 8.58 -19.86 2.53
CA GLY B 181 9.31 -18.95 3.39
C GLY B 181 9.85 -17.72 2.65
N HIS B 182 9.62 -17.72 1.34
CA HIS B 182 10.03 -16.64 0.45
C HIS B 182 11.50 -16.25 0.52
N GLY B 183 12.36 -17.27 0.51
CA GLY B 183 13.79 -16.99 0.54
C GLY B 183 14.55 -17.73 1.60
N GLY B 184 15.62 -17.10 2.07
CA GLY B 184 16.44 -17.70 3.10
C GLY B 184 15.78 -17.62 4.46
N LEU B 185 16.55 -17.93 5.51
CA LEU B 185 16.04 -17.91 6.87
C LEU B 185 15.74 -16.52 7.40
N THR B 186 16.48 -15.52 6.93
CA THR B 186 16.22 -14.16 7.41
C THR B 186 14.89 -13.69 6.82
N ALA B 187 14.57 -14.20 5.63
CA ALA B 187 13.32 -13.86 4.98
C ALA B 187 12.18 -14.59 5.70
N VAL B 188 12.43 -15.84 6.07
CA VAL B 188 11.42 -16.62 6.77
C VAL B 188 11.03 -15.92 8.06
N MET B 189 12.01 -15.41 8.80
CA MET B 189 11.73 -14.73 10.06
C MET B 189 10.96 -13.43 9.83
N LYS B 190 11.31 -12.69 8.79
CA LYS B 190 10.61 -11.45 8.48
C LYS B 190 9.17 -11.72 8.06
N LEU B 191 8.96 -12.82 7.32
CA LEU B 191 7.62 -13.18 6.88
C LEU B 191 6.76 -13.54 8.08
N THR B 192 7.33 -14.31 8.98
CA THR B 192 6.64 -14.76 10.18
C THR B 192 6.28 -13.55 11.06
N LYS B 193 7.17 -12.58 11.10
CA LYS B 193 6.96 -11.37 11.88
C LYS B 193 5.73 -10.63 11.33
N LEU B 194 5.63 -10.53 10.01
CA LEU B 194 4.48 -9.86 9.40
C LEU B 194 3.21 -10.63 9.71
N PHE B 195 3.27 -11.96 9.58
CA PHE B 195 2.11 -12.77 9.86
C PHE B 195 1.62 -12.55 11.29
N ILE B 196 2.53 -12.51 12.25
CA ILE B 196 2.10 -12.29 13.63
C ILE B 196 1.55 -10.86 13.78
N GLU B 197 2.24 -9.88 13.20
CA GLU B 197 1.77 -8.50 13.28
C GLU B 197 0.43 -8.31 12.59
N LYS B 198 0.17 -9.09 11.56
CA LYS B 198 -1.09 -8.98 10.82
C LYS B 198 -2.25 -9.79 11.40
N GLY B 199 -1.98 -10.63 12.40
CA GLY B 199 -3.08 -11.39 13.01
C GLY B 199 -3.19 -12.89 12.85
N ALA B 200 -2.30 -13.53 12.09
CA ALA B 200 -2.35 -14.97 11.88
C ALA B 200 -2.27 -15.77 13.19
N ALA B 201 -3.11 -16.79 13.31
CA ALA B 201 -3.12 -17.63 14.49
C ALA B 201 -2.15 -18.77 14.22
N GLY B 202 -1.94 -19.04 12.94
CA GLY B 202 -1.02 -20.09 12.52
C GLY B 202 -0.66 -19.96 11.05
N ILE B 203 0.49 -20.50 10.67
CA ILE B 203 0.93 -20.46 9.29
C ILE B 203 1.55 -21.79 8.91
N HIS B 204 1.57 -22.07 7.61
CA HIS B 204 2.15 -23.32 7.13
C HIS B 204 3.24 -23.04 6.08
N ILE B 205 4.32 -23.82 6.17
CA ILE B 205 5.47 -23.66 5.27
C ILE B 205 5.83 -25.05 4.72
N GLU B 206 6.02 -25.11 3.40
CA GLU B 206 6.30 -26.37 2.69
C GLU B 206 7.76 -26.62 2.33
N ASP B 207 8.15 -27.89 2.30
CA ASP B 207 9.52 -28.26 2.00
C ASP B 207 9.93 -28.17 0.52
N GLN B 208 9.39 -27.19 -0.18
CA GLN B 208 9.75 -26.97 -1.58
C GLN B 208 10.80 -25.87 -1.61
N ALA B 209 11.37 -25.63 -2.79
CA ALA B 209 12.38 -24.60 -2.95
C ALA B 209 11.75 -23.31 -3.50
N PRO B 210 12.14 -22.15 -2.95
CA PRO B 210 11.53 -20.93 -3.49
C PRO B 210 12.11 -20.81 -4.90
N GLY B 211 11.50 -20.02 -5.76
CA GLY B 211 12.08 -19.91 -7.08
C GLY B 211 11.56 -20.98 -8.03
N THR B 212 11.07 -22.10 -7.49
CA THR B 212 10.52 -23.17 -8.33
C THR B 212 9.20 -23.74 -7.80
N LYS B 213 8.76 -23.31 -6.63
CA LYS B 213 7.51 -23.83 -6.02
C LYS B 213 6.33 -23.86 -6.98
N LYS B 214 5.51 -24.90 -6.87
CA LYS B 214 4.32 -25.07 -7.70
C LYS B 214 3.22 -25.55 -6.76
N CYS B 215 1.98 -25.63 -7.24
CA CYS B 215 0.89 -26.09 -6.39
C CYS B 215 1.12 -27.59 -6.16
N GLY B 216 0.65 -28.09 -5.02
CA GLY B 216 0.83 -29.49 -4.67
C GLY B 216 0.48 -30.57 -5.69
N HIS B 217 -0.33 -30.24 -6.69
CA HIS B 217 -0.73 -31.23 -7.69
C HIS B 217 -0.15 -30.98 -9.08
N MET B 218 1.09 -30.47 -9.12
CA MET B 218 1.80 -30.20 -10.36
C MET B 218 2.96 -31.18 -10.52
N GLY B 219 3.30 -31.48 -11.77
CA GLY B 219 4.41 -32.39 -12.01
C GLY B 219 5.72 -31.62 -11.96
N GLY B 220 6.76 -32.24 -11.40
CA GLY B 220 8.08 -31.60 -11.32
C GLY B 220 8.36 -30.71 -10.11
N LYS B 221 7.81 -31.04 -8.95
CA LYS B 221 8.06 -30.22 -7.76
C LYS B 221 9.46 -30.48 -7.21
N VAL B 222 10.18 -29.40 -6.89
CA VAL B 222 11.54 -29.52 -6.37
C VAL B 222 11.54 -29.34 -4.85
N LEU B 223 12.21 -30.24 -4.15
CA LEU B 223 12.28 -30.18 -2.69
C LEU B 223 13.61 -29.62 -2.21
N VAL B 224 13.67 -29.27 -0.93
CA VAL B 224 14.92 -28.81 -0.32
C VAL B 224 15.31 -29.92 0.65
N PRO B 225 16.58 -29.95 1.08
CA PRO B 225 17.00 -31.00 2.02
C PRO B 225 16.17 -30.95 3.31
N ILE B 226 15.98 -32.10 3.94
CA ILE B 226 15.23 -32.20 5.19
C ILE B 226 15.72 -31.20 6.24
N SER B 227 17.04 -31.04 6.34
CA SER B 227 17.66 -30.14 7.31
C SER B 227 17.28 -28.69 7.04
N GLU B 228 17.16 -28.33 5.77
CA GLU B 228 16.80 -26.97 5.42
C GLU B 228 15.37 -26.65 5.80
N HIS B 229 14.45 -27.60 5.64
CA HIS B 229 13.07 -27.31 6.01
C HIS B 229 12.95 -27.22 7.53
N ILE B 230 13.75 -28.02 8.23
CA ILE B 230 13.75 -28.00 9.69
C ILE B 230 14.22 -26.61 10.11
N ASN B 231 15.26 -26.11 9.46
CA ASN B 231 15.77 -24.78 9.79
C ASN B 231 14.63 -23.76 9.68
N ARG B 232 13.85 -23.86 8.61
CA ARG B 232 12.72 -22.96 8.40
C ARG B 232 11.71 -23.02 9.55
N LEU B 233 11.38 -24.23 9.99
CA LEU B 233 10.41 -24.41 11.07
C LEU B 233 10.98 -23.85 12.37
N VAL B 234 12.29 -24.01 12.56
CA VAL B 234 12.95 -23.49 13.75
C VAL B 234 12.95 -21.97 13.70
N ALA B 235 13.20 -21.40 12.53
CA ALA B 235 13.24 -19.95 12.35
C ALA B 235 11.90 -19.31 12.68
N ILE B 236 10.82 -20.01 12.34
CA ILE B 236 9.48 -19.52 12.60
C ILE B 236 9.24 -19.50 14.11
N ARG B 237 9.60 -20.58 14.79
CA ARG B 237 9.41 -20.70 16.22
C ARG B 237 10.26 -19.66 16.95
N ALA B 238 11.48 -19.45 16.45
CA ALA B 238 12.39 -18.48 17.03
C ALA B 238 11.82 -17.08 16.92
N GLN B 239 11.27 -16.73 15.76
CA GLN B 239 10.69 -15.40 15.58
C GLN B 239 9.48 -15.23 16.49
N ALA B 240 8.67 -16.27 16.60
CA ALA B 240 7.48 -16.21 17.45
C ALA B 240 7.88 -16.07 18.93
N ASP B 241 8.97 -16.72 19.32
CA ASP B 241 9.43 -16.65 20.70
C ASP B 241 9.95 -15.25 21.00
N ILE B 242 10.71 -14.70 20.06
CA ILE B 242 11.24 -13.34 20.20
C ILE B 242 10.07 -12.39 20.45
N MET B 243 8.97 -12.60 19.73
CA MET B 243 7.78 -11.78 19.84
C MET B 243 6.82 -12.24 20.95
N GLY B 244 7.16 -13.33 21.62
CA GLY B 244 6.35 -13.86 22.71
C GLY B 244 4.94 -14.33 22.42
N VAL B 245 4.71 -14.88 21.22
CA VAL B 245 3.39 -15.36 20.84
C VAL B 245 3.39 -16.87 20.69
N ASP B 246 2.19 -17.45 20.65
CA ASP B 246 2.06 -18.91 20.51
C ASP B 246 1.72 -19.36 19.10
N LEU B 247 2.06 -18.53 18.11
CA LEU B 247 1.78 -18.87 16.71
C LEU B 247 2.00 -20.36 16.42
N LEU B 248 1.00 -21.00 15.82
CA LEU B 248 1.11 -22.40 15.46
C LEU B 248 1.93 -22.51 14.18
N ALA B 249 2.76 -23.55 14.11
CA ALA B 249 3.59 -23.79 12.94
C ALA B 249 3.14 -25.10 12.32
N ILE B 250 2.74 -25.03 11.05
CA ILE B 250 2.28 -26.21 10.33
C ILE B 250 3.28 -26.56 9.23
N ALA B 251 3.71 -27.82 9.20
CA ALA B 251 4.66 -28.26 8.19
C ALA B 251 3.93 -29.06 7.12
N ARG B 252 4.17 -28.68 5.87
CA ARG B 252 3.59 -29.35 4.71
C ARG B 252 4.75 -29.95 3.90
N THR B 253 4.58 -31.20 3.45
CA THR B 253 5.61 -31.84 2.63
C THR B 253 5.02 -32.18 1.25
N ASP B 254 5.82 -31.97 0.22
CA ASP B 254 5.40 -32.25 -1.16
C ASP B 254 6.18 -33.44 -1.69
N ALA B 255 6.75 -34.21 -0.76
CA ALA B 255 7.54 -35.38 -1.10
C ALA B 255 6.75 -36.54 -1.72
N GLU B 256 5.42 -36.47 -1.70
CA GLU B 256 4.63 -37.55 -2.25
C GLU B 256 4.77 -37.63 -3.76
N ALA B 257 4.75 -36.50 -4.44
CA ALA B 257 4.88 -36.50 -5.90
C ALA B 257 6.10 -35.72 -6.40
N ALA B 258 6.84 -35.10 -5.49
CA ALA B 258 8.03 -34.35 -5.87
C ALA B 258 8.93 -35.28 -6.66
N THR B 259 9.66 -34.75 -7.63
CA THR B 259 10.56 -35.55 -8.45
C THR B 259 11.99 -35.04 -8.45
N LEU B 260 12.20 -33.87 -7.84
CA LEU B 260 13.52 -33.26 -7.77
C LEU B 260 13.86 -32.76 -6.35
N ILE B 261 15.15 -32.60 -6.07
CA ILE B 261 15.62 -32.08 -4.79
C ILE B 261 16.88 -31.26 -5.09
N THR B 262 17.00 -30.10 -4.46
CA THR B 262 18.14 -29.19 -4.70
C THR B 262 19.54 -29.77 -4.52
N THR B 263 19.76 -30.50 -3.44
CA THR B 263 21.06 -31.07 -3.16
C THR B 263 20.90 -32.42 -2.46
N SER B 264 21.99 -33.19 -2.43
CA SER B 264 21.96 -34.50 -1.80
C SER B 264 22.80 -34.46 -0.53
N ILE B 265 22.99 -33.27 0.01
CA ILE B 265 23.82 -33.10 1.20
C ILE B 265 23.26 -33.77 2.46
N ASP B 266 21.95 -33.88 2.58
CA ASP B 266 21.37 -34.50 3.77
C ASP B 266 21.23 -36.02 3.64
N PRO B 267 21.97 -36.79 4.48
CA PRO B 267 21.92 -38.25 4.42
C PRO B 267 20.52 -38.85 4.59
N ARG B 268 19.61 -38.11 5.21
CA ARG B 268 18.24 -38.61 5.39
C ARG B 268 17.49 -38.66 4.05
N ASP B 269 17.99 -37.93 3.06
CA ASP B 269 17.34 -37.91 1.75
C ASP B 269 17.97 -38.92 0.79
N HIS B 270 19.11 -39.49 1.20
CA HIS B 270 19.82 -40.45 0.35
C HIS B 270 18.99 -41.62 -0.15
N ALA B 271 18.25 -42.27 0.74
CA ALA B 271 17.47 -43.42 0.33
C ALA B 271 16.55 -43.18 -0.86
N PHE B 272 16.18 -41.92 -1.09
CA PHE B 272 15.24 -41.61 -2.18
C PHE B 272 15.82 -40.97 -3.43
N ILE B 273 17.09 -40.60 -3.40
CA ILE B 273 17.69 -39.96 -4.55
C ILE B 273 18.01 -40.97 -5.65
N LEU B 274 17.56 -40.67 -6.86
CA LEU B 274 17.78 -41.58 -7.98
C LEU B 274 19.19 -41.53 -8.53
N GLY B 275 19.74 -42.70 -8.81
CA GLY B 275 21.08 -42.78 -9.35
C GLY B 275 21.12 -43.51 -10.67
N CYS B 276 22.08 -43.13 -11.51
CA CYS B 276 22.25 -43.77 -12.81
C CYS B 276 22.95 -45.08 -12.54
N THR B 277 22.37 -46.17 -13.02
CA THR B 277 22.96 -47.49 -12.82
C THR B 277 23.71 -47.95 -14.08
N ASN B 278 23.83 -47.07 -15.07
CA ASN B 278 24.54 -47.43 -16.30
C ASN B 278 25.92 -46.80 -16.39
N PRO B 279 26.97 -47.60 -16.20
CA PRO B 279 28.39 -47.23 -16.21
C PRO B 279 28.93 -46.65 -17.53
N SER B 280 28.26 -46.94 -18.64
CA SER B 280 28.73 -46.47 -19.94
C SER B 280 28.31 -45.05 -20.34
N LEU B 281 27.22 -44.56 -19.76
CA LEU B 281 26.73 -43.22 -20.12
C LEU B 281 27.56 -42.05 -19.58
N GLN B 282 27.51 -40.94 -20.30
CA GLN B 282 28.21 -39.72 -19.86
C GLN B 282 27.13 -38.92 -19.16
N PRO B 283 27.51 -37.92 -18.35
CA PRO B 283 26.50 -37.10 -17.64
C PRO B 283 25.44 -36.50 -18.56
N LEU B 284 24.19 -36.54 -18.10
CA LEU B 284 23.07 -35.97 -18.86
C LEU B 284 23.36 -34.53 -19.28
N ALA B 285 23.79 -33.72 -18.32
CA ALA B 285 24.10 -32.31 -18.57
C ALA B 285 25.06 -32.16 -19.75
N ASP B 286 26.13 -32.95 -19.74
CA ASP B 286 27.11 -32.90 -20.83
C ASP B 286 26.41 -33.21 -22.16
N LEU B 287 25.63 -34.28 -22.15
CA LEU B 287 24.89 -34.70 -23.34
C LEU B 287 23.98 -33.59 -23.84
N MET B 288 23.16 -33.05 -22.94
CA MET B 288 22.22 -31.99 -23.29
C MET B 288 22.89 -30.72 -23.81
N ASN B 289 24.04 -30.37 -23.27
CA ASN B 289 24.74 -29.18 -23.73
C ASN B 289 25.13 -29.40 -25.19
N THR B 290 25.87 -30.46 -25.45
CA THR B 290 26.28 -30.79 -26.81
C THR B 290 25.09 -30.76 -27.75
N ALA B 291 23.96 -31.32 -27.30
CA ALA B 291 22.74 -31.35 -28.09
C ALA B 291 22.27 -29.95 -28.51
N GLU B 292 22.33 -28.99 -27.59
CA GLU B 292 21.91 -27.63 -27.89
C GLU B 292 22.92 -26.93 -28.81
N GLN B 293 24.20 -27.16 -28.56
CA GLN B 293 25.28 -26.58 -29.36
C GLN B 293 25.29 -27.22 -30.75
N SER B 294 24.21 -27.91 -31.10
CA SER B 294 24.10 -28.56 -32.40
C SER B 294 22.77 -28.24 -33.08
N GLY B 295 22.04 -27.29 -32.52
CA GLY B 295 20.77 -26.89 -33.10
C GLY B 295 19.58 -27.73 -32.69
N LYS B 296 19.81 -28.87 -32.04
CA LYS B 296 18.71 -29.72 -31.61
C LYS B 296 17.76 -28.89 -30.75
N THR B 297 16.48 -28.90 -31.10
CA THR B 297 15.53 -28.11 -30.36
C THR B 297 14.19 -28.82 -30.15
N GLY B 298 13.44 -28.30 -29.18
CA GLY B 298 12.13 -28.85 -28.87
C GLY B 298 12.10 -30.34 -28.65
N ASP B 299 11.26 -31.01 -29.43
CA ASP B 299 11.09 -32.44 -29.36
C ASP B 299 12.38 -33.22 -29.55
N GLN B 300 13.38 -32.59 -30.18
CA GLN B 300 14.68 -33.22 -30.40
C GLN B 300 15.34 -33.40 -29.04
N LEU B 301 15.68 -32.27 -28.42
CA LEU B 301 16.31 -32.26 -27.11
C LEU B 301 15.58 -33.18 -26.16
N GLN B 302 14.25 -33.09 -26.18
CA GLN B 302 13.41 -33.90 -25.32
C GLN B 302 13.67 -35.37 -25.59
N ALA B 303 13.64 -35.74 -26.87
CA ALA B 303 13.89 -37.12 -27.27
C ALA B 303 15.28 -37.57 -26.78
N ILE B 304 16.27 -36.71 -26.98
CA ILE B 304 17.64 -37.01 -26.58
C ILE B 304 17.71 -37.19 -25.06
N GLU B 305 16.99 -36.36 -24.33
CA GLU B 305 17.00 -36.46 -22.87
C GLU B 305 16.25 -37.71 -22.42
N ASP B 306 15.10 -37.96 -23.04
CA ASP B 306 14.28 -39.12 -22.70
C ASP B 306 15.05 -40.43 -22.86
N GLU B 307 15.84 -40.53 -23.93
CA GLU B 307 16.61 -41.73 -24.19
C GLU B 307 17.70 -41.92 -23.13
N TRP B 308 18.34 -40.83 -22.76
CA TRP B 308 19.39 -40.88 -21.75
C TRP B 308 18.82 -41.43 -20.45
N MET B 309 17.70 -40.87 -20.02
CA MET B 309 17.05 -41.27 -18.78
C MET B 309 16.78 -42.78 -18.77
N ALA B 310 16.22 -43.29 -19.86
CA ALA B 310 15.92 -44.71 -19.96
C ALA B 310 17.17 -45.56 -19.86
N LYS B 311 18.17 -45.27 -20.69
CA LYS B 311 19.41 -46.03 -20.65
C LYS B 311 20.10 -45.89 -19.30
N ALA B 312 19.72 -44.86 -18.55
CA ALA B 312 20.30 -44.60 -17.23
C ALA B 312 19.80 -45.62 -16.21
N ASN B 313 18.56 -46.06 -16.38
CA ASN B 313 17.94 -47.03 -15.48
C ASN B 313 18.04 -46.52 -14.04
N LEU B 314 17.44 -45.36 -13.80
CA LEU B 314 17.47 -44.73 -12.49
C LEU B 314 16.67 -45.49 -11.44
N LYS B 315 17.25 -45.64 -10.25
CA LYS B 315 16.58 -46.33 -9.16
C LYS B 315 17.08 -45.77 -7.83
N ARG B 316 16.35 -46.05 -6.76
CA ARG B 316 16.78 -45.64 -5.43
C ARG B 316 17.91 -46.64 -5.22
N PHE B 317 18.81 -46.39 -4.29
CA PHE B 317 19.92 -47.30 -4.07
C PHE B 317 19.48 -48.70 -3.61
N ASP B 318 18.49 -48.77 -2.73
CA ASP B 318 18.03 -50.06 -2.24
C ASP B 318 17.47 -50.91 -3.39
N ASP B 319 16.83 -50.27 -4.36
CA ASP B 319 16.28 -51.00 -5.50
C ASP B 319 17.45 -51.49 -6.35
N ALA B 320 18.44 -50.64 -6.51
CA ALA B 320 19.62 -51.00 -7.29
C ALA B 320 20.27 -52.22 -6.66
N VAL B 321 20.30 -52.26 -5.33
CA VAL B 321 20.89 -53.39 -4.61
C VAL B 321 20.03 -54.64 -4.78
N VAL B 322 18.74 -54.53 -4.52
CA VAL B 322 17.84 -55.67 -4.65
C VAL B 322 17.87 -56.26 -6.05
N ASP B 323 17.98 -55.42 -7.08
CA ASP B 323 18.02 -55.92 -8.45
C ASP B 323 19.29 -56.72 -8.68
N VAL B 324 20.40 -56.25 -8.12
CA VAL B 324 21.69 -56.92 -8.26
C VAL B 324 21.66 -58.29 -7.57
N ILE B 325 21.14 -58.31 -6.35
CA ILE B 325 21.03 -59.54 -5.58
C ILE B 325 20.20 -60.58 -6.34
N ASN B 326 19.03 -60.16 -6.83
CA ASN B 326 18.16 -61.08 -7.55
C ASN B 326 18.69 -61.54 -8.91
N SER B 327 19.48 -60.70 -9.58
CA SER B 327 20.03 -61.07 -10.89
C SER B 327 21.27 -61.94 -10.74
N SER B 328 21.85 -61.94 -9.54
CA SER B 328 23.06 -62.71 -9.27
C SER B 328 22.90 -64.18 -9.65
N SER B 329 24.03 -64.84 -9.89
CA SER B 329 24.04 -66.25 -10.24
C SER B 329 24.88 -67.00 -9.23
N SER B 330 25.46 -66.26 -8.27
CA SER B 330 26.31 -66.86 -7.26
C SER B 330 25.82 -66.70 -5.81
N ILE B 331 25.02 -65.66 -5.57
CA ILE B 331 24.50 -65.39 -4.22
C ILE B 331 23.49 -66.44 -3.73
N ARG B 332 23.80 -67.06 -2.59
CA ARG B 332 22.94 -68.08 -2.01
C ARG B 332 21.80 -67.40 -1.26
N ASN B 333 20.59 -67.88 -1.44
CA ASN B 333 19.41 -67.31 -0.78
C ASN B 333 19.28 -65.82 -1.07
N PRO B 334 18.89 -65.48 -2.30
CA PRO B 334 18.73 -64.07 -2.69
C PRO B 334 17.71 -63.37 -1.83
N LYS B 335 16.62 -64.07 -1.50
CA LYS B 335 15.55 -63.50 -0.68
C LYS B 335 16.05 -63.13 0.71
N ASP B 336 16.81 -64.03 1.32
CA ASP B 336 17.36 -63.83 2.65
C ASP B 336 18.29 -62.61 2.68
N VAL B 337 19.24 -62.58 1.74
CA VAL B 337 20.18 -61.48 1.67
C VAL B 337 19.47 -60.14 1.42
N ALA B 338 18.59 -60.11 0.43
CA ALA B 338 17.85 -58.89 0.12
C ALA B 338 17.04 -58.45 1.33
N ALA B 339 16.45 -59.41 2.03
CA ALA B 339 15.66 -59.12 3.21
C ALA B 339 16.51 -58.52 4.32
N LYS B 340 17.65 -59.14 4.60
CA LYS B 340 18.53 -58.61 5.64
C LYS B 340 19.01 -57.24 5.22
N TYR B 341 19.33 -57.09 3.93
CA TYR B 341 19.82 -55.82 3.42
C TYR B 341 18.83 -54.70 3.68
N LEU B 342 17.64 -54.83 3.12
CA LEU B 342 16.61 -53.82 3.27
C LEU B 342 16.34 -53.46 4.72
N GLN B 343 16.40 -54.45 5.61
CA GLN B 343 16.15 -54.22 7.03
C GLN B 343 17.19 -53.33 7.68
N ALA B 344 18.46 -53.64 7.46
CA ALA B 344 19.55 -52.87 8.05
C ALA B 344 19.81 -51.54 7.35
N ALA B 345 19.59 -51.50 6.05
CA ALA B 345 19.81 -50.30 5.26
C ALA B 345 18.78 -49.18 5.48
N LYS B 346 17.61 -49.51 6.01
CA LYS B 346 16.59 -48.49 6.23
C LYS B 346 17.08 -47.26 6.97
N GLY B 347 16.89 -46.10 6.34
CA GLY B 347 17.29 -44.84 6.92
C GLY B 347 18.78 -44.54 6.94
N LYS B 348 19.58 -45.42 6.35
CA LYS B 348 21.02 -45.18 6.33
C LYS B 348 21.41 -44.33 5.14
N SER B 349 22.56 -43.66 5.27
CA SER B 349 23.08 -42.80 4.22
C SER B 349 23.56 -43.70 3.09
N ASN B 350 23.93 -43.10 1.97
CA ASN B 350 24.39 -43.89 0.82
C ASN B 350 25.66 -44.66 1.14
N ARG B 351 26.63 -43.99 1.76
CA ARG B 351 27.88 -44.64 2.10
C ARG B 351 27.64 -45.83 3.02
N GLU B 352 26.75 -45.66 3.98
CA GLU B 352 26.47 -46.75 4.91
C GLU B 352 25.69 -47.88 4.26
N ALA B 353 24.79 -47.53 3.34
CA ALA B 353 23.99 -48.53 2.65
C ALA B 353 24.93 -49.40 1.80
N ARG B 354 25.89 -48.76 1.14
CA ARG B 354 26.87 -49.47 0.31
C ARG B 354 27.67 -50.43 1.20
N ALA B 355 28.14 -49.90 2.33
CA ALA B 355 28.93 -50.70 3.27
C ALA B 355 28.13 -51.89 3.76
N ILE B 356 26.85 -51.69 3.99
CA ILE B 356 26.00 -52.78 4.46
C ILE B 356 25.86 -53.84 3.38
N ALA B 357 25.61 -53.40 2.14
CA ALA B 357 25.46 -54.32 1.02
C ALA B 357 26.68 -55.20 0.82
N SER B 358 27.87 -54.61 0.92
CA SER B 358 29.11 -55.35 0.75
C SER B 358 29.32 -56.37 1.85
N SER B 359 29.00 -55.96 3.08
CA SER B 359 29.17 -56.85 4.23
C SER B 359 28.26 -58.06 4.06
N LEU B 360 27.20 -57.91 3.28
CA LEU B 360 26.28 -59.01 3.05
C LEU B 360 26.65 -59.83 1.81
N GLY B 361 27.85 -59.59 1.27
CA GLY B 361 28.30 -60.33 0.11
C GLY B 361 27.86 -59.84 -1.27
N VAL B 362 27.30 -58.65 -1.35
CA VAL B 362 26.89 -58.15 -2.65
C VAL B 362 28.06 -57.41 -3.26
N PRO B 363 28.28 -57.58 -4.57
CA PRO B 363 29.38 -56.90 -5.26
C PRO B 363 29.17 -55.39 -5.34
N GLU B 364 30.22 -54.64 -5.65
CA GLU B 364 30.12 -53.19 -5.76
C GLU B 364 29.04 -52.87 -6.79
N ILE B 365 28.29 -51.82 -6.54
CA ILE B 365 27.21 -51.43 -7.44
C ILE B 365 27.42 -50.04 -8.01
N PHE B 366 27.33 -49.93 -9.33
CA PHE B 366 27.49 -48.62 -9.95
C PHE B 366 26.23 -47.82 -9.65
N PHE B 367 26.41 -46.69 -8.98
CA PHE B 367 25.29 -45.83 -8.61
C PHE B 367 25.82 -44.40 -8.61
N ASP B 368 25.33 -43.60 -9.55
CA ASP B 368 25.78 -42.21 -9.71
C ASP B 368 24.60 -41.24 -9.71
N TRP B 369 24.40 -40.48 -8.62
CA TRP B 369 23.29 -39.54 -8.62
C TRP B 369 23.64 -38.16 -9.16
N ASP B 370 24.91 -37.96 -9.56
CA ASP B 370 25.34 -36.68 -10.13
C ASP B 370 25.08 -36.61 -11.64
N SER B 371 25.32 -37.71 -12.35
CA SER B 371 25.13 -37.74 -13.79
C SER B 371 23.72 -37.41 -14.26
N PRO B 372 22.69 -37.73 -13.45
CA PRO B 372 21.32 -37.42 -13.87
C PRO B 372 20.86 -36.00 -13.51
N ARG B 373 21.73 -35.20 -12.89
CA ARG B 373 21.36 -33.84 -12.51
C ARG B 373 20.81 -32.99 -13.66
N THR B 374 19.82 -32.17 -13.34
CA THR B 374 19.19 -31.26 -14.32
C THR B 374 20.15 -30.11 -14.60
N ARG B 375 19.85 -29.33 -15.63
CA ARG B 375 20.71 -28.22 -15.98
C ARG B 375 20.86 -27.22 -14.83
N GLU B 376 19.87 -27.15 -13.95
CA GLU B 376 19.91 -26.24 -12.82
C GLU B 376 20.84 -26.80 -11.75
N GLY B 377 21.15 -28.09 -11.86
CA GLY B 377 22.02 -28.73 -10.89
C GLY B 377 21.28 -29.57 -9.86
N TYR B 378 19.97 -29.69 -10.01
CA TYR B 378 19.15 -30.46 -9.07
C TYR B 378 19.32 -31.97 -9.26
N PHE B 379 19.02 -32.72 -8.21
CA PHE B 379 19.11 -34.18 -8.26
C PHE B 379 17.70 -34.75 -8.40
N ARG B 380 17.59 -35.91 -9.04
CA ARG B 380 16.29 -36.54 -9.22
C ARG B 380 16.00 -37.43 -8.02
N ILE B 381 14.73 -37.52 -7.65
CA ILE B 381 14.31 -38.34 -6.53
C ILE B 381 13.01 -39.06 -6.83
N LYS B 382 12.82 -40.20 -6.18
CA LYS B 382 11.60 -40.95 -6.34
C LYS B 382 10.90 -40.81 -4.98
N GLY B 383 9.99 -39.84 -4.90
CA GLY B 383 9.28 -39.59 -3.66
C GLY B 383 8.22 -40.65 -3.40
N GLY B 384 7.17 -40.26 -2.69
CA GLY B 384 6.11 -41.20 -2.37
C GLY B 384 5.71 -41.08 -0.92
N CYS B 385 4.69 -41.86 -0.52
CA CYS B 385 4.23 -41.82 0.85
C CYS B 385 5.34 -42.16 1.84
N ASP B 386 6.21 -43.11 1.47
CA ASP B 386 7.33 -43.48 2.35
C ASP B 386 8.28 -42.31 2.53
N CYS B 387 8.52 -41.58 1.44
CA CYS B 387 9.39 -40.42 1.49
C CYS B 387 8.71 -39.34 2.34
N ALA B 388 7.39 -39.24 2.19
CA ALA B 388 6.61 -38.26 2.93
C ALA B 388 6.63 -38.54 4.43
N ILE B 389 6.44 -39.80 4.82
CA ILE B 389 6.44 -40.15 6.24
C ILE B 389 7.80 -39.83 6.86
N ASN B 390 8.87 -40.21 6.16
CA ASN B 390 10.23 -39.97 6.61
C ASN B 390 10.39 -38.48 6.94
N ARG B 391 9.99 -37.63 6.00
CA ARG B 391 10.09 -36.19 6.20
C ARG B 391 9.20 -35.69 7.33
N ALA B 392 7.94 -36.14 7.35
CA ALA B 392 7.02 -35.73 8.41
C ALA B 392 7.58 -36.06 9.79
N ILE B 393 8.10 -37.28 9.93
CA ILE B 393 8.67 -37.72 11.20
C ILE B 393 9.84 -36.82 11.60
N ALA B 394 10.66 -36.43 10.63
CA ALA B 394 11.79 -35.55 10.88
C ALA B 394 11.36 -34.12 11.20
N TYR B 395 10.20 -33.70 10.70
CA TYR B 395 9.72 -32.34 10.96
C TYR B 395 8.90 -32.25 12.25
N ALA B 396 8.30 -33.38 12.61
CA ALA B 396 7.42 -33.48 13.78
C ALA B 396 7.78 -32.70 15.04
N PRO B 397 9.05 -32.74 15.49
CA PRO B 397 9.45 -32.00 16.70
C PRO B 397 9.37 -30.48 16.55
N TYR B 398 9.33 -30.01 15.31
CA TYR B 398 9.28 -28.57 15.04
C TYR B 398 7.97 -28.15 14.39
N ALA B 399 6.96 -29.01 14.46
CA ALA B 399 5.68 -28.72 13.85
C ALA B 399 4.46 -29.05 14.70
N ASP B 400 3.56 -28.09 14.85
CA ASP B 400 2.36 -28.28 15.64
C ASP B 400 1.35 -29.17 14.92
N ALA B 401 1.48 -29.25 13.59
CA ALA B 401 0.61 -30.10 12.78
C ALA B 401 1.35 -30.39 11.49
N ILE B 402 1.09 -31.56 10.90
CA ILE B 402 1.77 -31.93 9.66
C ILE B 402 0.77 -32.21 8.55
N TRP B 403 1.14 -31.81 7.34
CA TRP B 403 0.28 -31.99 6.18
C TRP B 403 1.06 -32.57 5.00
N MET B 404 0.47 -33.57 4.35
CA MET B 404 1.11 -34.21 3.19
C MET B 404 0.22 -34.09 1.96
N GLU B 405 0.70 -33.43 0.91
CA GLU B 405 -0.09 -33.31 -0.30
C GLU B 405 -0.22 -34.69 -0.93
N SER B 406 -1.36 -34.97 -1.53
CA SER B 406 -1.61 -36.26 -2.17
C SER B 406 -2.23 -36.07 -3.57
N LYS B 407 -2.23 -37.15 -4.35
CA LYS B 407 -2.75 -37.13 -5.72
C LYS B 407 -4.26 -37.30 -5.84
N LEU B 408 -4.87 -37.97 -4.88
CA LEU B 408 -6.30 -38.20 -4.90
C LEU B 408 -6.81 -38.21 -3.48
N PRO B 409 -8.14 -38.11 -3.29
CA PRO B 409 -8.67 -38.12 -1.93
C PRO B 409 -8.76 -39.60 -1.54
N ASP B 410 -7.61 -40.23 -1.39
CA ASP B 410 -7.52 -41.64 -1.04
C ASP B 410 -7.43 -41.87 0.47
N TYR B 411 -8.48 -42.45 1.03
CA TYR B 411 -8.53 -42.72 2.47
C TYR B 411 -7.37 -43.61 2.93
N GLU B 412 -7.13 -44.70 2.21
CA GLU B 412 -6.05 -45.61 2.58
C GLU B 412 -4.67 -44.96 2.68
N GLN B 413 -4.31 -44.15 1.68
CA GLN B 413 -3.02 -43.49 1.71
C GLN B 413 -2.97 -42.50 2.87
N ALA B 414 -4.11 -41.91 3.20
CA ALA B 414 -4.17 -40.96 4.30
C ALA B 414 -3.95 -41.75 5.59
N LYS B 415 -4.46 -42.98 5.61
CA LYS B 415 -4.32 -43.87 6.75
C LYS B 415 -2.86 -44.31 6.84
N GLU B 416 -2.32 -44.67 5.69
CA GLU B 416 -0.93 -45.09 5.61
C GLU B 416 -0.01 -43.98 6.13
N PHE B 417 -0.24 -42.76 5.66
CA PHE B 417 0.59 -41.63 6.10
C PHE B 417 0.43 -41.42 7.61
N ALA B 418 -0.82 -41.32 8.07
CA ALA B 418 -1.09 -41.11 9.50
C ALA B 418 -0.43 -42.15 10.39
N GLU B 419 -0.68 -43.43 10.11
CA GLU B 419 -0.10 -44.50 10.91
C GLU B 419 1.43 -44.47 10.85
N GLY B 420 1.96 -44.01 9.73
CA GLY B 420 3.41 -43.94 9.59
C GLY B 420 4.01 -42.94 10.56
N VAL B 421 3.42 -41.75 10.62
CA VAL B 421 3.90 -40.71 11.52
C VAL B 421 3.62 -41.09 12.97
N HIS B 422 2.39 -41.54 13.24
CA HIS B 422 1.99 -41.92 14.58
C HIS B 422 2.75 -43.13 15.14
N ALA B 423 3.50 -43.83 14.30
CA ALA B 423 4.26 -44.96 14.79
C ALA B 423 5.36 -44.40 15.69
N VAL B 424 5.80 -43.18 15.39
CA VAL B 424 6.84 -42.51 16.16
C VAL B 424 6.27 -41.48 17.12
N TYR B 425 5.34 -40.65 16.62
CA TYR B 425 4.70 -39.61 17.41
C TYR B 425 3.18 -39.77 17.38
N PRO B 426 2.65 -40.68 18.22
CA PRO B 426 1.22 -40.97 18.31
C PRO B 426 0.30 -39.77 18.56
N GLU B 427 0.85 -38.70 19.11
CA GLU B 427 0.03 -37.53 19.37
C GLU B 427 0.23 -36.35 18.42
N GLN B 428 0.95 -36.59 17.33
CA GLN B 428 1.20 -35.54 16.33
C GLN B 428 -0.11 -35.20 15.61
N LYS B 429 -0.49 -33.92 15.60
CA LYS B 429 -1.72 -33.50 14.93
C LYS B 429 -1.49 -33.51 13.41
N LEU B 430 -2.53 -33.83 12.66
CA LEU B 430 -2.42 -33.86 11.20
C LEU B 430 -3.45 -32.94 10.56
N ALA B 431 -3.08 -32.32 9.44
CA ALA B 431 -3.97 -31.43 8.71
C ALA B 431 -4.12 -32.04 7.31
N TYR B 432 -5.21 -31.76 6.62
CA TYR B 432 -5.44 -32.36 5.29
C TYR B 432 -6.06 -31.42 4.26
N ASN B 433 -5.54 -31.48 3.04
CA ASN B 433 -6.02 -30.64 1.93
C ASN B 433 -7.16 -31.34 1.19
N LEU B 434 -8.39 -30.88 1.41
CA LEU B 434 -9.55 -31.46 0.71
C LEU B 434 -9.55 -30.74 -0.64
N SER B 435 -8.47 -30.91 -1.39
CA SER B 435 -8.28 -30.26 -2.68
C SER B 435 -9.40 -30.27 -3.70
N PRO B 436 -9.66 -29.10 -4.28
CA PRO B 436 -10.70 -28.97 -5.31
C PRO B 436 -10.09 -29.39 -6.66
N SER B 437 -8.83 -29.81 -6.61
CA SER B 437 -8.11 -30.26 -7.80
C SER B 437 -8.59 -31.67 -8.12
N PHE B 438 -9.16 -32.33 -7.12
CA PHE B 438 -9.67 -33.68 -7.30
C PHE B 438 -11.08 -33.58 -7.86
N ASN B 439 -11.42 -34.49 -8.76
CA ASN B 439 -12.73 -34.55 -9.37
C ASN B 439 -13.52 -35.39 -8.35
N TRP B 440 -14.17 -34.73 -7.40
CA TRP B 440 -14.89 -35.45 -6.35
C TRP B 440 -16.00 -36.39 -6.77
N LYS B 441 -16.66 -36.11 -7.88
CA LYS B 441 -17.73 -36.98 -8.35
C LYS B 441 -17.12 -38.29 -8.88
N THR B 442 -15.96 -38.16 -9.51
CA THR B 442 -15.24 -39.30 -10.08
C THR B 442 -14.46 -40.07 -9.01
N ALA B 443 -14.01 -39.35 -7.98
CA ALA B 443 -13.23 -39.96 -6.90
C ALA B 443 -14.03 -40.87 -5.97
N MET B 444 -15.18 -40.41 -5.51
CA MET B 444 -15.99 -41.22 -4.60
C MET B 444 -17.46 -40.85 -4.59
N PRO B 445 -18.34 -41.85 -4.38
CA PRO B 445 -19.78 -41.58 -4.36
C PRO B 445 -20.18 -40.63 -3.24
N ARG B 446 -21.32 -39.98 -3.41
CA ARG B 446 -21.83 -39.01 -2.44
C ARG B 446 -21.76 -39.42 -0.97
N ASP B 447 -22.30 -40.59 -0.63
CA ASP B 447 -22.30 -41.04 0.76
C ASP B 447 -20.90 -41.03 1.37
N GLU B 448 -19.89 -41.39 0.57
CA GLU B 448 -18.52 -41.40 1.05
C GLU B 448 -17.97 -39.98 1.07
N GLN B 449 -18.46 -39.13 0.16
CA GLN B 449 -18.02 -37.74 0.13
C GLN B 449 -18.51 -37.09 1.41
N GLU B 450 -19.73 -37.45 1.80
CA GLU B 450 -20.34 -36.91 3.00
C GLU B 450 -19.63 -37.31 4.30
N THR B 451 -18.98 -38.47 4.30
CA THR B 451 -18.29 -38.93 5.50
C THR B 451 -16.76 -38.81 5.47
N TYR B 452 -16.20 -38.48 4.31
CA TYR B 452 -14.75 -38.37 4.17
C TYR B 452 -14.07 -37.56 5.29
N ILE B 453 -14.55 -36.35 5.54
CA ILE B 453 -13.96 -35.53 6.59
C ILE B 453 -13.97 -36.27 7.94
N ARG B 454 -15.13 -36.79 8.34
CA ARG B 454 -15.23 -37.53 9.59
C ARG B 454 -14.27 -38.71 9.64
N ARG B 455 -14.22 -39.48 8.56
CA ARG B 455 -13.33 -40.63 8.48
C ARG B 455 -11.87 -40.21 8.65
N LEU B 456 -11.48 -39.08 8.07
CA LEU B 456 -10.12 -38.60 8.19
C LEU B 456 -9.85 -38.11 9.61
N ALA B 457 -10.84 -37.47 10.23
CA ALA B 457 -10.69 -36.97 11.58
C ALA B 457 -10.33 -38.12 12.52
N GLY B 458 -10.88 -39.29 12.23
CA GLY B 458 -10.61 -40.46 13.05
C GLY B 458 -9.14 -40.83 13.00
N LEU B 459 -8.45 -40.38 11.95
CA LEU B 459 -7.03 -40.67 11.76
C LEU B 459 -6.10 -39.65 12.41
N GLY B 460 -6.63 -38.52 12.86
CA GLY B 460 -5.78 -37.53 13.46
C GLY B 460 -5.79 -36.22 12.69
N TYR B 461 -6.41 -36.25 11.51
CA TYR B 461 -6.51 -35.05 10.68
C TYR B 461 -7.56 -34.15 11.35
N CYS B 462 -7.10 -33.40 12.35
CA CYS B 462 -7.97 -32.51 13.14
C CYS B 462 -8.31 -31.17 12.48
N TRP B 463 -7.58 -30.81 11.44
CA TRP B 463 -7.84 -29.56 10.72
C TRP B 463 -7.83 -29.90 9.24
N GLN B 464 -8.94 -29.63 8.55
CA GLN B 464 -9.05 -29.94 7.13
C GLN B 464 -9.56 -28.72 6.38
N PHE B 465 -9.17 -28.59 5.12
CA PHE B 465 -9.55 -27.41 4.37
C PHE B 465 -9.62 -27.60 2.86
N ILE B 466 -10.57 -26.89 2.24
CA ILE B 466 -10.70 -26.92 0.80
C ILE B 466 -10.01 -25.63 0.40
N THR B 467 -8.77 -25.78 -0.04
CA THR B 467 -7.92 -24.65 -0.45
C THR B 467 -8.56 -23.54 -1.29
N LEU B 468 -9.07 -23.89 -2.48
CA LEU B 468 -9.63 -22.90 -3.38
C LEU B 468 -11.17 -22.76 -3.43
N ALA B 469 -11.87 -23.14 -2.36
CA ALA B 469 -13.34 -23.03 -2.39
C ALA B 469 -13.84 -21.60 -2.57
N GLY B 470 -13.14 -20.63 -2.01
CA GLY B 470 -13.59 -19.25 -2.17
C GLY B 470 -13.60 -18.86 -3.63
N LEU B 471 -12.52 -19.20 -4.32
CA LEU B 471 -12.37 -18.89 -5.73
C LEU B 471 -13.54 -19.49 -6.52
N HIS B 472 -13.73 -20.79 -6.39
CA HIS B 472 -14.76 -21.52 -7.10
C HIS B 472 -16.18 -21.07 -6.80
N THR B 473 -16.49 -20.81 -5.54
CA THR B 473 -17.84 -20.35 -5.19
C THR B 473 -18.09 -18.99 -5.81
N THR B 474 -17.10 -18.11 -5.76
CA THR B 474 -17.27 -16.78 -6.32
C THR B 474 -17.40 -16.83 -7.84
N ALA B 475 -16.63 -17.71 -8.47
CA ALA B 475 -16.66 -17.84 -9.92
C ALA B 475 -18.00 -18.38 -10.38
N LEU B 476 -18.46 -19.45 -9.73
CA LEU B 476 -19.74 -20.07 -10.10
C LEU B 476 -20.93 -19.11 -10.06
N ILE B 477 -21.13 -18.41 -8.94
CA ILE B 477 -22.25 -17.49 -8.87
C ILE B 477 -22.07 -16.29 -9.78
N SER B 478 -20.83 -15.88 -10.00
CA SER B 478 -20.58 -14.74 -10.86
C SER B 478 -20.91 -15.09 -12.30
N ASP B 479 -20.46 -16.26 -12.72
CA ASP B 479 -20.74 -16.71 -14.08
C ASP B 479 -22.25 -16.84 -14.24
N ARG B 480 -22.87 -17.53 -13.29
CA ARG B 480 -24.32 -17.75 -13.32
C ARG B 480 -25.12 -16.45 -13.34
N PHE B 481 -24.82 -15.55 -12.41
CA PHE B 481 -25.54 -14.30 -12.34
C PHE B 481 -25.29 -13.36 -13.51
N ALA B 482 -24.03 -13.12 -13.82
CA ALA B 482 -23.70 -12.22 -14.93
C ALA B 482 -24.42 -12.62 -16.22
N ARG B 483 -24.53 -13.93 -16.44
CA ARG B 483 -25.19 -14.47 -17.63
C ARG B 483 -26.67 -14.18 -17.61
N ALA B 484 -27.34 -14.56 -16.52
CA ALA B 484 -28.77 -14.34 -16.36
C ALA B 484 -29.07 -12.86 -16.51
N TYR B 485 -28.31 -12.06 -15.78
CA TYR B 485 -28.43 -10.62 -15.79
C TYR B 485 -28.35 -10.07 -17.21
N SER B 486 -27.44 -10.60 -18.02
CA SER B 486 -27.31 -10.13 -19.41
C SER B 486 -28.48 -10.58 -20.26
N GLU B 487 -29.09 -11.71 -19.89
CA GLU B 487 -30.22 -12.25 -20.66
C GLU B 487 -31.58 -11.65 -20.25
N VAL B 488 -31.88 -11.61 -18.95
CA VAL B 488 -33.17 -11.08 -18.51
C VAL B 488 -33.12 -9.87 -17.54
N GLY B 489 -31.98 -9.20 -17.48
CA GLY B 489 -31.86 -8.03 -16.63
C GLY B 489 -32.23 -8.19 -15.17
N MET B 490 -32.93 -7.20 -14.63
CA MET B 490 -33.32 -7.21 -13.24
C MET B 490 -34.12 -8.43 -12.78
N ARG B 491 -34.72 -9.15 -13.72
CA ARG B 491 -35.46 -10.34 -13.33
C ARG B 491 -34.47 -11.31 -12.70
N ALA B 492 -33.23 -11.30 -13.21
CA ALA B 492 -32.19 -12.17 -12.70
C ALA B 492 -31.74 -11.80 -11.30
N TYR B 493 -31.77 -10.51 -10.98
CA TYR B 493 -31.33 -10.08 -9.65
C TYR B 493 -32.31 -10.53 -8.58
N GLY B 494 -33.60 -10.34 -8.82
CA GLY B 494 -34.60 -10.73 -7.85
C GLY B 494 -34.69 -12.22 -7.67
N GLU B 495 -34.63 -12.94 -8.78
CA GLU B 495 -34.73 -14.39 -8.77
C GLU B 495 -33.50 -15.13 -8.25
N LEU B 496 -32.34 -14.82 -8.82
CA LEU B 496 -31.12 -15.49 -8.41
C LEU B 496 -30.42 -14.90 -7.19
N VAL B 497 -30.67 -13.64 -6.88
CA VAL B 497 -29.99 -13.01 -5.76
C VAL B 497 -30.81 -12.52 -4.57
N GLN B 498 -31.54 -11.42 -4.77
CA GLN B 498 -32.31 -10.83 -3.69
C GLN B 498 -33.34 -11.72 -3.00
N GLU B 499 -34.17 -12.43 -3.74
CA GLU B 499 -35.15 -13.30 -3.11
C GLU B 499 -34.50 -14.43 -2.32
N PRO B 500 -33.53 -15.13 -2.94
CA PRO B 500 -32.89 -16.21 -2.20
C PRO B 500 -32.25 -15.68 -0.91
N GLU B 501 -31.75 -14.45 -0.97
CA GLU B 501 -31.13 -13.82 0.19
C GLU B 501 -32.11 -13.65 1.34
N MET B 502 -33.32 -13.23 1.00
CA MET B 502 -34.38 -13.02 1.98
C MET B 502 -34.79 -14.35 2.62
N GLU B 503 -35.14 -15.29 1.76
CA GLU B 503 -35.58 -16.61 2.20
C GLU B 503 -34.57 -17.28 3.10
N LEU B 504 -33.28 -17.10 2.78
CA LEU B 504 -32.24 -17.71 3.58
C LEU B 504 -31.88 -16.92 4.83
N GLY B 505 -32.39 -15.70 4.93
CA GLY B 505 -32.08 -14.88 6.10
C GLY B 505 -30.65 -14.36 6.10
N VAL B 506 -30.09 -14.14 4.91
CA VAL B 506 -28.72 -13.64 4.79
C VAL B 506 -28.72 -12.22 5.34
N ASP B 507 -27.90 -12.00 6.37
CA ASP B 507 -27.85 -10.68 6.99
C ASP B 507 -27.38 -9.59 6.03
N VAL B 508 -26.57 -9.97 5.04
CA VAL B 508 -26.07 -9.00 4.09
C VAL B 508 -27.18 -8.37 3.24
N VAL B 509 -28.28 -9.09 3.04
CA VAL B 509 -29.39 -8.53 2.26
C VAL B 509 -29.73 -7.14 2.76
N LYS B 510 -29.66 -6.94 4.08
CA LYS B 510 -29.89 -5.63 4.69
C LYS B 510 -28.51 -4.98 4.74
N HIS B 511 -27.96 -4.67 3.57
CA HIS B 511 -26.60 -4.12 3.47
C HIS B 511 -26.23 -2.95 4.35
N GLN B 512 -27.09 -1.94 4.46
CA GLN B 512 -26.77 -0.79 5.30
C GLN B 512 -26.42 -1.22 6.72
N LYS B 513 -27.35 -1.93 7.36
CA LYS B 513 -27.14 -2.40 8.74
C LYS B 513 -25.95 -3.34 8.83
N TRP B 514 -25.85 -4.27 7.89
CA TRP B 514 -24.75 -5.21 7.88
C TRP B 514 -23.38 -4.52 7.81
N SER B 515 -23.32 -3.37 7.14
CA SER B 515 -22.06 -2.64 6.99
C SER B 515 -21.63 -1.83 8.21
N GLY B 516 -22.53 -1.70 9.18
CA GLY B 516 -22.20 -0.96 10.39
C GLY B 516 -22.67 0.47 10.37
N ALA B 517 -23.65 0.76 9.51
CA ALA B 517 -24.20 2.10 9.38
C ALA B 517 -24.72 2.60 10.72
N THR B 518 -25.46 1.75 11.44
CA THR B 518 -26.01 2.13 12.75
C THR B 518 -24.89 2.23 13.77
N TYR B 519 -23.96 1.28 13.73
CA TYR B 519 -22.83 1.28 14.65
C TYR B 519 -22.08 2.62 14.59
N VAL B 520 -21.67 3.02 13.38
CA VAL B 520 -20.95 4.27 13.22
C VAL B 520 -21.84 5.48 13.52
N ASP B 521 -23.13 5.34 13.24
CA ASP B 521 -24.06 6.42 13.49
C ASP B 521 -24.10 6.70 15.00
N GLU B 522 -24.01 5.64 15.80
CA GLU B 522 -24.03 5.80 17.26
C GLU B 522 -22.69 6.30 17.76
N LEU B 523 -21.62 5.99 17.04
CA LEU B 523 -20.31 6.47 17.44
C LEU B 523 -20.37 7.99 17.30
N GLN B 524 -21.01 8.42 16.22
CA GLN B 524 -21.18 9.84 15.91
C GLN B 524 -21.96 10.56 16.99
N LYS B 525 -23.18 10.10 17.24
CA LYS B 525 -24.06 10.68 18.25
C LYS B 525 -23.37 10.76 19.60
N MET B 526 -22.56 9.75 19.92
CA MET B 526 -21.85 9.72 21.20
C MET B 526 -20.84 10.86 21.30
N VAL B 527 -20.20 11.18 20.18
CA VAL B 527 -19.21 12.25 20.17
C VAL B 527 -19.85 13.64 20.19
N THR B 528 -20.89 13.83 19.38
CA THR B 528 -21.57 15.12 19.29
C THR B 528 -22.66 15.33 20.34
N GLY B 529 -23.19 14.24 20.88
CA GLY B 529 -24.24 14.36 21.88
C GLY B 529 -23.76 14.96 23.19
N ASN C 5 -20.11 -29.38 16.85
CA ASN C 5 -19.70 -28.79 15.55
C ASN C 5 -18.88 -27.52 15.73
N MET C 6 -18.98 -26.61 14.76
CA MET C 6 -18.20 -25.37 14.81
C MET C 6 -18.97 -24.10 15.13
N VAL C 7 -20.27 -24.21 15.40
CA VAL C 7 -21.03 -23.01 15.70
C VAL C 7 -21.04 -22.72 17.20
N ASN C 8 -20.79 -21.46 17.54
CA ASN C 8 -20.78 -21.01 18.92
C ASN C 8 -20.98 -19.51 18.89
N PRO C 9 -21.50 -18.93 19.98
CA PRO C 9 -21.72 -17.47 20.00
C PRO C 9 -20.39 -16.72 20.16
N ALA C 10 -20.42 -15.41 19.99
CA ALA C 10 -19.22 -14.60 20.14
C ALA C 10 -18.95 -14.57 21.64
N VAL C 11 -20.02 -14.45 22.42
CA VAL C 11 -19.96 -14.43 23.88
C VAL C 11 -21.27 -15.00 24.42
N GLU C 12 -21.18 -15.92 25.39
CA GLU C 12 -22.37 -16.53 25.98
C GLU C 12 -23.30 -15.44 26.49
N PRO C 13 -24.57 -15.48 26.10
CA PRO C 13 -25.57 -14.49 26.54
C PRO C 13 -25.60 -14.29 28.05
N SER C 14 -25.38 -15.38 28.79
CA SER C 14 -25.40 -15.33 30.24
C SER C 14 -24.16 -14.67 30.86
N MET C 15 -23.30 -14.12 30.02
CA MET C 15 -22.08 -13.48 30.53
C MET C 15 -21.88 -12.05 30.07
N GLU C 16 -22.52 -11.69 28.95
CA GLU C 16 -22.39 -10.35 28.39
C GLU C 16 -22.56 -9.25 29.42
N ASP C 17 -23.67 -9.26 30.14
CA ASP C 17 -23.93 -8.24 31.15
C ASP C 17 -22.80 -8.08 32.16
N ASP C 18 -22.31 -9.20 32.69
CA ASP C 18 -21.24 -9.14 33.68
C ASP C 18 -19.92 -8.63 33.12
N LEU C 19 -19.56 -9.08 31.92
CA LEU C 19 -18.32 -8.64 31.31
C LEU C 19 -18.42 -7.15 31.08
N PHE C 20 -19.57 -6.73 30.53
CA PHE C 20 -19.81 -5.32 30.29
C PHE C 20 -19.56 -4.51 31.57
N ALA C 21 -20.21 -4.95 32.65
CA ALA C 21 -20.08 -4.29 33.94
C ALA C 21 -18.63 -4.21 34.42
N ARG C 22 -17.92 -5.34 34.38
CA ARG C 22 -16.53 -5.36 34.81
C ARG C 22 -15.65 -4.44 33.95
N GLU C 23 -15.84 -4.48 32.64
CA GLU C 23 -15.03 -3.64 31.74
C GLU C 23 -15.36 -2.17 31.99
N VAL C 24 -16.64 -1.86 32.18
CA VAL C 24 -17.04 -0.49 32.45
C VAL C 24 -16.37 -0.01 33.74
N ALA C 25 -16.15 -0.93 34.68
CA ALA C 25 -15.53 -0.58 35.95
C ALA C 25 -14.06 -0.24 35.69
N GLU C 26 -13.39 -1.07 34.90
CA GLU C 26 -11.99 -0.84 34.59
C GLU C 26 -11.80 0.54 33.93
N VAL C 27 -12.71 0.91 33.03
CA VAL C 27 -12.61 2.20 32.35
C VAL C 27 -12.75 3.38 33.31
N LYS C 28 -13.69 3.28 34.24
CA LYS C 28 -13.89 4.35 35.22
C LYS C 28 -12.64 4.47 36.09
N GLN C 29 -12.07 3.33 36.45
CA GLN C 29 -10.86 3.30 37.25
C GLN C 29 -9.74 3.98 36.46
N TRP C 30 -9.63 3.60 35.20
CA TRP C 30 -8.62 4.16 34.31
C TRP C 30 -8.73 5.68 34.21
N TRP C 31 -9.94 6.17 33.99
CA TRP C 31 -10.17 7.59 33.87
C TRP C 31 -9.86 8.39 35.14
N SER C 32 -9.84 7.72 36.29
CA SER C 32 -9.56 8.40 37.56
C SER C 32 -8.06 8.64 37.76
N ASP C 33 -7.24 8.05 36.88
CA ASP C 33 -5.79 8.22 36.97
C ASP C 33 -5.42 9.69 36.81
N PRO C 34 -4.35 10.16 37.46
CA PRO C 34 -3.96 11.58 37.34
C PRO C 34 -3.70 12.06 35.91
N ARG C 35 -3.37 11.13 35.01
CA ARG C 35 -3.14 11.49 33.62
C ARG C 35 -4.34 12.27 33.06
N TRP C 36 -5.53 11.93 33.54
CA TRP C 36 -6.75 12.55 33.04
C TRP C 36 -7.37 13.67 33.89
N ARG C 37 -6.64 14.17 34.89
CA ARG C 37 -7.18 15.20 35.77
C ARG C 37 -7.60 16.52 35.10
N TYR C 38 -6.99 16.85 33.97
CA TYR C 38 -7.34 18.08 33.26
C TYR C 38 -8.30 17.82 32.10
N THR C 39 -8.74 16.57 31.96
CA THR C 39 -9.57 16.15 30.85
C THR C 39 -11.09 16.02 30.97
N LYS C 40 -11.81 16.79 30.17
CA LYS C 40 -13.27 16.72 30.16
C LYS C 40 -13.69 15.70 29.10
N ARG C 41 -14.55 14.77 29.49
CA ARG C 41 -15.05 13.75 28.57
C ARG C 41 -16.58 13.83 28.53
N PRO C 42 -17.13 14.38 27.44
CA PRO C 42 -18.58 14.54 27.28
C PRO C 42 -19.31 13.25 26.91
N PHE C 43 -18.83 12.13 27.43
CA PHE C 43 -19.47 10.86 27.19
C PHE C 43 -19.21 9.97 28.38
N THR C 44 -19.95 8.88 28.50
CA THR C 44 -19.79 7.98 29.65
C THR C 44 -18.94 6.76 29.34
N ALA C 45 -18.46 6.12 30.40
CA ALA C 45 -17.65 4.92 30.25
C ALA C 45 -18.51 3.82 29.65
N GLU C 46 -19.80 3.83 29.98
CA GLU C 46 -20.73 2.83 29.46
C GLU C 46 -20.90 3.01 27.95
N GLN C 47 -20.81 4.24 27.49
CA GLN C 47 -20.95 4.55 26.07
C GLN C 47 -19.73 4.04 25.30
N ILE C 48 -18.55 4.23 25.88
CA ILE C 48 -17.30 3.78 25.26
C ILE C 48 -17.21 2.26 25.16
N VAL C 49 -17.42 1.59 26.29
CA VAL C 49 -17.33 0.15 26.33
C VAL C 49 -18.32 -0.51 25.37
N SER C 50 -19.48 0.13 25.19
CA SER C 50 -20.48 -0.42 24.30
C SER C 50 -20.11 -0.29 22.81
N LYS C 51 -18.94 0.32 22.55
CA LYS C 51 -18.49 0.48 21.17
C LYS C 51 -17.30 -0.43 20.90
N ARG C 52 -16.78 -1.06 21.96
CA ARG C 52 -15.64 -1.95 21.83
C ARG C 52 -16.07 -3.32 21.38
N GLY C 53 -15.08 -4.09 20.92
CA GLY C 53 -15.32 -5.45 20.48
C GLY C 53 -15.04 -6.37 21.65
N ASN C 54 -14.98 -7.66 21.40
CA ASN C 54 -14.71 -8.61 22.47
C ASN C 54 -13.23 -8.96 22.60
N LEU C 55 -12.39 -8.42 21.72
CA LEU C 55 -10.97 -8.71 21.79
C LEU C 55 -10.17 -7.46 22.12
N LYS C 56 -9.53 -7.46 23.28
CA LYS C 56 -8.73 -6.33 23.70
C LYS C 56 -7.38 -6.34 22.97
N ILE C 57 -6.95 -5.15 22.55
CA ILE C 57 -5.68 -5.01 21.87
C ILE C 57 -4.78 -4.01 22.60
N GLU C 58 -3.51 -4.35 22.74
CA GLU C 58 -2.52 -3.50 23.39
C GLU C 58 -1.69 -2.86 22.29
N TYR C 59 -1.35 -1.58 22.44
CA TYR C 59 -0.56 -0.88 21.43
C TYR C 59 0.70 -0.25 22.01
N PRO C 60 1.85 -0.49 21.36
CA PRO C 60 3.09 0.11 21.87
C PRO C 60 2.95 1.64 21.87
N SER C 61 1.99 2.12 21.08
CA SER C 61 1.68 3.55 21.00
C SER C 61 1.39 4.06 22.41
N ASN C 62 0.68 3.24 23.18
CA ASN C 62 0.30 3.59 24.55
C ASN C 62 1.51 3.81 25.45
N ALA C 63 2.45 2.86 25.44
CA ALA C 63 3.65 2.96 26.26
C ALA C 63 4.38 4.27 25.93
N GLN C 64 4.48 4.59 24.65
CA GLN C 64 5.14 5.81 24.20
C GLN C 64 4.35 7.03 24.66
N SER C 65 3.02 6.89 24.63
CA SER C 65 2.12 7.95 25.04
C SER C 65 2.42 8.28 26.52
N LYS C 66 2.55 7.23 27.33
CA LYS C 66 2.85 7.35 28.75
C LYS C 66 4.21 8.01 28.96
N LYS C 67 5.19 7.57 28.16
CA LYS C 67 6.53 8.11 28.25
C LYS C 67 6.50 9.60 27.93
N LEU C 68 5.85 9.96 26.83
CA LEU C 68 5.76 11.36 26.44
C LEU C 68 5.08 12.18 27.53
N TRP C 69 4.01 11.66 28.09
CA TRP C 69 3.30 12.38 29.13
C TRP C 69 4.21 12.64 30.33
N LYS C 70 5.00 11.65 30.72
CA LYS C 70 5.91 11.81 31.86
C LYS C 70 6.91 12.92 31.57
N ILE C 71 7.42 12.94 30.34
CA ILE C 71 8.37 13.95 29.92
C ILE C 71 7.75 15.34 30.02
N LEU C 72 6.69 15.57 29.23
CA LEU C 72 6.03 16.86 29.21
C LEU C 72 5.56 17.35 30.59
N GLU C 73 5.12 16.43 31.44
CA GLU C 73 4.68 16.81 32.78
C GLU C 73 5.88 17.42 33.51
N GLY C 74 7.03 16.75 33.44
CA GLY C 74 8.22 17.27 34.07
C GLY C 74 8.58 18.64 33.51
N ARG C 75 8.70 18.71 32.18
CA ARG C 75 9.04 19.98 31.52
C ARG C 75 8.17 21.16 31.97
N PHE C 76 6.85 21.03 31.85
CA PHE C 76 5.93 22.09 32.23
C PHE C 76 6.11 22.50 33.70
N GLN C 77 6.12 21.53 34.59
CA GLN C 77 6.29 21.80 36.02
C GLN C 77 7.55 22.60 36.31
N LYS C 78 8.65 22.28 35.64
CA LYS C 78 9.92 22.98 35.84
C LYS C 78 10.08 24.15 34.86
N ARG C 79 9.03 24.41 34.10
CA ARG C 79 9.06 25.46 33.09
C ARG C 79 10.25 25.32 32.16
N ASP C 80 10.48 24.09 31.71
CA ASP C 80 11.55 23.77 30.77
C ASP C 80 10.81 23.35 29.50
N ALA C 81 11.56 22.84 28.54
CA ALA C 81 10.94 22.39 27.31
C ALA C 81 11.70 21.30 26.59
N SER C 82 10.94 20.41 25.97
CA SER C 82 11.52 19.37 25.15
C SER C 82 11.32 20.02 23.79
N TYR C 83 12.33 19.95 22.93
CA TYR C 83 12.20 20.51 21.60
C TYR C 83 12.80 19.56 20.58
N THR C 84 12.20 19.54 19.39
CA THR C 84 12.67 18.64 18.36
C THR C 84 12.45 19.27 17.01
N TYR C 85 12.35 18.45 15.97
CA TYR C 85 12.12 19.00 14.64
C TYR C 85 11.57 17.93 13.70
N GLY C 86 11.01 18.37 12.58
CA GLY C 86 10.42 17.44 11.62
C GLY C 86 11.42 16.47 11.03
N CYS C 87 11.20 15.18 11.29
CA CYS C 87 12.08 14.11 10.80
C CYS C 87 11.56 13.52 9.49
N LEU C 88 12.45 13.32 8.51
CA LEU C 88 12.08 12.79 7.20
C LEU C 88 12.05 11.28 7.05
N GLU C 89 13.09 10.60 7.54
CA GLU C 89 13.16 9.15 7.39
C GLU C 89 14.01 8.47 8.46
N PRO C 90 14.11 7.14 8.44
CA PRO C 90 14.88 6.37 9.42
C PRO C 90 16.31 6.79 9.74
N THR C 91 17.10 7.13 8.73
CA THR C 91 18.48 7.53 8.94
C THR C 91 18.54 8.71 9.90
N MET C 92 17.75 9.74 9.59
CA MET C 92 17.69 10.94 10.38
C MET C 92 17.21 10.67 11.81
N VAL C 93 16.21 9.81 11.94
CA VAL C 93 15.67 9.51 13.27
C VAL C 93 16.67 8.82 14.20
N THR C 94 17.60 8.03 13.66
CA THR C 94 18.58 7.35 14.51
C THR C 94 19.66 8.31 15.02
N GLN C 95 19.86 9.42 14.31
CA GLN C 95 20.85 10.41 14.73
C GLN C 95 20.20 11.37 15.73
N MET C 96 18.98 11.79 15.43
CA MET C 96 18.22 12.69 16.30
C MET C 96 18.05 12.05 17.69
N ALA C 97 17.95 10.73 17.72
CA ALA C 97 17.73 10.01 18.96
C ALA C 97 18.81 10.23 20.03
N LYS C 98 20.01 10.59 19.60
CA LYS C 98 21.12 10.80 20.53
C LYS C 98 21.00 12.09 21.36
N TYR C 99 20.38 13.12 20.78
CA TYR C 99 20.29 14.42 21.46
C TYR C 99 18.89 14.99 21.70
N LEU C 100 17.86 14.36 21.15
CA LEU C 100 16.49 14.87 21.29
C LEU C 100 15.55 13.78 21.81
N ASP C 101 14.81 14.07 22.88
CA ASP C 101 13.92 13.07 23.47
C ASP C 101 12.56 12.85 22.78
N THR C 102 12.25 13.62 21.75
CA THR C 102 10.99 13.43 21.04
C THR C 102 11.21 13.57 19.53
N VAL C 103 10.22 13.14 18.75
CA VAL C 103 10.31 13.20 17.29
C VAL C 103 9.04 13.82 16.72
N TYR C 104 9.19 14.76 15.79
CA TYR C 104 8.04 15.37 15.17
C TYR C 104 7.89 14.87 13.74
N VAL C 105 6.64 14.67 13.33
CA VAL C 105 6.33 14.21 11.98
C VAL C 105 5.43 15.28 11.37
N SER C 106 5.99 15.98 10.39
CA SER C 106 5.31 17.08 9.72
C SER C 106 4.50 16.69 8.49
N GLY C 107 3.29 17.26 8.41
CA GLY C 107 2.40 17.02 7.29
C GLY C 107 2.93 17.78 6.09
N TRP C 108 3.53 18.94 6.36
CA TRP C 108 4.12 19.78 5.32
C TRP C 108 5.21 18.94 4.65
N GLN C 109 6.12 18.40 5.45
CA GLN C 109 7.20 17.60 4.91
C GLN C 109 6.65 16.35 4.22
N SER C 110 5.63 15.74 4.81
CA SER C 110 5.05 14.53 4.24
C SER C 110 4.45 14.81 2.85
N SER C 111 3.97 16.02 2.64
CA SER C 111 3.36 16.38 1.37
C SER C 111 4.39 16.53 0.26
N SER C 112 5.59 16.99 0.61
CA SER C 112 6.63 17.16 -0.39
C SER C 112 7.50 15.93 -0.53
N THR C 113 7.43 15.02 0.44
CA THR C 113 8.28 13.84 0.38
C THR C 113 7.71 12.49 0.83
N ALA C 114 6.45 12.42 1.24
CA ALA C 114 5.93 11.12 1.69
C ALA C 114 4.45 10.76 1.43
N SER C 115 3.80 11.42 0.49
CA SER C 115 2.41 11.07 0.23
C SER C 115 2.35 9.57 0.00
N SER C 116 1.33 8.93 0.54
CA SER C 116 1.17 7.50 0.38
C SER C 116 0.90 7.15 -1.10
N SER C 117 0.66 8.15 -1.92
CA SER C 117 0.42 7.91 -3.35
C SER C 117 1.63 8.35 -4.18
N ASP C 118 2.65 8.86 -3.51
CA ASP C 118 3.86 9.33 -4.16
C ASP C 118 3.68 10.61 -4.97
N GLU C 119 2.47 11.16 -4.97
CA GLU C 119 2.21 12.42 -5.69
C GLU C 119 2.47 13.53 -4.67
N PRO C 120 3.60 14.25 -4.84
CA PRO C 120 3.98 15.35 -3.94
C PRO C 120 3.21 16.62 -4.23
N GLY C 121 3.42 17.62 -3.40
CA GLY C 121 2.71 18.88 -3.59
C GLY C 121 2.83 19.77 -2.38
N PRO C 122 2.32 21.01 -2.49
CA PRO C 122 2.36 21.98 -1.39
C PRO C 122 1.50 21.52 -0.22
N ASP C 123 1.78 22.07 0.95
CA ASP C 123 1.09 21.72 2.18
C ASP C 123 -0.39 22.10 2.19
N LEU C 124 -1.23 21.20 1.68
CA LEU C 124 -2.67 21.46 1.62
C LEU C 124 -3.47 20.31 2.22
N ALA C 125 -2.78 19.41 2.89
CA ALA C 125 -3.42 18.24 3.49
C ALA C 125 -4.29 17.52 2.47
N ASP C 126 -3.84 17.43 1.22
CA ASP C 126 -4.65 16.76 0.22
C ASP C 126 -4.06 15.46 -0.30
N TYR C 127 -3.20 14.85 0.51
CA TYR C 127 -2.62 13.56 0.18
C TYR C 127 -3.57 12.58 0.84
N PRO C 128 -3.48 11.28 0.53
CA PRO C 128 -4.39 10.32 1.17
C PRO C 128 -4.10 10.39 2.67
N TYR C 129 -5.10 10.24 3.53
CA TYR C 129 -4.85 10.38 4.96
C TYR C 129 -4.01 9.29 5.63
N THR C 130 -3.58 8.32 4.84
CA THR C 130 -2.73 7.25 5.36
C THR C 130 -1.29 7.80 5.39
N THR C 131 -1.07 8.90 4.68
CA THR C 131 0.26 9.52 4.58
C THR C 131 1.05 9.71 5.88
N VAL C 132 0.54 10.55 6.78
CA VAL C 132 1.25 10.80 8.03
C VAL C 132 1.35 9.59 8.95
N PRO C 133 0.23 8.87 9.18
CA PRO C 133 0.39 7.72 10.07
C PRO C 133 1.43 6.75 9.50
N ASN C 134 1.45 6.60 8.17
CA ASN C 134 2.43 5.70 7.54
C ASN C 134 3.85 6.19 7.80
N LYS C 135 4.03 7.50 7.81
CA LYS C 135 5.35 8.04 8.08
C LYS C 135 5.69 7.67 9.54
N VAL C 136 4.72 7.83 10.44
CA VAL C 136 4.94 7.49 11.85
C VAL C 136 5.40 6.03 11.96
N SER C 137 4.72 5.13 11.27
CA SER C 137 5.10 3.72 11.29
C SER C 137 6.51 3.60 10.73
N HIS C 138 6.78 4.34 9.66
CA HIS C 138 8.09 4.29 9.04
C HIS C 138 9.18 4.55 10.08
N LEU C 139 9.04 5.62 10.83
CA LEU C 139 10.04 5.97 11.84
C LEU C 139 10.04 5.04 13.07
N PHE C 140 8.85 4.69 13.55
CA PHE C 140 8.73 3.84 14.73
C PHE C 140 9.28 2.42 14.54
N MET C 141 8.96 1.78 13.41
CA MET C 141 9.46 0.44 13.14
C MET C 141 10.98 0.50 13.10
N ALA C 142 11.52 1.62 12.62
CA ALA C 142 12.96 1.79 12.54
C ALA C 142 13.52 1.92 13.97
N GLN C 143 12.86 2.73 14.81
CA GLN C 143 13.31 2.91 16.19
C GLN C 143 13.35 1.55 16.88
N LEU C 144 12.26 0.79 16.76
CA LEU C 144 12.14 -0.55 17.36
C LEU C 144 13.28 -1.47 16.93
N PHE C 145 13.62 -1.42 15.64
CA PHE C 145 14.69 -2.26 15.12
C PHE C 145 16.03 -1.89 15.76
N HIS C 146 16.37 -0.61 15.73
CA HIS C 146 17.65 -0.16 16.29
C HIS C 146 17.74 -0.38 17.81
N ASP C 147 16.59 -0.35 18.48
CA ASP C 147 16.57 -0.61 19.92
C ASP C 147 16.97 -2.06 20.14
N ARG C 148 16.43 -2.98 19.33
CA ARG C 148 16.76 -4.40 19.46
C ARG C 148 18.23 -4.61 19.13
N LYS C 149 18.67 -4.08 17.98
CA LYS C 149 20.05 -4.20 17.55
C LYS C 149 21.04 -3.78 18.65
N GLN C 150 20.81 -2.61 19.23
CA GLN C 150 21.70 -2.11 20.26
C GLN C 150 21.59 -2.92 21.55
N ARG C 151 20.38 -3.36 21.91
CA ARG C 151 20.24 -4.14 23.12
C ARG C 151 21.06 -5.42 23.00
N HIS C 152 20.95 -6.08 21.85
CA HIS C 152 21.68 -7.31 21.59
C HIS C 152 23.19 -7.08 21.66
N GLU C 153 23.66 -5.99 21.10
CA GLU C 153 25.09 -5.68 21.13
C GLU C 153 25.56 -5.50 22.56
N ARG C 154 24.81 -4.70 23.32
CA ARG C 154 25.17 -4.42 24.70
C ARG C 154 25.12 -5.68 25.59
N LEU C 155 24.02 -6.43 25.52
CA LEU C 155 23.92 -7.64 26.33
C LEU C 155 24.95 -8.69 25.94
N SER C 156 25.24 -8.80 24.64
CA SER C 156 26.22 -9.77 24.15
C SER C 156 27.64 -9.49 24.63
N ALA C 157 27.87 -8.28 25.14
CA ALA C 157 29.18 -7.91 25.63
C ALA C 157 29.27 -7.96 27.16
N PRO C 158 30.46 -8.26 27.69
CA PRO C 158 30.68 -8.33 29.14
C PRO C 158 30.37 -6.97 29.76
N LYS C 159 29.61 -6.96 30.85
CA LYS C 159 29.26 -5.71 31.50
C LYS C 159 30.40 -4.69 31.59
N SER C 160 31.57 -5.17 32.00
CA SER C 160 32.74 -4.31 32.16
C SER C 160 33.15 -3.56 30.89
N GLU C 161 32.55 -3.91 29.76
CA GLU C 161 32.90 -3.26 28.49
C GLU C 161 31.77 -2.44 27.86
N ARG C 162 30.58 -2.54 28.43
CA ARG C 162 29.42 -1.84 27.92
C ARG C 162 29.53 -0.31 27.92
N SER C 163 30.30 0.24 28.86
CA SER C 163 30.48 1.69 28.94
C SER C 163 31.16 2.21 27.69
N LYS C 164 31.78 1.31 26.94
CA LYS C 164 32.48 1.67 25.72
C LYS C 164 31.52 1.65 24.52
N LEU C 165 30.32 1.12 24.74
CA LEU C 165 29.31 1.03 23.68
C LEU C 165 28.25 2.12 23.80
N GLN C 166 27.54 2.37 22.70
CA GLN C 166 26.48 3.36 22.68
C GLN C 166 25.30 2.86 23.51
N ASN C 167 24.47 3.79 23.99
CA ASN C 167 23.29 3.43 24.76
C ASN C 167 22.26 4.51 24.44
N ILE C 168 22.01 4.63 23.14
CA ILE C 168 21.06 5.59 22.59
C ILE C 168 19.63 5.20 22.91
N ASP C 169 18.81 6.17 23.28
CA ASP C 169 17.40 5.89 23.54
C ASP C 169 16.68 6.10 22.22
N TYR C 170 16.57 5.04 21.43
CA TYR C 170 15.92 5.11 20.13
C TYR C 170 14.42 5.30 20.23
N LEU C 171 13.85 4.88 21.36
CA LEU C 171 12.41 4.97 21.58
C LEU C 171 11.93 6.37 21.98
N ARG C 172 12.20 7.36 21.14
CA ARG C 172 11.79 8.73 21.41
C ARG C 172 10.35 8.93 20.94
N PRO C 173 9.44 9.27 21.86
CA PRO C 173 8.02 9.50 21.52
C PRO C 173 7.82 10.40 20.29
N ILE C 174 6.96 9.94 19.38
CA ILE C 174 6.64 10.67 18.15
C ILE C 174 5.30 11.41 18.24
N ILE C 175 5.30 12.71 17.94
CA ILE C 175 4.07 13.49 17.91
C ILE C 175 3.83 13.69 16.41
N ALA C 176 2.61 13.50 15.94
CA ALA C 176 2.35 13.62 14.50
C ALA C 176 1.21 14.54 14.10
N ASP C 177 1.30 15.04 12.87
CA ASP C 177 0.32 15.96 12.30
C ASP C 177 -0.91 15.25 11.72
N ALA C 178 -2.09 15.60 12.26
CA ALA C 178 -3.36 15.02 11.81
C ALA C 178 -4.13 16.06 10.98
N ASP C 179 -3.44 17.12 10.57
CA ASP C 179 -4.06 18.18 9.78
C ASP C 179 -5.38 18.65 10.42
N THR C 180 -6.48 18.59 9.67
CA THR C 180 -7.76 19.02 10.25
C THR C 180 -8.64 17.81 10.56
N GLY C 181 -8.10 16.61 10.43
CA GLY C 181 -8.88 15.43 10.70
C GLY C 181 -9.19 14.71 9.39
N HIS C 182 -8.90 15.37 8.29
CA HIS C 182 -9.12 14.83 6.95
C HIS C 182 -10.57 14.50 6.63
N GLY C 183 -11.47 15.44 6.93
CA GLY C 183 -12.87 15.21 6.63
C GLY C 183 -13.79 15.29 7.83
N GLY C 184 -14.83 14.46 7.84
CA GLY C 184 -15.79 14.46 8.92
C GLY C 184 -15.29 13.81 10.20
N LEU C 185 -16.18 13.73 11.19
CA LEU C 185 -15.83 13.14 12.47
C LEU C 185 -15.52 11.65 12.35
N THR C 186 -16.19 10.98 11.42
CA THR C 186 -15.94 9.55 11.23
C THR C 186 -14.54 9.35 10.67
N ALA C 187 -14.08 10.31 9.88
CA ALA C 187 -12.72 10.26 9.32
C ALA C 187 -11.74 10.55 10.46
N VAL C 188 -12.06 11.52 11.30
CA VAL C 188 -11.20 11.86 12.43
C VAL C 188 -10.90 10.63 13.29
N MET C 189 -11.94 9.88 13.62
CA MET C 189 -11.74 8.69 14.44
C MET C 189 -10.95 7.62 13.70
N LYS C 190 -11.16 7.52 12.39
CA LYS C 190 -10.42 6.54 11.60
C LYS C 190 -8.94 6.94 11.52
N LEU C 191 -8.68 8.22 11.27
CA LEU C 191 -7.31 8.71 11.19
C LEU C 191 -6.64 8.51 12.55
N THR C 192 -7.38 8.76 13.63
CA THR C 192 -6.84 8.59 14.97
C THR C 192 -6.52 7.11 15.22
N LYS C 193 -7.40 6.22 14.77
CA LYS C 193 -7.20 4.79 14.93
C LYS C 193 -5.87 4.36 14.27
N LEU C 194 -5.61 4.89 13.07
CA LEU C 194 -4.38 4.56 12.35
C LEU C 194 -3.15 5.08 13.10
N PHE C 195 -3.19 6.34 13.51
CA PHE C 195 -2.07 6.90 14.24
C PHE C 195 -1.72 6.02 15.45
N ILE C 196 -2.74 5.54 16.16
CA ILE C 196 -2.49 4.71 17.34
C ILE C 196 -1.92 3.35 16.93
N GLU C 197 -2.44 2.79 15.84
CA GLU C 197 -1.96 1.50 15.37
C GLU C 197 -0.52 1.62 14.84
N LYS C 198 -0.20 2.80 14.31
CA LYS C 198 1.14 3.04 13.76
C LYS C 198 2.24 3.39 14.75
N GLY C 199 1.87 3.77 15.97
CA GLY C 199 2.88 4.08 16.97
C GLY C 199 2.98 5.52 17.49
N ALA C 200 2.03 6.36 17.14
CA ALA C 200 2.08 7.76 17.58
C ALA C 200 1.92 7.93 19.10
N ALA C 201 2.68 8.85 19.69
CA ALA C 201 2.59 9.10 21.13
C ALA C 201 1.56 10.21 21.32
N GLY C 202 1.46 11.05 20.28
CA GLY C 202 0.51 12.15 20.28
C GLY C 202 0.29 12.65 18.86
N ILE C 203 -0.83 13.34 18.66
CA ILE C 203 -1.15 13.92 17.35
C ILE C 203 -1.72 15.31 17.62
N HIS C 204 -1.63 16.19 16.62
CA HIS C 204 -2.19 17.53 16.75
C HIS C 204 -3.16 17.74 15.58
N ILE C 205 -4.24 18.49 15.85
CA ILE C 205 -5.25 18.76 14.84
C ILE C 205 -5.62 20.25 14.92
N GLU C 206 -5.71 20.89 13.75
CA GLU C 206 -5.99 22.33 13.67
C GLU C 206 -7.43 22.70 13.30
N ASP C 207 -7.83 23.91 13.71
CA ASP C 207 -9.19 24.38 13.46
C ASP C 207 -9.49 25.03 12.12
N GLN C 208 -8.81 24.59 11.06
CA GLN C 208 -9.07 25.12 9.72
C GLN C 208 -10.08 24.16 9.07
N ALA C 209 -10.57 24.49 7.88
CA ALA C 209 -11.50 23.62 7.16
C ALA C 209 -10.66 22.71 6.27
N PRO C 210 -10.98 21.41 6.22
CA PRO C 210 -10.23 20.44 5.41
C PRO C 210 -10.06 20.72 3.91
N GLY C 211 -11.14 21.14 3.25
CA GLY C 211 -11.05 21.40 1.82
C GLY C 211 -10.16 22.57 1.45
N THR C 212 -9.84 23.41 2.42
CA THR C 212 -9.00 24.57 2.15
C THR C 212 -7.86 24.72 3.14
N LYS C 213 -7.25 23.60 3.56
CA LYS C 213 -6.15 23.66 4.51
C LYS C 213 -4.92 24.28 3.86
N LYS C 214 -4.35 25.28 4.54
CA LYS C 214 -3.15 25.98 4.08
C LYS C 214 -2.10 25.92 5.19
N CYS C 215 -0.86 26.27 4.87
CA CYS C 215 0.18 26.26 5.89
C CYS C 215 0.17 27.57 6.67
N GLY C 216 0.48 27.48 7.96
CA GLY C 216 0.49 28.62 8.86
C GLY C 216 0.61 30.05 8.35
N HIS C 217 1.72 30.38 7.70
CA HIS C 217 1.94 31.74 7.20
C HIS C 217 1.30 32.04 5.84
N MET C 218 0.17 31.41 5.54
CA MET C 218 -0.50 31.66 4.26
C MET C 218 -1.50 32.81 4.26
N GLY C 219 -1.88 33.23 3.06
CA GLY C 219 -2.81 34.33 2.86
C GLY C 219 -4.13 34.30 3.59
N GLY C 220 -5.09 33.56 3.08
CA GLY C 220 -6.40 33.51 3.71
C GLY C 220 -6.85 32.14 4.19
N LYS C 221 -6.61 31.86 5.46
CA LYS C 221 -7.01 30.58 6.02
C LYS C 221 -8.47 30.60 6.47
N VAL C 222 -9.17 29.51 6.20
CA VAL C 222 -10.58 29.40 6.57
C VAL C 222 -10.73 28.55 7.84
N LEU C 223 -11.39 29.10 8.84
CA LEU C 223 -11.59 28.39 10.11
C LEU C 223 -12.95 27.69 10.18
N VAL C 224 -13.05 26.67 11.03
CA VAL C 224 -14.32 26.00 11.24
C VAL C 224 -14.82 26.64 12.53
N PRO C 225 -16.09 26.41 12.88
CA PRO C 225 -16.62 27.00 14.11
C PRO C 225 -15.97 26.35 15.33
N ILE C 226 -15.91 27.08 16.44
CA ILE C 226 -15.31 26.56 17.66
C ILE C 226 -15.85 25.19 18.01
N SER C 227 -17.16 25.07 17.99
CA SER C 227 -17.83 23.81 18.32
C SER C 227 -17.41 22.64 17.42
N GLU C 228 -17.18 22.92 16.13
CA GLU C 228 -16.80 21.85 15.23
C GLU C 228 -15.41 21.32 15.60
N HIS C 229 -14.47 22.23 15.89
CA HIS C 229 -13.14 21.76 16.26
C HIS C 229 -13.16 21.02 17.59
N ILE C 230 -14.05 21.43 18.50
CA ILE C 230 -14.15 20.71 19.77
C ILE C 230 -14.64 19.29 19.48
N ASN C 231 -15.56 19.15 18.51
CA ASN C 231 -16.06 17.82 18.17
C ASN C 231 -14.91 16.93 17.72
N ARG C 232 -13.96 17.51 16.99
CA ARG C 232 -12.81 16.76 16.51
C ARG C 232 -11.93 16.27 17.67
N LEU C 233 -11.65 17.17 18.60
CA LEU C 233 -10.83 16.84 19.76
C LEU C 233 -11.52 15.76 20.59
N VAL C 234 -12.84 15.84 20.72
CA VAL C 234 -13.59 14.84 21.48
C VAL C 234 -13.58 13.51 20.73
N ALA C 235 -13.67 13.57 19.40
CA ALA C 235 -13.66 12.35 18.58
C ALA C 235 -12.33 11.65 18.76
N ILE C 236 -11.26 12.44 18.86
CA ILE C 236 -9.95 11.85 19.05
C ILE C 236 -9.90 11.13 20.39
N ARG C 237 -10.32 11.80 21.47
CA ARG C 237 -10.28 11.18 22.79
C ARG C 237 -11.14 9.92 22.83
N ALA C 238 -12.32 9.97 22.22
CA ALA C 238 -13.21 8.81 22.21
C ALA C 238 -12.57 7.59 21.57
N GLN C 239 -11.92 7.79 20.41
CA GLN C 239 -11.26 6.69 19.71
C GLN C 239 -10.14 6.13 20.57
N ALA C 240 -9.44 7.02 21.26
CA ALA C 240 -8.35 6.63 22.15
C ALA C 240 -8.94 5.81 23.30
N ASP C 241 -10.05 6.28 23.83
CA ASP C 241 -10.71 5.58 24.95
C ASP C 241 -11.18 4.22 24.50
N ILE C 242 -11.75 4.15 23.29
CA ILE C 242 -12.22 2.88 22.77
C ILE C 242 -11.04 1.93 22.70
N MET C 243 -9.91 2.44 22.23
CA MET C 243 -8.71 1.62 22.11
C MET C 243 -7.94 1.39 23.39
N GLY C 244 -8.34 2.08 24.46
CA GLY C 244 -7.69 1.93 25.75
C GLY C 244 -6.29 2.48 25.85
N VAL C 245 -6.03 3.58 25.15
CA VAL C 245 -4.70 4.16 25.16
C VAL C 245 -4.67 5.60 25.66
N ASP C 246 -3.49 6.07 26.05
CA ASP C 246 -3.32 7.41 26.58
C ASP C 246 -2.87 8.50 25.61
N LEU C 247 -3.06 8.25 24.31
CA LEU C 247 -2.67 9.20 23.27
C LEU C 247 -2.90 10.67 23.62
N LEU C 248 -1.86 11.49 23.49
CA LEU C 248 -2.00 12.92 23.77
C LEU C 248 -2.68 13.60 22.60
N ALA C 249 -3.59 14.51 22.92
CA ALA C 249 -4.32 15.26 21.90
C ALA C 249 -3.91 16.72 22.00
N ILE C 250 -3.33 17.23 20.91
CA ILE C 250 -2.88 18.60 20.85
C ILE C 250 -3.76 19.41 19.93
N ALA C 251 -4.28 20.53 20.44
CA ALA C 251 -5.15 21.39 19.66
C ALA C 251 -4.38 22.59 19.11
N ARG C 252 -4.49 22.82 17.80
CA ARG C 252 -3.82 23.95 17.17
C ARG C 252 -4.85 24.93 16.62
N THR C 253 -4.61 26.22 16.85
CA THR C 253 -5.51 27.22 16.31
C THR C 253 -4.76 28.11 15.32
N ASP C 254 -5.43 28.41 14.21
CA ASP C 254 -4.88 29.27 13.16
C ASP C 254 -5.62 30.60 13.18
N ALA C 255 -6.36 30.86 14.26
CA ALA C 255 -7.14 32.08 14.39
C ALA C 255 -6.32 33.36 14.47
N GLU C 256 -5.02 33.25 14.70
CA GLU C 256 -4.18 34.44 14.80
C GLU C 256 -4.11 35.17 13.47
N ALA C 257 -4.19 34.44 12.36
CA ALA C 257 -4.11 35.06 11.04
C ALA C 257 -5.23 34.68 10.06
N ALA C 258 -6.17 33.83 10.48
CA ALA C 258 -7.26 33.45 9.59
C ALA C 258 -8.19 34.63 9.31
N THR C 259 -8.74 34.67 8.10
CA THR C 259 -9.63 35.76 7.71
C THR C 259 -11.03 35.31 7.33
N LEU C 260 -11.26 34.01 7.34
CA LEU C 260 -12.57 33.47 6.97
C LEU C 260 -13.01 32.38 7.93
N ILE C 261 -14.30 32.10 7.93
CA ILE C 261 -14.84 31.05 8.77
C ILE C 261 -16.02 30.49 8.00
N THR C 262 -16.16 29.17 8.00
CA THR C 262 -17.24 28.50 7.26
C THR C 262 -18.66 28.94 7.59
N THR C 263 -18.96 29.14 8.87
CA THR C 263 -20.30 29.53 9.28
C THR C 263 -20.31 30.40 10.54
N SER C 264 -21.42 31.10 10.74
CA SER C 264 -21.59 31.99 11.89
C SER C 264 -22.53 31.37 12.92
N ILE C 265 -22.72 30.07 12.82
CA ILE C 265 -23.62 29.36 13.72
C ILE C 265 -23.23 29.31 15.21
N ASP C 266 -21.93 29.34 15.49
CA ASP C 266 -21.45 29.27 16.87
C ASP C 266 -21.34 30.65 17.52
N PRO C 267 -22.17 30.91 18.54
CA PRO C 267 -22.18 32.19 19.25
C PRO C 267 -20.82 32.63 19.80
N ARG C 268 -19.94 31.69 20.12
CA ARG C 268 -18.62 32.05 20.64
C ARG C 268 -17.76 32.65 19.54
N ASP C 269 -18.21 32.52 18.30
CA ASP C 269 -17.48 33.07 17.16
C ASP C 269 -18.03 34.45 16.80
N HIS C 270 -19.21 34.75 17.31
CA HIS C 270 -19.87 36.02 17.01
C HIS C 270 -19.11 37.32 17.26
N ALA C 271 -18.28 37.36 18.30
CA ALA C 271 -17.55 38.59 18.59
C ALA C 271 -16.40 38.89 17.63
N PHE C 272 -16.14 38.01 16.68
CA PHE C 272 -15.03 38.22 15.75
C PHE C 272 -15.45 38.28 14.30
N ILE C 273 -16.68 37.82 14.02
CA ILE C 273 -17.18 37.82 12.65
C ILE C 273 -17.41 39.25 12.16
N LEU C 274 -16.84 39.57 10.99
CA LEU C 274 -16.98 40.90 10.42
C LEU C 274 -18.30 41.10 9.72
N GLY C 275 -18.94 42.25 9.94
CA GLY C 275 -20.20 42.52 9.31
C GLY C 275 -20.19 43.79 8.49
N CYS C 276 -21.17 43.94 7.60
CA CYS C 276 -21.27 45.14 6.78
C CYS C 276 -22.07 46.16 7.57
N THR C 277 -21.59 47.40 7.63
CA THR C 277 -22.31 48.43 8.37
C THR C 277 -22.96 49.43 7.41
N ASN C 278 -22.74 49.25 6.12
CA ASN C 278 -23.32 50.12 5.10
C ASN C 278 -24.66 49.56 4.64
N PRO C 279 -25.76 50.20 5.05
CA PRO C 279 -27.13 49.79 4.71
C PRO C 279 -27.55 50.03 3.27
N SER C 280 -26.80 50.84 2.55
CA SER C 280 -27.14 51.16 1.17
C SER C 280 -26.60 50.14 0.18
N LEU C 281 -25.76 49.22 0.67
CA LEU C 281 -25.16 48.21 -0.19
C LEU C 281 -25.96 46.92 -0.34
N GLN C 282 -25.80 46.30 -1.50
CA GLN C 282 -26.46 45.03 -1.80
C GLN C 282 -25.41 43.97 -1.44
N PRO C 283 -25.83 42.74 -1.16
CA PRO C 283 -24.82 41.72 -0.82
C PRO C 283 -23.74 41.62 -1.90
N LEU C 284 -22.52 41.31 -1.49
CA LEU C 284 -21.39 41.20 -2.41
C LEU C 284 -21.64 40.15 -3.50
N ALA C 285 -22.19 39.01 -3.10
CA ALA C 285 -22.47 37.94 -4.04
C ALA C 285 -23.36 38.45 -5.16
N ASP C 286 -24.49 39.05 -4.79
CA ASP C 286 -25.42 39.60 -5.79
C ASP C 286 -24.69 40.50 -6.76
N LEU C 287 -23.77 41.30 -6.23
CA LEU C 287 -22.98 42.23 -7.05
C LEU C 287 -22.08 41.48 -8.03
N MET C 288 -21.30 40.54 -7.51
CA MET C 288 -20.38 39.75 -8.31
C MET C 288 -21.14 38.97 -9.37
N ASN C 289 -22.25 38.34 -8.97
CA ASN C 289 -23.04 37.56 -9.91
C ASN C 289 -23.47 38.43 -11.09
N THR C 290 -23.83 39.68 -10.81
CA THR C 290 -24.25 40.60 -11.87
C THR C 290 -22.98 41.14 -12.55
N ALA C 291 -22.08 40.23 -12.91
CA ALA C 291 -20.83 40.60 -13.57
C ALA C 291 -20.08 39.34 -14.00
N ILE C 304 -13.56 45.33 -8.28
CA ILE C 304 -14.94 45.65 -7.93
C ILE C 304 -15.27 45.17 -6.53
N GLU C 305 -14.78 43.97 -6.19
CA GLU C 305 -15.04 43.39 -4.88
C GLU C 305 -14.38 44.25 -3.80
N ASP C 306 -13.08 44.49 -3.96
CA ASP C 306 -12.32 45.31 -3.01
C ASP C 306 -13.08 46.62 -2.82
N GLU C 307 -13.65 47.09 -3.93
CA GLU C 307 -14.42 48.32 -3.93
C GLU C 307 -15.59 48.16 -2.97
N TRP C 308 -16.40 47.12 -3.21
CA TRP C 308 -17.56 46.84 -2.36
C TRP C 308 -17.10 46.69 -0.91
N MET C 309 -16.08 45.85 -0.72
CA MET C 309 -15.51 45.59 0.60
C MET C 309 -15.23 46.87 1.37
N ALA C 310 -14.52 47.80 0.72
CA ALA C 310 -14.17 49.08 1.35
C ALA C 310 -15.42 49.88 1.70
N LYS C 311 -16.38 49.92 0.78
CA LYS C 311 -17.62 50.66 0.99
C LYS C 311 -18.51 49.97 2.03
N ALA C 312 -18.11 48.77 2.45
CA ALA C 312 -18.87 48.00 3.42
C ALA C 312 -18.54 48.40 4.86
N ASN C 313 -17.35 48.96 5.07
CA ASN C 313 -16.91 49.39 6.40
C ASN C 313 -17.09 48.24 7.40
N LEU C 314 -16.37 47.16 7.16
CA LEU C 314 -16.42 45.97 8.00
C LEU C 314 -15.84 46.16 9.39
N LYS C 315 -16.57 45.73 10.40
CA LYS C 315 -16.13 45.84 11.78
C LYS C 315 -16.70 44.69 12.59
N ARG C 316 -16.09 44.41 13.74
CA ARG C 316 -16.61 43.37 14.62
C ARG C 316 -17.84 44.07 15.19
N PHE C 317 -18.81 43.32 15.68
CA PHE C 317 -20.02 43.93 16.22
C PHE C 317 -19.72 44.95 17.31
N ASP C 318 -18.96 44.55 18.34
CA ASP C 318 -18.64 45.45 19.43
C ASP C 318 -18.12 46.81 18.95
N ASP C 319 -17.31 46.79 17.90
CA ASP C 319 -16.77 48.03 17.33
C ASP C 319 -17.87 48.81 16.62
N ALA C 320 -18.77 48.10 15.97
CA ALA C 320 -19.88 48.74 15.27
C ALA C 320 -20.75 49.45 16.31
N VAL C 321 -20.96 48.79 17.44
CA VAL C 321 -21.77 49.35 18.53
C VAL C 321 -21.16 50.63 19.09
N VAL C 322 -19.83 50.63 19.22
CA VAL C 322 -19.10 51.78 19.74
C VAL C 322 -19.33 52.99 18.83
N ASP C 323 -18.96 52.85 17.57
CA ASP C 323 -19.14 53.91 16.59
C ASP C 323 -20.54 54.51 16.68
N VAL C 324 -21.53 53.66 16.85
CA VAL C 324 -22.91 54.10 16.96
C VAL C 324 -23.05 55.05 18.14
N ILE C 325 -22.61 54.59 19.31
CA ILE C 325 -22.68 55.40 20.51
C ILE C 325 -22.06 56.77 20.26
N ASN C 326 -20.76 56.78 19.98
CA ASN C 326 -20.04 58.04 19.74
C ASN C 326 -20.80 58.95 18.77
N ALA C 339 -20.88 53.71 28.26
CA ALA C 339 -20.73 52.59 27.35
C ALA C 339 -20.16 51.36 28.04
N LYS C 340 -20.87 50.86 29.06
CA LYS C 340 -20.46 49.68 29.80
C LYS C 340 -20.74 48.47 28.91
N TYR C 341 -21.15 48.75 27.67
CA TYR C 341 -21.47 47.71 26.69
C TYR C 341 -20.40 46.64 26.57
N LEU C 342 -19.18 47.06 26.25
CA LEU C 342 -18.06 46.14 26.10
C LEU C 342 -17.97 45.17 27.26
N GLN C 343 -18.25 45.65 28.47
CA GLN C 343 -18.19 44.84 29.67
C GLN C 343 -19.17 43.67 29.63
N ALA C 344 -20.45 43.98 29.45
CA ALA C 344 -21.48 42.95 29.44
C ALA C 344 -21.54 42.16 28.12
N ALA C 345 -21.03 42.75 27.06
CA ALA C 345 -21.03 42.11 25.74
C ALA C 345 -19.94 41.05 25.59
N LYS C 346 -19.08 40.94 26.59
CA LYS C 346 -18.00 39.97 26.56
C LYS C 346 -18.51 38.55 26.36
N GLY C 347 -17.94 37.86 25.39
CA GLY C 347 -18.34 36.49 25.10
C GLY C 347 -19.83 36.25 24.98
N LYS C 348 -20.54 37.19 24.37
CA LYS C 348 -21.98 37.06 24.21
C LYS C 348 -22.37 36.85 22.75
N SER C 349 -23.47 36.14 22.52
CA SER C 349 -23.93 35.90 21.16
C SER C 349 -24.40 37.25 20.62
N ASN C 350 -24.52 37.36 19.31
CA ASN C 350 -24.94 38.61 18.70
C ASN C 350 -26.33 39.04 19.20
N ARG C 351 -27.26 38.09 19.24
CA ARG C 351 -28.62 38.35 19.70
C ARG C 351 -28.63 38.86 21.14
N GLU C 352 -27.61 38.47 21.90
CA GLU C 352 -27.50 38.92 23.29
C GLU C 352 -26.85 40.29 23.27
N ALA C 353 -25.72 40.38 22.58
CA ALA C 353 -25.00 41.64 22.45
C ALA C 353 -25.95 42.73 22.00
N ARG C 354 -26.81 42.42 21.04
CA ARG C 354 -27.79 43.38 20.54
C ARG C 354 -28.73 43.75 21.67
N ALA C 355 -29.26 42.74 22.35
CA ALA C 355 -30.17 42.95 23.46
C ALA C 355 -29.49 43.82 24.51
N ILE C 356 -28.19 43.63 24.69
CA ILE C 356 -27.42 44.41 25.66
C ILE C 356 -27.36 45.87 25.21
N ALA C 357 -26.67 46.10 24.09
CA ALA C 357 -26.49 47.43 23.53
C ALA C 357 -27.75 48.30 23.62
N SER C 358 -28.90 47.74 23.29
CA SER C 358 -30.14 48.50 23.34
C SER C 358 -30.54 48.84 24.77
N SER C 359 -30.38 47.88 25.67
CA SER C 359 -30.75 48.09 27.08
C SER C 359 -29.94 49.22 27.68
N LEU C 360 -28.94 49.69 26.95
CA LEU C 360 -28.11 50.80 27.42
C LEU C 360 -28.40 52.06 26.63
N GLY C 361 -29.59 52.14 26.05
CA GLY C 361 -29.97 53.30 25.28
C GLY C 361 -29.52 53.34 23.82
N VAL C 362 -28.48 52.58 23.50
CA VAL C 362 -27.96 52.55 22.12
C VAL C 362 -29.03 52.16 21.10
N PRO C 363 -29.09 52.89 19.98
CA PRO C 363 -30.05 52.65 18.89
C PRO C 363 -29.71 51.36 18.13
N GLU C 364 -30.71 50.80 17.45
CA GLU C 364 -30.50 49.57 16.67
C GLU C 364 -29.33 49.75 15.73
N ILE C 365 -28.31 48.90 15.87
CA ILE C 365 -27.14 48.96 15.02
C ILE C 365 -27.36 48.15 13.75
N PHE C 366 -26.91 48.67 12.61
CA PHE C 366 -27.05 47.96 11.36
C PHE C 366 -25.83 47.07 11.19
N PHE C 367 -26.03 45.77 11.34
CA PHE C 367 -24.92 44.84 11.21
C PHE C 367 -25.35 43.64 10.39
N ASP C 368 -24.60 43.36 9.32
CA ASP C 368 -24.92 42.24 8.46
C ASP C 368 -23.66 41.50 8.02
N TRP C 369 -23.43 40.33 8.61
CA TRP C 369 -22.24 39.55 8.28
C TRP C 369 -22.48 38.52 7.19
N ASP C 370 -23.66 38.54 6.58
CA ASP C 370 -23.96 37.59 5.51
C ASP C 370 -23.66 38.18 4.14
N SER C 371 -23.75 39.50 4.02
CA SER C 371 -23.48 40.18 2.76
C SER C 371 -22.01 40.13 2.29
N PRO C 372 -21.04 40.16 3.24
CA PRO C 372 -19.62 40.11 2.87
C PRO C 372 -19.13 38.74 2.40
N ARG C 373 -19.91 37.70 2.64
CA ARG C 373 -19.53 36.33 2.29
C ARG C 373 -18.89 36.16 0.90
N THR C 374 -17.96 35.21 0.82
CA THR C 374 -17.26 34.91 -0.42
C THR C 374 -18.15 34.06 -1.32
N ARG C 375 -17.72 33.86 -2.56
CA ARG C 375 -18.52 33.07 -3.50
C ARG C 375 -18.62 31.61 -3.06
N GLU C 376 -17.74 31.18 -2.17
CA GLU C 376 -17.78 29.82 -1.65
C GLU C 376 -18.78 29.79 -0.48
N GLY C 377 -19.21 30.96 -0.04
CA GLY C 377 -20.15 31.05 1.06
C GLY C 377 -19.48 31.30 2.41
N TYR C 378 -18.20 31.64 2.40
CA TYR C 378 -17.47 31.88 3.64
C TYR C 378 -17.68 33.25 4.26
N PHE C 379 -17.75 33.29 5.58
CA PHE C 379 -17.92 34.55 6.31
C PHE C 379 -16.56 35.16 6.59
N ARG C 380 -16.56 36.48 6.80
CA ARG C 380 -15.32 37.21 7.08
C ARG C 380 -15.14 37.28 8.59
N ILE C 381 -13.89 37.25 9.03
CA ILE C 381 -13.59 37.35 10.45
C ILE C 381 -12.27 38.09 10.64
N LYS C 382 -12.16 38.79 11.76
CA LYS C 382 -10.93 39.49 12.08
C LYS C 382 -10.34 38.66 13.20
N GLY C 383 -9.32 37.87 12.88
CA GLY C 383 -8.69 37.04 13.88
C GLY C 383 -7.76 37.83 14.78
N GLY C 384 -6.59 37.27 15.06
CA GLY C 384 -5.64 37.94 15.92
C GLY C 384 -5.36 37.10 17.15
N CYS C 385 -4.66 37.68 18.12
CA CYS C 385 -4.32 36.94 19.33
C CYS C 385 -5.51 36.78 20.27
N ASP C 386 -6.32 37.83 20.39
CA ASP C 386 -7.49 37.76 21.27
C ASP C 386 -8.44 36.67 20.76
N CYS C 387 -8.60 36.58 19.44
CA CYS C 387 -9.44 35.55 18.87
C CYS C 387 -8.83 34.20 19.19
N ALA C 388 -7.51 34.08 19.02
CA ALA C 388 -6.81 32.83 19.28
C ALA C 388 -6.89 32.40 20.75
N ILE C 389 -6.78 33.37 21.66
CA ILE C 389 -6.85 33.07 23.09
C ILE C 389 -8.24 32.53 23.39
N ASN C 390 -9.23 33.16 22.78
CA ASN C 390 -10.63 32.77 22.94
C ASN C 390 -10.78 31.30 22.55
N ARG C 391 -10.34 30.96 21.34
CA ARG C 391 -10.43 29.59 20.87
C ARG C 391 -9.63 28.61 21.74
N ALA C 392 -8.40 28.99 22.08
CA ALA C 392 -7.55 28.13 22.90
C ALA C 392 -8.22 27.80 24.23
N ILE C 393 -8.86 28.80 24.84
CA ILE C 393 -9.53 28.60 26.12
C ILE C 393 -10.75 27.70 25.94
N ALA C 394 -11.38 27.80 24.76
CA ALA C 394 -12.54 26.98 24.45
C ALA C 394 -12.14 25.53 24.19
N TYR C 395 -10.94 25.33 23.67
CA TYR C 395 -10.45 23.97 23.39
C TYR C 395 -9.76 23.31 24.59
N ALA C 396 -9.15 24.12 25.45
CA ALA C 396 -8.40 23.60 26.61
C ALA C 396 -8.96 22.36 27.31
N PRO C 397 -10.26 22.35 27.65
CA PRO C 397 -10.76 21.15 28.33
C PRO C 397 -10.64 19.85 27.53
N TYR C 398 -10.44 19.98 26.23
CA TYR C 398 -10.34 18.80 25.36
C TYR C 398 -8.98 18.64 24.71
N ALA C 399 -7.98 19.32 25.25
CA ALA C 399 -6.62 19.24 24.69
C ALA C 399 -5.54 19.14 25.75
N ASP C 400 -4.60 18.22 25.56
CA ASP C 400 -3.50 18.02 26.49
C ASP C 400 -2.44 19.12 26.35
N ALA C 401 -2.44 19.78 25.20
CA ALA C 401 -1.51 20.88 24.94
C ALA C 401 -2.18 21.79 23.91
N ILE C 402 -1.90 23.09 24.00
CA ILE C 402 -2.49 24.03 23.06
C ILE C 402 -1.40 24.76 22.31
N TRP C 403 -1.66 25.00 21.03
CA TRP C 403 -0.70 25.66 20.17
C TRP C 403 -1.37 26.73 19.29
N MET C 404 -0.77 27.92 19.24
CA MET C 404 -1.29 29.02 18.44
C MET C 404 -0.36 29.25 17.26
N GLU C 405 -0.76 28.78 16.08
CA GLU C 405 0.05 28.97 14.89
C GLU C 405 0.41 30.43 14.76
N SER C 406 1.70 30.72 14.72
CA SER C 406 2.15 32.09 14.57
C SER C 406 3.29 32.06 13.58
N LYS C 407 3.53 33.17 12.91
CA LYS C 407 4.58 33.26 11.91
C LYS C 407 5.87 33.87 12.45
N LEU C 408 5.76 35.11 12.92
CA LEU C 408 6.89 35.84 13.46
C LEU C 408 7.32 35.32 14.84
N PRO C 409 8.64 35.20 15.07
CA PRO C 409 9.16 34.72 16.36
C PRO C 409 9.11 35.86 17.38
N ASP C 410 7.90 36.23 17.78
CA ASP C 410 7.69 37.33 18.71
C ASP C 410 7.49 36.85 20.16
N TYR C 411 8.52 37.05 20.99
CA TYR C 411 8.43 36.64 22.39
C TYR C 411 7.23 37.27 23.10
N GLU C 412 7.04 38.57 22.90
CA GLU C 412 5.93 39.26 23.57
C GLU C 412 4.56 38.69 23.22
N GLN C 413 4.33 38.36 21.95
CA GLN C 413 3.04 37.79 21.56
C GLN C 413 2.83 36.45 22.24
N ALA C 414 3.88 35.63 22.27
CA ALA C 414 3.80 34.31 22.89
C ALA C 414 3.42 34.49 24.36
N LYS C 415 3.94 35.55 24.96
CA LYS C 415 3.65 35.84 26.36
C LYS C 415 2.19 36.24 26.49
N GLU C 416 1.72 37.03 25.54
CA GLU C 416 0.34 37.49 25.53
C GLU C 416 -0.63 36.30 25.41
N PHE C 417 -0.31 35.38 24.50
CA PHE C 417 -1.17 34.22 24.31
C PHE C 417 -1.19 33.33 25.56
N ALA C 418 -0.01 33.03 26.11
CA ALA C 418 0.08 32.16 27.28
C ALA C 418 -0.60 32.74 28.52
N GLU C 419 -0.40 34.02 28.78
CA GLU C 419 -1.03 34.63 29.95
C GLU C 419 -2.54 34.67 29.74
N GLY C 420 -2.95 34.81 28.48
CA GLY C 420 -4.37 34.85 28.20
C GLY C 420 -5.01 33.53 28.56
N VAL C 421 -4.40 32.44 28.09
CA VAL C 421 -4.89 31.11 28.36
C VAL C 421 -4.70 30.72 29.82
N HIS C 422 -3.56 31.05 30.38
CA HIS C 422 -3.28 30.72 31.77
C HIS C 422 -4.16 31.46 32.78
N ALA C 423 -4.70 32.61 32.36
CA ALA C 423 -5.57 33.39 33.23
C ALA C 423 -6.78 32.54 33.63
N VAL C 424 -7.14 31.60 32.76
CA VAL C 424 -8.27 30.72 33.01
C VAL C 424 -7.82 29.31 33.41
N TYR C 425 -6.82 28.79 32.70
CA TYR C 425 -6.29 27.46 32.96
C TYR C 425 -4.79 27.54 33.16
N PRO C 426 -4.36 27.92 34.38
CA PRO C 426 -2.93 28.05 34.71
C PRO C 426 -2.00 26.86 34.49
N GLU C 427 -2.54 25.65 34.52
CA GLU C 427 -1.70 24.47 34.32
C GLU C 427 -1.80 23.85 32.92
N GLN C 428 -2.37 24.60 31.99
CA GLN C 428 -2.56 24.17 30.61
C GLN C 428 -1.25 24.17 29.83
N LYS C 429 -0.76 22.99 29.48
CA LYS C 429 0.48 22.89 28.72
C LYS C 429 0.31 23.58 27.37
N LEU C 430 1.40 24.18 26.87
CA LEU C 430 1.36 24.87 25.59
C LEU C 430 2.45 24.33 24.69
N ALA C 431 2.25 24.45 23.38
CA ALA C 431 3.22 23.99 22.40
C ALA C 431 3.60 25.16 21.50
N TYR C 432 4.73 25.07 20.79
CA TYR C 432 5.18 26.17 19.95
C TYR C 432 5.94 25.75 18.69
N ASN C 433 5.57 26.35 17.56
CA ASN C 433 6.26 26.05 16.30
C ASN C 433 7.33 27.12 16.02
N LEU C 434 8.59 26.72 16.09
CA LEU C 434 9.71 27.61 15.85
C LEU C 434 9.87 27.80 14.34
N SER C 435 9.56 29.01 13.88
CA SER C 435 9.63 29.38 12.46
C SER C 435 10.85 28.93 11.70
N PRO C 436 10.66 28.08 10.69
CA PRO C 436 11.79 27.60 9.90
C PRO C 436 11.98 28.49 8.67
N SER C 437 11.00 29.36 8.43
CA SER C 437 11.03 30.26 7.28
C SER C 437 11.54 31.66 7.61
N PHE C 438 11.11 32.20 8.74
CA PHE C 438 11.55 33.54 9.13
C PHE C 438 13.07 33.63 9.16
N ASN C 439 13.60 34.81 8.84
CA ASN C 439 15.03 35.01 8.84
C ASN C 439 15.52 35.20 10.27
N TRP C 440 16.16 34.18 10.81
CA TRP C 440 16.67 34.23 12.17
C TRP C 440 17.92 35.07 12.32
N LYS C 441 18.64 35.27 11.22
CA LYS C 441 19.86 36.06 11.21
C LYS C 441 19.60 37.49 11.68
N THR C 442 18.48 38.06 11.22
CA THR C 442 18.10 39.43 11.56
C THR C 442 16.94 39.48 12.56
N ALA C 443 16.34 38.33 12.84
CA ALA C 443 15.21 38.27 13.76
C ALA C 443 15.57 38.76 15.16
N MET C 444 16.75 38.40 15.62
CA MET C 444 17.23 38.79 16.94
C MET C 444 18.71 38.48 17.02
N PRO C 445 19.42 39.11 17.97
CA PRO C 445 20.86 38.85 18.10
C PRO C 445 21.12 37.37 18.37
N ARG C 446 22.34 36.91 18.08
CA ARG C 446 22.70 35.52 18.31
C ARG C 446 22.36 35.09 19.74
N ASP C 447 22.73 35.92 20.70
CA ASP C 447 22.46 35.65 22.10
C ASP C 447 20.98 35.32 22.29
N GLU C 448 20.12 36.18 21.76
CA GLU C 448 18.67 36.00 21.85
C GLU C 448 18.19 34.76 21.09
N GLN C 449 18.91 34.37 20.04
CA GLN C 449 18.53 33.19 19.27
C GLN C 449 18.71 31.95 20.16
N GLU C 450 19.84 31.89 20.85
CA GLU C 450 20.15 30.76 21.71
C GLU C 450 19.20 30.65 22.90
N THR C 451 18.70 31.78 23.39
CA THR C 451 17.80 31.76 24.55
C THR C 451 16.30 31.75 24.22
N TYR C 452 15.95 31.89 22.94
CA TYR C 452 14.53 31.93 22.56
C TYR C 452 13.70 30.77 23.10
N ILE C 453 14.17 29.54 22.91
CA ILE C 453 13.46 28.37 23.39
C ILE C 453 13.33 28.39 24.91
N ARG C 454 14.43 28.70 25.58
CA ARG C 454 14.44 28.77 27.04
C ARG C 454 13.41 29.79 27.52
N ARG C 455 13.38 30.94 26.87
CA ARG C 455 12.43 31.98 27.27
C ARG C 455 10.99 31.56 27.05
N LEU C 456 10.72 30.83 25.97
CA LEU C 456 9.35 30.38 25.72
C LEU C 456 8.93 29.32 26.73
N ALA C 457 9.86 28.42 27.05
CA ALA C 457 9.58 27.36 28.01
C ALA C 457 9.14 27.95 29.34
N GLY C 458 9.68 29.13 29.65
CA GLY C 458 9.34 29.80 30.90
C GLY C 458 7.89 30.24 30.88
N LEU C 459 7.32 30.39 29.68
CA LEU C 459 5.94 30.80 29.55
C LEU C 459 5.00 29.60 29.60
N GLY C 460 5.57 28.40 29.60
CA GLY C 460 4.73 27.20 29.64
C GLY C 460 4.71 26.44 28.32
N TYR C 461 5.54 26.87 27.38
CA TYR C 461 5.64 26.18 26.09
C TYR C 461 6.62 25.04 26.35
N CYS C 462 6.08 23.95 26.91
CA CYS C 462 6.86 22.79 27.30
C CYS C 462 7.33 21.84 26.20
N TRP C 463 6.83 22.04 24.98
CA TRP C 463 7.25 21.21 23.84
C TRP C 463 7.30 22.12 22.62
N GLN C 464 8.48 22.26 22.02
CA GLN C 464 8.65 23.12 20.85
C GLN C 464 9.25 22.32 19.68
N PHE C 465 9.10 22.83 18.47
CA PHE C 465 9.60 22.10 17.31
C PHE C 465 9.81 22.94 16.05
N ILE C 466 10.81 22.58 15.26
CA ILE C 466 11.05 23.26 14.00
C ILE C 466 10.45 22.29 12.99
N THR C 467 9.28 22.63 12.47
CA THR C 467 8.58 21.78 11.52
C THR C 467 9.38 21.24 10.33
N LEU C 468 10.14 22.11 9.67
CA LEU C 468 10.85 21.71 8.45
C LEU C 468 12.38 21.55 8.52
N ALA C 469 12.93 21.38 9.70
CA ALA C 469 14.39 21.25 9.82
C ALA C 469 14.92 20.05 9.04
N GLY C 470 14.18 18.94 9.06
CA GLY C 470 14.62 17.77 8.33
C GLY C 470 14.77 18.02 6.84
N LEU C 471 13.82 18.77 6.28
CA LEU C 471 13.81 19.11 4.86
C LEU C 471 15.05 19.93 4.49
N HIS C 472 15.26 21.00 5.25
CA HIS C 472 16.35 21.92 5.03
C HIS C 472 17.74 21.32 5.21
N THR C 473 17.95 20.55 6.28
CA THR C 473 19.26 19.95 6.48
C THR C 473 19.58 18.98 5.33
N THR C 474 18.62 18.15 4.95
CA THR C 474 18.85 17.20 3.86
C THR C 474 19.11 18.00 2.60
N ALA C 475 18.28 19.00 2.37
CA ALA C 475 18.42 19.87 1.20
C ALA C 475 19.79 20.54 1.16
N LEU C 476 20.22 21.07 2.31
CA LEU C 476 21.51 21.75 2.38
C LEU C 476 22.69 20.85 2.07
N ILE C 477 22.82 19.73 2.80
CA ILE C 477 23.94 18.82 2.56
C ILE C 477 23.90 18.23 1.14
N SER C 478 22.70 18.01 0.61
CA SER C 478 22.58 17.42 -0.72
C SER C 478 23.09 18.37 -1.82
N ASP C 479 22.65 19.63 -1.79
CA ASP C 479 23.10 20.64 -2.75
C ASP C 479 24.63 20.81 -2.66
N ARG C 480 25.11 21.02 -1.45
CA ARG C 480 26.54 21.18 -1.19
C ARG C 480 27.37 19.99 -1.69
N PHE C 481 26.97 18.78 -1.31
CA PHE C 481 27.72 17.62 -1.75
C PHE C 481 27.59 17.31 -3.23
N ALA C 482 26.36 17.32 -3.75
CA ALA C 482 26.16 17.02 -5.17
C ALA C 482 26.97 17.98 -6.01
N ARG C 483 27.05 19.24 -5.58
CA ARG C 483 27.82 20.24 -6.31
C ARG C 483 29.32 19.91 -6.24
N ALA C 484 29.84 19.76 -5.03
CA ALA C 484 31.25 19.44 -4.86
C ALA C 484 31.65 18.13 -5.56
N TYR C 485 30.76 17.14 -5.48
CA TYR C 485 31.00 15.85 -6.10
C TYR C 485 31.13 15.97 -7.62
N SER C 486 30.28 16.77 -8.24
CA SER C 486 30.33 16.93 -9.68
C SER C 486 31.55 17.77 -10.08
N GLU C 487 32.17 18.44 -9.11
CA GLU C 487 33.33 19.28 -9.38
C GLU C 487 34.67 18.56 -9.17
N VAL C 488 34.85 17.95 -8.00
CA VAL C 488 36.10 17.26 -7.71
C VAL C 488 35.95 15.76 -7.46
N GLY C 489 34.79 15.23 -7.83
CA GLY C 489 34.55 13.80 -7.66
C GLY C 489 34.74 13.25 -6.27
N MET C 490 35.44 12.12 -6.18
CA MET C 490 35.67 11.46 -4.92
C MET C 490 36.34 12.29 -3.84
N ARG C 491 37.12 13.29 -4.25
CA ARG C 491 37.79 14.13 -3.28
C ARG C 491 36.71 14.76 -2.39
N ALA C 492 35.62 15.17 -3.03
CA ALA C 492 34.51 15.80 -2.32
C ALA C 492 33.90 14.86 -1.27
N TYR C 493 33.79 13.59 -1.63
CA TYR C 493 33.22 12.61 -0.71
C TYR C 493 34.10 12.45 0.52
N GLY C 494 35.41 12.47 0.32
CA GLY C 494 36.32 12.32 1.44
C GLY C 494 36.32 13.54 2.35
N GLU C 495 36.37 14.73 1.74
CA GLU C 495 36.39 15.99 2.46
C GLU C 495 35.10 16.39 3.16
N LEU C 496 33.97 16.29 2.45
CA LEU C 496 32.68 16.69 3.00
C LEU C 496 31.85 15.61 3.70
N VAL C 497 32.16 14.35 3.47
CA VAL C 497 31.35 13.31 4.06
C VAL C 497 32.09 12.30 4.94
N GLN C 498 32.88 11.42 4.32
CA GLN C 498 33.60 10.39 5.05
C GLN C 498 34.52 10.85 6.19
N GLU C 499 35.30 11.91 5.97
CA GLU C 499 36.20 12.40 7.01
C GLU C 499 35.41 12.96 8.20
N PRO C 500 34.49 13.91 7.94
CA PRO C 500 33.71 14.47 9.04
C PRO C 500 33.04 13.37 9.89
N GLU C 501 32.35 12.44 9.23
CA GLU C 501 31.69 11.34 9.93
C GLU C 501 32.67 10.66 10.90
N MET C 502 33.86 10.34 10.39
CA MET C 502 34.87 9.69 11.22
C MET C 502 35.26 10.57 12.41
N GLU C 503 35.55 11.84 12.14
CA GLU C 503 35.96 12.78 13.18
C GLU C 503 34.87 13.00 14.23
N LEU C 504 33.62 12.96 13.80
CA LEU C 504 32.49 13.16 14.72
C LEU C 504 32.07 11.85 15.38
N GLY C 505 32.68 10.74 14.97
CA GLY C 505 32.33 9.46 15.55
C GLY C 505 30.93 9.01 15.20
N VAL C 506 30.43 9.46 14.05
CA VAL C 506 29.09 9.08 13.58
C VAL C 506 29.05 7.57 13.35
N ASP C 507 28.23 6.87 14.15
CA ASP C 507 28.09 5.42 14.03
C ASP C 507 27.74 4.93 12.63
N VAL C 508 27.02 5.75 11.88
CA VAL C 508 26.62 5.37 10.53
C VAL C 508 27.82 5.21 9.60
N VAL C 509 28.96 5.81 9.97
CA VAL C 509 30.14 5.70 9.10
C VAL C 509 30.46 4.22 8.90
N LYS C 510 30.20 3.41 9.93
CA LYS C 510 30.42 1.97 9.85
C LYS C 510 29.03 1.43 9.52
N HIS C 511 28.57 1.74 8.30
CA HIS C 511 27.23 1.36 7.88
C HIS C 511 26.80 -0.09 8.13
N GLN C 512 27.67 -1.05 7.86
CA GLN C 512 27.33 -2.47 8.08
C GLN C 512 26.84 -2.73 9.52
N LYS C 513 27.68 -2.42 10.50
CA LYS C 513 27.33 -2.62 11.90
C LYS C 513 26.08 -1.79 12.23
N TRP C 514 26.11 -0.51 11.86
CA TRP C 514 24.98 0.36 12.10
C TRP C 514 23.66 -0.20 11.53
N SER C 515 23.70 -0.75 10.32
CA SER C 515 22.50 -1.30 9.69
C SER C 515 22.01 -2.55 10.43
N GLY C 516 22.85 -3.07 11.30
CA GLY C 516 22.46 -4.24 12.08
C GLY C 516 22.90 -5.58 11.51
N ALA C 517 23.98 -5.57 10.72
CA ALA C 517 24.48 -6.81 10.10
C ALA C 517 24.88 -7.88 11.11
N THR C 518 25.49 -7.46 12.22
CA THR C 518 25.90 -8.40 13.26
C THR C 518 24.71 -8.94 14.01
N TYR C 519 23.70 -8.10 14.21
CA TYR C 519 22.48 -8.52 14.91
C TYR C 519 21.78 -9.64 14.13
N VAL C 520 21.69 -9.46 12.81
CA VAL C 520 21.03 -10.45 11.97
C VAL C 520 21.90 -11.68 11.75
N ASP C 521 23.22 -11.48 11.66
CA ASP C 521 24.11 -12.61 11.48
C ASP C 521 23.99 -13.52 12.70
N GLU C 522 23.94 -12.91 13.89
CA GLU C 522 23.81 -13.66 15.12
C GLU C 522 22.45 -14.31 15.23
N LEU C 523 21.43 -13.61 14.73
CA LEU C 523 20.08 -14.13 14.76
C LEU C 523 20.07 -15.44 13.96
N GLN C 524 20.68 -15.41 12.78
CA GLN C 524 20.74 -16.58 11.92
C GLN C 524 21.53 -17.73 12.54
N LYS C 525 22.65 -17.40 13.19
CA LYS C 525 23.47 -18.43 13.84
C LYS C 525 22.65 -19.14 14.91
N MET C 526 21.79 -18.40 15.60
CA MET C 526 20.96 -18.99 16.65
C MET C 526 20.06 -20.09 16.08
N VAL C 527 19.53 -19.86 14.89
CA VAL C 527 18.66 -20.83 14.23
C VAL C 527 19.43 -22.02 13.64
N ASN D 5 -25.47 -6.67 -27.57
CA ASN D 5 -25.91 -7.37 -26.33
C ASN D 5 -24.73 -7.51 -25.36
N MET D 6 -23.72 -6.68 -25.57
CA MET D 6 -22.55 -6.67 -24.71
C MET D 6 -21.58 -7.84 -24.87
N VAL D 7 -21.96 -8.82 -25.68
CA VAL D 7 -21.09 -9.97 -25.92
C VAL D 7 -20.30 -9.71 -27.20
N ASN D 8 -18.97 -9.80 -27.08
CA ASN D 8 -18.10 -9.59 -28.23
C ASN D 8 -16.75 -10.21 -27.94
N PRO D 9 -16.03 -10.62 -28.98
CA PRO D 9 -14.72 -11.23 -28.76
C PRO D 9 -13.68 -10.18 -28.38
N ALA D 10 -12.56 -10.65 -27.83
CA ALA D 10 -11.47 -9.75 -27.47
C ALA D 10 -10.96 -9.22 -28.80
N VAL D 11 -10.78 -10.15 -29.75
CA VAL D 11 -10.31 -9.83 -31.09
C VAL D 11 -11.05 -10.71 -32.08
N GLU D 12 -11.58 -10.12 -33.15
CA GLU D 12 -12.30 -10.89 -34.16
C GLU D 12 -11.37 -11.94 -34.75
N PRO D 13 -11.84 -13.19 -34.82
CA PRO D 13 -11.09 -14.32 -35.35
C PRO D 13 -10.36 -14.08 -36.68
N SER D 14 -11.00 -13.38 -37.60
CA SER D 14 -10.39 -13.13 -38.91
C SER D 14 -9.23 -12.14 -38.89
N MET D 15 -9.11 -11.36 -37.82
CA MET D 15 -8.03 -10.37 -37.72
C MET D 15 -6.80 -10.83 -36.95
N GLU D 16 -6.95 -11.86 -36.12
CA GLU D 16 -5.86 -12.37 -35.29
C GLU D 16 -4.51 -12.65 -35.97
N ASP D 17 -4.53 -13.36 -37.10
CA ASP D 17 -3.25 -13.64 -37.76
C ASP D 17 -2.61 -12.39 -38.35
N ASP D 18 -3.42 -11.53 -38.95
CA ASP D 18 -2.92 -10.28 -39.54
C ASP D 18 -2.35 -9.34 -38.48
N LEU D 19 -2.99 -9.30 -37.31
CA LEU D 19 -2.51 -8.44 -36.24
C LEU D 19 -1.20 -9.00 -35.70
N PHE D 20 -1.11 -10.33 -35.58
CA PHE D 20 0.09 -10.98 -35.08
C PHE D 20 1.27 -10.73 -36.01
N ALA D 21 1.05 -10.97 -37.30
CA ALA D 21 2.11 -10.80 -38.29
C ALA D 21 2.62 -9.37 -38.26
N ARG D 22 1.72 -8.39 -38.31
CA ARG D 22 2.12 -7.00 -38.30
C ARG D 22 2.91 -6.62 -37.04
N GLU D 23 2.43 -7.08 -35.88
CA GLU D 23 3.14 -6.76 -34.65
C GLU D 23 4.51 -7.44 -34.61
N VAL D 24 4.58 -8.67 -35.11
CA VAL D 24 5.86 -9.38 -35.16
C VAL D 24 6.82 -8.60 -36.06
N ALA D 25 6.29 -8.03 -37.14
CA ALA D 25 7.12 -7.27 -38.07
C ALA D 25 7.66 -6.02 -37.37
N GLU D 26 6.80 -5.37 -36.58
CA GLU D 26 7.20 -4.18 -35.85
C GLU D 26 8.33 -4.48 -34.87
N VAL D 27 8.23 -5.61 -34.17
CA VAL D 27 9.27 -5.98 -33.22
C VAL D 27 10.60 -6.26 -33.92
N LYS D 28 10.56 -6.97 -35.05
CA LYS D 28 11.80 -7.25 -35.78
C LYS D 28 12.40 -5.93 -36.24
N GLN D 29 11.54 -5.00 -36.61
CA GLN D 29 11.98 -3.68 -37.05
C GLN D 29 12.65 -2.97 -35.87
N TRP D 30 11.99 -3.00 -34.71
CA TRP D 30 12.51 -2.39 -33.48
C TRP D 30 13.88 -2.90 -33.09
N TRP D 31 14.05 -4.23 -33.13
CA TRP D 31 15.30 -4.87 -32.74
C TRP D 31 16.46 -4.61 -33.67
N SER D 32 16.18 -4.05 -34.84
CA SER D 32 17.24 -3.76 -35.81
C SER D 32 17.91 -2.43 -35.45
N ASP D 33 17.25 -1.64 -34.60
CA ASP D 33 17.81 -0.36 -34.18
C ASP D 33 19.19 -0.55 -33.58
N PRO D 34 20.11 0.40 -33.79
CA PRO D 34 21.48 0.31 -33.26
C PRO D 34 21.57 0.16 -31.74
N ARG D 35 20.49 0.50 -31.04
CA ARG D 35 20.46 0.35 -29.59
C ARG D 35 20.72 -1.10 -29.20
N TRP D 36 20.32 -2.02 -30.07
CA TRP D 36 20.48 -3.44 -29.82
C TRP D 36 21.65 -4.10 -30.56
N ARG D 37 22.57 -3.31 -31.10
CA ARG D 37 23.68 -3.88 -31.86
C ARG D 37 24.62 -4.81 -31.10
N TYR D 38 24.60 -4.78 -29.77
CA TYR D 38 25.44 -5.66 -28.96
C TYR D 38 24.62 -6.74 -28.27
N THR D 39 23.31 -6.55 -28.29
CA THR D 39 22.37 -7.45 -27.63
C THR D 39 22.04 -8.77 -28.29
N LYS D 40 22.26 -9.85 -27.55
CA LYS D 40 21.97 -11.19 -28.01
C LYS D 40 20.65 -11.68 -27.42
N ARG D 41 19.68 -11.95 -28.28
CA ARG D 41 18.38 -12.42 -27.84
C ARG D 41 18.24 -13.90 -28.21
N PRO D 42 18.22 -14.78 -27.20
CA PRO D 42 18.07 -16.22 -27.45
C PRO D 42 16.61 -16.61 -27.59
N PHE D 43 15.82 -15.76 -28.24
CA PHE D 43 14.41 -16.01 -28.47
C PHE D 43 13.99 -15.18 -29.68
N THR D 44 12.84 -15.49 -30.26
CA THR D 44 12.38 -14.79 -31.46
C THR D 44 11.28 -13.78 -31.25
N ALA D 45 11.17 -12.86 -32.21
CA ALA D 45 10.15 -11.84 -32.17
C ALA D 45 8.77 -12.47 -32.06
N GLU D 46 8.59 -13.63 -32.70
CA GLU D 46 7.32 -14.34 -32.66
C GLU D 46 7.01 -14.88 -31.28
N GLN D 47 8.04 -15.32 -30.57
CA GLN D 47 7.84 -15.84 -29.23
C GLN D 47 7.40 -14.72 -28.31
N ILE D 48 8.00 -13.55 -28.48
CA ILE D 48 7.69 -12.40 -27.65
C ILE D 48 6.28 -11.89 -27.86
N VAL D 49 5.89 -11.70 -29.12
CA VAL D 49 4.54 -11.20 -29.41
C VAL D 49 3.44 -12.14 -28.90
N SER D 50 3.65 -13.44 -29.04
CA SER D 50 2.65 -14.40 -28.59
C SER D 50 2.54 -14.40 -27.06
N LYS D 51 3.29 -13.51 -26.41
CA LYS D 51 3.24 -13.39 -24.95
C LYS D 51 2.55 -12.08 -24.57
N ARG D 52 2.29 -11.25 -25.58
CA ARG D 52 1.65 -9.97 -25.35
C ARG D 52 0.12 -10.08 -25.36
N GLY D 53 -0.53 -9.02 -24.85
CA GLY D 53 -1.97 -8.98 -24.84
C GLY D 53 -2.39 -8.14 -26.02
N ASN D 54 -3.63 -7.66 -26.02
CA ASN D 54 -4.11 -6.86 -27.12
C ASN D 54 -4.12 -5.36 -26.89
N LEU D 55 -3.58 -4.92 -25.75
CA LEU D 55 -3.55 -3.49 -25.47
C LEU D 55 -2.11 -3.05 -25.22
N LYS D 56 -1.57 -2.28 -26.15
CA LYS D 56 -0.21 -1.79 -26.04
C LYS D 56 -0.14 -0.68 -24.99
N ILE D 57 0.88 -0.73 -24.15
CA ILE D 57 1.04 0.28 -23.12
C ILE D 57 2.40 0.94 -23.30
N GLU D 58 2.42 2.25 -23.15
CA GLU D 58 3.65 3.02 -23.29
C GLU D 58 4.06 3.54 -21.92
N TYR D 59 5.33 3.41 -21.59
CA TYR D 59 5.83 3.83 -20.29
C TYR D 59 6.85 4.96 -20.32
N PRO D 60 6.72 5.93 -19.39
CA PRO D 60 7.68 7.04 -19.35
C PRO D 60 9.08 6.45 -19.11
N SER D 61 9.08 5.21 -18.65
CA SER D 61 10.31 4.45 -18.39
C SER D 61 11.11 4.26 -19.66
N ASN D 62 10.39 4.02 -20.76
CA ASN D 62 11.04 3.82 -22.05
C ASN D 62 11.76 5.10 -22.45
N ALA D 63 11.11 6.23 -22.26
CA ALA D 63 11.72 7.52 -22.58
C ALA D 63 13.00 7.71 -21.80
N GLN D 64 12.98 7.38 -20.51
CA GLN D 64 14.16 7.57 -19.68
C GLN D 64 15.32 6.64 -20.06
N SER D 65 15.03 5.37 -20.33
CA SER D 65 16.10 4.45 -20.71
C SER D 65 16.73 4.91 -22.02
N LYS D 66 15.92 5.46 -22.93
CA LYS D 66 16.44 5.96 -24.20
C LYS D 66 17.37 7.14 -23.92
N LYS D 67 16.95 8.03 -23.02
CA LYS D 67 17.76 9.18 -22.65
C LYS D 67 19.03 8.68 -21.98
N LEU D 68 18.89 7.68 -21.12
CA LEU D 68 20.04 7.10 -20.44
C LEU D 68 21.00 6.50 -21.47
N TRP D 69 20.46 5.78 -22.45
CA TRP D 69 21.30 5.17 -23.47
C TRP D 69 22.09 6.23 -24.21
N LYS D 70 21.40 7.28 -24.65
CA LYS D 70 22.07 8.35 -25.38
C LYS D 70 23.20 8.93 -24.54
N ILE D 71 23.00 9.03 -23.23
CA ILE D 71 24.02 9.58 -22.37
C ILE D 71 25.25 8.67 -22.27
N LEU D 72 25.03 7.39 -21.96
CA LEU D 72 26.13 6.46 -21.81
C LEU D 72 26.87 6.18 -23.11
N GLU D 73 26.17 6.27 -24.24
CA GLU D 73 26.83 6.03 -25.53
C GLU D 73 27.86 7.14 -25.68
N GLY D 74 27.43 8.36 -25.38
CA GLY D 74 28.34 9.49 -25.47
C GLY D 74 29.51 9.35 -24.53
N ARG D 75 29.24 9.07 -23.26
CA ARG D 75 30.30 8.93 -22.26
C ARG D 75 31.35 7.88 -22.66
N PHE D 76 30.87 6.72 -23.09
CA PHE D 76 31.78 5.65 -23.48
C PHE D 76 32.63 6.04 -24.68
N GLN D 77 31.97 6.54 -25.72
CA GLN D 77 32.65 6.95 -26.94
C GLN D 77 33.72 8.01 -26.71
N LYS D 78 33.45 8.92 -25.77
CA LYS D 78 34.43 9.97 -25.48
C LYS D 78 35.32 9.53 -24.33
N ARG D 79 35.08 8.32 -23.84
CA ARG D 79 35.82 7.77 -22.71
C ARG D 79 35.74 8.66 -21.47
N ASP D 80 34.57 9.26 -21.28
CA ASP D 80 34.30 10.08 -20.11
C ASP D 80 33.29 9.25 -19.34
N ALA D 81 32.73 9.81 -18.27
CA ALA D 81 31.74 9.08 -17.51
C ALA D 81 30.80 9.95 -16.72
N SER D 82 29.58 9.46 -16.52
CA SER D 82 28.59 10.16 -15.72
C SER D 82 28.71 9.49 -14.35
N TYR D 83 28.67 10.28 -13.28
CA TYR D 83 28.75 9.72 -11.94
C TYR D 83 27.64 10.28 -11.08
N THR D 84 27.09 9.46 -10.18
CA THR D 84 26.00 9.87 -9.30
C THR D 84 26.16 9.13 -7.98
N TYR D 85 25.08 9.06 -7.22
CA TYR D 85 25.11 8.33 -5.95
C TYR D 85 23.70 7.91 -5.53
N GLY D 86 23.63 7.01 -4.56
CA GLY D 86 22.33 6.54 -4.10
C GLY D 86 21.50 7.63 -3.47
N CYS D 87 20.28 7.80 -3.99
CA CYS D 87 19.38 8.82 -3.48
C CYS D 87 18.37 8.22 -2.52
N LEU D 88 18.11 8.91 -1.41
CA LEU D 88 17.18 8.42 -0.37
C LEU D 88 15.72 8.80 -0.57
N GLU D 89 15.47 10.07 -0.90
CA GLU D 89 14.11 10.54 -1.04
C GLU D 89 14.03 11.79 -1.93
N PRO D 90 12.80 12.27 -2.24
CA PRO D 90 12.58 13.44 -3.09
C PRO D 90 13.35 14.72 -2.83
N THR D 91 13.47 15.13 -1.57
CA THR D 91 14.21 16.36 -1.27
C THR D 91 15.61 16.27 -1.90
N MET D 92 16.31 15.18 -1.60
CA MET D 92 17.66 14.94 -2.10
C MET D 92 17.72 14.91 -3.64
N VAL D 93 16.75 14.25 -4.26
CA VAL D 93 16.73 14.13 -5.73
C VAL D 93 16.61 15.47 -6.44
N THR D 94 15.79 16.38 -5.90
CA THR D 94 15.61 17.70 -6.52
C THR D 94 16.92 18.51 -6.53
N GLN D 95 17.80 18.20 -5.60
CA GLN D 95 19.08 18.89 -5.49
C GLN D 95 20.15 18.24 -6.36
N MET D 96 20.18 16.92 -6.39
CA MET D 96 21.15 16.20 -7.19
C MET D 96 20.94 16.54 -8.66
N ALA D 97 19.67 16.72 -9.02
CA ALA D 97 19.25 17.03 -10.39
C ALA D 97 20.01 18.17 -11.03
N LYS D 98 20.44 19.12 -10.20
CA LYS D 98 21.16 20.28 -10.68
C LYS D 98 22.60 20.03 -11.12
N TYR D 99 23.22 18.96 -10.65
CA TYR D 99 24.62 18.70 -10.98
C TYR D 99 24.97 17.35 -11.60
N LEU D 100 24.18 16.31 -11.32
CA LEU D 100 24.45 14.97 -11.83
C LEU D 100 23.37 14.56 -12.84
N ASP D 101 23.75 13.94 -13.95
CA ASP D 101 22.76 13.57 -14.95
C ASP D 101 22.00 12.25 -14.78
N THR D 102 22.35 11.46 -13.76
CA THR D 102 21.64 10.21 -13.52
C THR D 102 21.41 10.06 -12.02
N VAL D 103 20.53 9.13 -11.65
CA VAL D 103 20.20 8.88 -10.25
C VAL D 103 20.36 7.40 -9.95
N TYR D 104 20.84 7.08 -8.76
CA TYR D 104 20.98 5.69 -8.38
C TYR D 104 20.11 5.35 -7.19
N VAL D 105 19.45 4.19 -7.26
CA VAL D 105 18.61 3.73 -6.17
C VAL D 105 19.28 2.47 -5.63
N SER D 106 19.81 2.59 -4.42
CA SER D 106 20.53 1.53 -3.75
C SER D 106 19.66 0.54 -2.99
N GLY D 107 19.95 -0.75 -3.18
CA GLY D 107 19.23 -1.79 -2.47
C GLY D 107 19.70 -1.77 -1.02
N TRP D 108 20.98 -1.42 -0.84
CA TRP D 108 21.56 -1.34 0.49
C TRP D 108 20.78 -0.29 1.29
N GLN D 109 20.72 0.93 0.75
CA GLN D 109 20.01 2.03 1.39
C GLN D 109 18.52 1.69 1.60
N SER D 110 17.92 0.99 0.62
CA SER D 110 16.52 0.61 0.70
C SER D 110 16.21 -0.31 1.88
N SER D 111 17.11 -1.24 2.18
CA SER D 111 16.89 -2.17 3.28
C SER D 111 16.87 -1.42 4.62
N SER D 112 17.74 -0.42 4.76
CA SER D 112 17.82 0.35 6.00
C SER D 112 16.86 1.54 6.09
N THR D 113 16.30 1.96 4.96
CA THR D 113 15.41 3.12 4.99
C THR D 113 14.12 3.05 4.19
N ALA D 114 13.85 1.93 3.50
CA ALA D 114 12.63 1.90 2.67
C ALA D 114 11.99 0.56 2.34
N SER D 115 12.01 -0.38 3.27
CA SER D 115 11.37 -1.66 3.00
C SER D 115 9.87 -1.37 2.87
N SER D 116 9.23 -2.03 1.91
CA SER D 116 7.81 -1.87 1.67
C SER D 116 7.00 -2.20 2.92
N SER D 117 7.59 -2.95 3.84
CA SER D 117 6.88 -3.34 5.06
C SER D 117 7.35 -2.53 6.28
N ASP D 118 8.27 -1.60 6.03
CA ASP D 118 8.83 -0.75 7.07
C ASP D 118 9.74 -1.48 8.06
N GLU D 119 10.11 -2.74 7.78
CA GLU D 119 10.99 -3.45 8.70
C GLU D 119 12.42 -3.31 8.15
N PRO D 120 13.29 -2.59 8.86
CA PRO D 120 14.68 -2.37 8.44
C PRO D 120 15.50 -3.64 8.54
N GLY D 121 16.77 -3.54 8.18
CA GLY D 121 17.65 -4.69 8.28
C GLY D 121 18.88 -4.47 7.42
N PRO D 122 19.90 -5.32 7.59
CA PRO D 122 21.13 -5.18 6.80
C PRO D 122 20.85 -5.55 5.34
N ASP D 123 21.79 -5.23 4.46
CA ASP D 123 21.66 -5.48 3.03
C ASP D 123 21.65 -6.97 2.68
N LEU D 124 20.47 -7.60 2.74
CA LEU D 124 20.36 -9.02 2.46
C LEU D 124 19.32 -9.35 1.38
N ALA D 125 18.77 -8.31 0.77
CA ALA D 125 17.74 -8.47 -0.26
C ALA D 125 16.60 -9.30 0.30
N ASP D 126 16.32 -9.17 1.60
CA ASP D 126 15.23 -9.95 2.18
C ASP D 126 13.97 -9.18 2.52
N TYR D 127 13.83 -7.99 1.93
CA TYR D 127 12.61 -7.20 2.10
C TYR D 127 11.74 -7.66 0.91
N PRO D 128 10.45 -7.29 0.89
CA PRO D 128 9.59 -7.71 -0.23
C PRO D 128 10.13 -7.04 -1.49
N TYR D 129 10.27 -7.79 -2.59
CA TYR D 129 10.85 -7.23 -3.82
C TYR D 129 10.19 -5.98 -4.37
N THR D 130 9.09 -5.60 -3.76
CA THR D 130 8.36 -4.41 -4.15
C THR D 130 9.09 -3.17 -3.64
N THR D 131 9.99 -3.37 -2.68
CA THR D 131 10.78 -2.29 -2.08
C THR D 131 11.51 -1.34 -3.02
N VAL D 132 12.44 -1.85 -3.81
CA VAL D 132 13.21 -1.00 -4.70
C VAL D 132 12.39 -0.35 -5.81
N PRO D 133 11.49 -1.12 -6.45
CA PRO D 133 10.69 -0.51 -7.51
C PRO D 133 9.83 0.63 -6.97
N ASN D 134 9.39 0.53 -5.71
CA ASN D 134 8.59 1.58 -5.09
C ASN D 134 9.46 2.79 -4.83
N LYS D 135 10.73 2.56 -4.47
CA LYS D 135 11.63 3.68 -4.23
C LYS D 135 11.87 4.41 -5.56
N VAL D 136 11.85 3.67 -6.66
CA VAL D 136 12.01 4.29 -7.97
C VAL D 136 10.80 5.21 -8.23
N SER D 137 9.60 4.67 -8.00
CA SER D 137 8.38 5.45 -8.21
C SER D 137 8.38 6.70 -7.33
N HIS D 138 8.81 6.52 -6.09
CA HIS D 138 8.90 7.60 -5.12
C HIS D 138 9.69 8.80 -5.67
N LEU D 139 10.87 8.53 -6.20
CA LEU D 139 11.72 9.58 -6.74
C LEU D 139 11.26 10.07 -8.11
N PHE D 140 10.82 9.16 -8.97
CA PHE D 140 10.38 9.52 -10.32
C PHE D 140 9.12 10.35 -10.30
N MET D 141 8.15 9.98 -9.47
CA MET D 141 6.93 10.78 -9.39
C MET D 141 7.30 12.17 -8.94
N ALA D 142 8.29 12.27 -8.05
CA ALA D 142 8.74 13.58 -7.55
C ALA D 142 9.43 14.36 -8.68
N GLN D 143 10.23 13.66 -9.48
CA GLN D 143 10.91 14.29 -10.61
C GLN D 143 9.88 14.85 -11.58
N LEU D 144 8.86 14.05 -11.88
CA LEU D 144 7.80 14.47 -12.79
C LEU D 144 7.09 15.70 -12.25
N PHE D 145 6.79 15.69 -10.95
CA PHE D 145 6.11 16.83 -10.37
C PHE D 145 6.92 18.12 -10.53
N HIS D 146 8.17 18.08 -10.10
CA HIS D 146 9.02 19.25 -10.19
C HIS D 146 9.27 19.69 -11.63
N ASP D 147 9.21 18.75 -12.56
CA ASP D 147 9.39 19.11 -13.95
C ASP D 147 8.21 19.96 -14.37
N ARG D 148 7.02 19.58 -13.91
CA ARG D 148 5.78 20.34 -14.21
C ARG D 148 5.84 21.70 -13.54
N LYS D 149 6.13 21.71 -12.26
CA LYS D 149 6.23 22.94 -11.49
C LYS D 149 7.11 23.98 -12.17
N GLN D 150 8.33 23.57 -12.52
CA GLN D 150 9.28 24.47 -13.16
C GLN D 150 8.86 24.92 -14.55
N ARG D 151 8.27 24.01 -15.34
CA ARG D 151 7.84 24.36 -16.69
C ARG D 151 6.76 25.42 -16.60
N HIS D 152 5.86 25.26 -15.63
CA HIS D 152 4.80 26.22 -15.44
C HIS D 152 5.37 27.60 -15.12
N GLU D 153 6.39 27.62 -14.27
CA GLU D 153 7.00 28.88 -13.88
C GLU D 153 7.63 29.58 -15.06
N ARG D 154 8.51 28.87 -15.76
CA ARG D 154 9.18 29.47 -16.90
C ARG D 154 8.19 29.96 -17.97
N LEU D 155 7.31 29.07 -18.40
CA LEU D 155 6.33 29.42 -19.43
C LEU D 155 5.37 30.52 -19.06
N SER D 156 5.01 30.65 -17.79
CA SER D 156 4.05 31.69 -17.42
C SER D 156 4.69 33.04 -17.17
N ALA D 157 6.02 33.06 -17.04
CA ALA D 157 6.74 34.31 -16.80
C ALA D 157 7.16 34.97 -18.11
N PRO D 158 7.47 36.28 -18.06
CA PRO D 158 7.90 37.03 -19.24
C PRO D 158 9.18 36.47 -19.85
N LYS D 159 9.12 36.10 -21.12
CA LYS D 159 10.26 35.53 -21.84
C LYS D 159 11.59 36.26 -21.60
N SER D 160 11.52 37.56 -21.35
CA SER D 160 12.72 38.36 -21.12
C SER D 160 13.22 38.23 -19.68
N GLU D 161 12.52 37.41 -18.89
CA GLU D 161 12.89 37.21 -17.51
C GLU D 161 13.15 35.75 -17.17
N ARG D 162 13.03 34.89 -18.18
CA ARG D 162 13.26 33.45 -18.01
C ARG D 162 14.71 33.10 -17.68
N SER D 163 15.64 33.89 -18.21
CA SER D 163 17.05 33.64 -17.96
C SER D 163 17.36 33.79 -16.48
N LYS D 164 16.52 34.53 -15.76
CA LYS D 164 16.73 34.73 -14.33
C LYS D 164 16.19 33.57 -13.50
N LEU D 165 15.44 32.69 -14.15
CA LEU D 165 14.84 31.55 -13.46
C LEU D 165 15.67 30.27 -13.60
N GLN D 166 15.38 29.29 -12.76
CA GLN D 166 16.09 28.02 -12.82
C GLN D 166 15.64 27.26 -14.07
N ASN D 167 16.45 26.31 -14.50
CA ASN D 167 16.09 25.51 -15.66
C ASN D 167 16.67 24.11 -15.41
N ILE D 168 16.42 23.61 -14.20
CA ILE D 168 16.91 22.31 -13.78
C ILE D 168 16.30 21.19 -14.59
N ASP D 169 17.12 20.20 -14.92
CA ASP D 169 16.61 19.05 -15.64
C ASP D 169 16.30 18.03 -14.54
N TYR D 170 15.05 17.99 -14.12
CA TYR D 170 14.63 17.08 -13.06
C TYR D 170 14.46 15.66 -13.54
N LEU D 171 14.35 15.47 -14.85
CA LEU D 171 14.16 14.16 -15.43
C LEU D 171 15.46 13.39 -15.64
N ARG D 172 16.19 13.19 -14.54
CA ARG D 172 17.46 12.47 -14.57
C ARG D 172 17.21 10.97 -14.49
N PRO D 173 17.52 10.22 -15.57
CA PRO D 173 17.33 8.76 -15.62
C PRO D 173 17.78 8.05 -14.35
N ILE D 174 16.94 7.13 -13.88
CA ILE D 174 17.24 6.37 -12.67
C ILE D 174 17.66 4.94 -12.96
N ILE D 175 18.75 4.49 -12.34
CA ILE D 175 19.19 3.11 -12.48
C ILE D 175 18.93 2.52 -11.09
N ALA D 176 18.30 1.35 -11.04
CA ALA D 176 17.97 0.74 -9.76
C ALA D 176 18.49 -0.68 -9.54
N ASP D 177 18.57 -1.05 -8.27
CA ASP D 177 19.06 -2.33 -7.81
C ASP D 177 18.00 -3.43 -7.77
N ALA D 178 18.19 -4.48 -8.56
CA ALA D 178 17.26 -5.60 -8.61
C ALA D 178 17.82 -6.78 -7.82
N ASP D 179 18.80 -6.49 -6.96
CA ASP D 179 19.42 -7.51 -6.13
C ASP D 179 19.81 -8.73 -6.98
N THR D 180 19.36 -9.93 -6.62
CA THR D 180 19.69 -11.10 -7.44
C THR D 180 18.47 -11.56 -8.24
N GLY D 181 17.41 -10.75 -8.20
CA GLY D 181 16.19 -11.10 -8.94
C GLY D 181 15.05 -11.45 -8.03
N HIS D 182 15.37 -11.65 -6.74
CA HIS D 182 14.37 -11.99 -5.74
C HIS D 182 13.61 -13.30 -6.00
N GLY D 183 14.35 -14.36 -6.31
CA GLY D 183 13.70 -15.64 -6.54
C GLY D 183 13.94 -16.23 -7.93
N GLY D 184 12.99 -17.07 -8.37
CA GLY D 184 13.12 -17.69 -9.68
C GLY D 184 12.98 -16.75 -10.87
N LEU D 185 13.11 -17.31 -12.07
CA LEU D 185 12.99 -16.51 -13.29
C LEU D 185 11.66 -15.78 -13.43
N THR D 186 10.59 -16.35 -12.88
CA THR D 186 9.29 -15.68 -12.98
C THR D 186 9.26 -14.50 -12.02
N ALA D 187 10.01 -14.58 -10.94
CA ALA D 187 10.08 -13.48 -9.98
C ALA D 187 10.87 -12.38 -10.68
N VAL D 188 11.96 -12.77 -11.35
CA VAL D 188 12.79 -11.80 -12.05
C VAL D 188 11.96 -11.00 -13.05
N MET D 189 11.11 -11.68 -13.82
CA MET D 189 10.29 -10.99 -14.80
C MET D 189 9.25 -10.06 -14.14
N LYS D 190 8.68 -10.50 -13.02
CA LYS D 190 7.69 -9.69 -12.32
C LYS D 190 8.36 -8.43 -11.74
N LEU D 191 9.56 -8.61 -11.19
CA LEU D 191 10.31 -7.52 -10.61
C LEU D 191 10.68 -6.52 -11.70
N THR D 192 11.10 -7.02 -12.86
CA THR D 192 11.44 -6.16 -13.97
C THR D 192 10.21 -5.37 -14.42
N LYS D 193 9.09 -6.08 -14.53
CA LYS D 193 7.83 -5.43 -14.93
C LYS D 193 7.53 -4.28 -13.99
N LEU D 194 7.75 -4.50 -12.69
CA LEU D 194 7.52 -3.45 -11.71
C LEU D 194 8.47 -2.26 -11.94
N PHE D 195 9.75 -2.54 -12.12
CA PHE D 195 10.72 -1.47 -12.36
C PHE D 195 10.35 -0.63 -13.57
N ILE D 196 9.91 -1.29 -14.64
CA ILE D 196 9.52 -0.57 -15.85
C ILE D 196 8.27 0.26 -15.62
N GLU D 197 7.26 -0.32 -14.97
CA GLU D 197 6.04 0.43 -14.71
C GLU D 197 6.34 1.59 -13.74
N LYS D 198 7.30 1.40 -12.84
CA LYS D 198 7.62 2.45 -11.86
C LYS D 198 8.53 3.58 -12.33
N GLY D 199 9.15 3.44 -13.50
CA GLY D 199 10.01 4.51 -14.01
C GLY D 199 11.50 4.26 -14.24
N ALA D 200 12.00 3.09 -13.87
CA ALA D 200 13.43 2.77 -14.02
C ALA D 200 13.97 2.89 -15.45
N ALA D 201 15.17 3.46 -15.58
CA ALA D 201 15.81 3.62 -16.88
C ALA D 201 16.68 2.40 -17.14
N GLY D 202 17.10 1.78 -16.04
CA GLY D 202 17.94 0.60 -16.12
C GLY D 202 18.03 -0.02 -14.73
N ILE D 203 18.33 -1.32 -14.69
CA ILE D 203 18.44 -2.04 -13.42
C ILE D 203 19.66 -2.97 -13.43
N HIS D 204 20.22 -3.23 -12.25
CA HIS D 204 21.37 -4.12 -12.16
C HIS D 204 21.05 -5.38 -11.35
N ILE D 205 21.61 -6.50 -11.78
CA ILE D 205 21.36 -7.79 -11.13
C ILE D 205 22.68 -8.55 -10.99
N GLU D 206 22.97 -9.01 -9.78
CA GLU D 206 24.20 -9.69 -9.44
C GLU D 206 24.13 -11.22 -9.40
N ASP D 207 25.28 -11.86 -9.59
CA ASP D 207 25.31 -13.31 -9.60
C ASP D 207 25.40 -14.02 -8.24
N GLN D 208 24.81 -13.41 -7.22
CA GLN D 208 24.76 -14.05 -5.91
C GLN D 208 23.44 -14.81 -5.85
N ALA D 209 23.22 -15.56 -4.77
CA ALA D 209 21.99 -16.33 -4.60
C ALA D 209 21.10 -15.71 -3.54
N PRO D 210 19.78 -15.72 -3.77
CA PRO D 210 18.91 -15.12 -2.74
C PRO D 210 19.02 -15.96 -1.47
N GLY D 211 18.84 -15.32 -0.32
CA GLY D 211 18.94 -16.05 0.94
C GLY D 211 20.36 -15.97 1.48
N THR D 212 21.33 -15.85 0.59
CA THR D 212 22.73 -15.76 0.99
C THR D 212 23.36 -14.44 0.52
N LYS D 213 22.60 -13.67 -0.25
CA LYS D 213 23.09 -12.39 -0.77
C LYS D 213 23.52 -11.48 0.37
N LYS D 214 24.70 -10.87 0.20
CA LYS D 214 25.26 -9.95 1.18
C LYS D 214 25.82 -8.80 0.34
N CYS D 215 26.18 -7.69 0.98
CA CYS D 215 26.73 -6.56 0.22
C CYS D 215 28.08 -6.95 -0.40
N GLY D 216 28.43 -6.29 -1.49
CA GLY D 216 29.66 -6.59 -2.20
C GLY D 216 30.91 -6.92 -1.40
N HIS D 217 31.12 -6.21 -0.30
CA HIS D 217 32.32 -6.42 0.51
C HIS D 217 32.11 -7.26 1.77
N MET D 218 31.31 -8.32 1.63
CA MET D 218 31.03 -9.22 2.74
C MET D 218 31.96 -10.42 2.63
N GLY D 219 31.94 -11.29 3.64
CA GLY D 219 32.80 -12.45 3.65
C GLY D 219 32.55 -13.53 2.60
N GLY D 220 31.95 -14.63 3.03
CA GLY D 220 31.70 -15.73 2.13
C GLY D 220 30.51 -15.53 1.22
N LYS D 221 30.71 -14.79 0.14
CA LYS D 221 29.63 -14.55 -0.81
C LYS D 221 29.48 -15.84 -1.63
N VAL D 222 28.23 -16.21 -1.91
CA VAL D 222 27.95 -17.42 -2.68
C VAL D 222 27.44 -17.05 -4.08
N LEU D 223 28.07 -17.64 -5.10
CA LEU D 223 27.67 -17.37 -6.48
C LEU D 223 26.76 -18.47 -7.03
N VAL D 224 25.96 -18.11 -8.03
CA VAL D 224 25.11 -19.10 -8.70
C VAL D 224 25.91 -19.44 -9.97
N PRO D 225 25.55 -20.51 -10.67
CA PRO D 225 26.29 -20.87 -11.89
C PRO D 225 26.16 -19.78 -12.94
N ILE D 226 27.13 -19.71 -13.83
CA ILE D 226 27.13 -18.72 -14.91
C ILE D 226 25.83 -18.79 -15.71
N SER D 227 25.41 -20.00 -16.03
CA SER D 227 24.19 -20.21 -16.80
C SER D 227 22.96 -19.62 -16.09
N GLU D 228 22.89 -19.79 -14.78
CA GLU D 228 21.76 -19.25 -14.04
C GLU D 228 21.69 -17.72 -14.13
N HIS D 229 22.84 -17.04 -14.01
CA HIS D 229 22.80 -15.59 -14.09
C HIS D 229 22.45 -15.14 -15.50
N ILE D 230 22.87 -15.91 -16.50
CA ILE D 230 22.53 -15.55 -17.87
C ILE D 230 21.02 -15.62 -18.04
N ASN D 231 20.39 -16.65 -17.47
CA ASN D 231 18.93 -16.79 -17.56
C ASN D 231 18.24 -15.54 -16.98
N ARG D 232 18.78 -15.05 -15.87
CA ARG D 232 18.23 -13.86 -15.20
C ARG D 232 18.28 -12.65 -16.13
N LEU D 233 19.43 -12.47 -16.77
CA LEU D 233 19.63 -11.35 -17.69
C LEU D 233 18.74 -11.47 -18.92
N VAL D 234 18.50 -12.71 -19.37
CA VAL D 234 17.65 -12.92 -20.53
C VAL D 234 16.19 -12.70 -20.14
N ALA D 235 15.86 -13.05 -18.88
CA ALA D 235 14.50 -12.87 -18.36
C ALA D 235 14.16 -11.38 -18.33
N ILE D 236 15.16 -10.57 -17.98
CA ILE D 236 14.99 -9.13 -17.93
C ILE D 236 14.73 -8.57 -19.33
N ARG D 237 15.60 -8.89 -20.27
CA ARG D 237 15.42 -8.41 -21.64
C ARG D 237 14.09 -8.89 -22.19
N ALA D 238 13.73 -10.12 -21.85
CA ALA D 238 12.49 -10.72 -22.31
C ALA D 238 11.27 -9.93 -21.83
N GLN D 239 11.29 -9.49 -20.58
CA GLN D 239 10.16 -8.74 -20.04
C GLN D 239 10.11 -7.38 -20.71
N ALA D 240 11.27 -6.76 -20.90
CA ALA D 240 11.34 -5.44 -21.55
C ALA D 240 10.81 -5.57 -22.98
N ASP D 241 11.18 -6.63 -23.68
CA ASP D 241 10.71 -6.81 -25.05
C ASP D 241 9.20 -7.01 -25.08
N ILE D 242 8.67 -7.79 -24.15
CA ILE D 242 7.23 -8.03 -24.09
C ILE D 242 6.54 -6.68 -23.92
N MET D 243 7.05 -5.89 -22.98
CA MET D 243 6.49 -4.58 -22.69
C MET D 243 6.85 -3.50 -23.71
N GLY D 244 7.79 -3.82 -24.61
CA GLY D 244 8.21 -2.90 -25.65
C GLY D 244 9.09 -1.73 -25.27
N VAL D 245 9.88 -1.86 -24.21
CA VAL D 245 10.74 -0.78 -23.75
C VAL D 245 12.23 -1.07 -23.93
N ASP D 246 13.05 -0.01 -23.89
CA ASP D 246 14.50 -0.14 -24.08
C ASP D 246 15.33 -0.27 -22.81
N LEU D 247 14.70 -0.59 -21.70
CA LEU D 247 15.38 -0.74 -20.41
C LEU D 247 16.82 -1.28 -20.43
N LEU D 248 17.73 -0.56 -19.81
CA LEU D 248 19.11 -1.00 -19.75
C LEU D 248 19.24 -2.07 -18.68
N ALA D 249 20.02 -3.11 -18.98
CA ALA D 249 20.25 -4.22 -18.06
C ALA D 249 21.73 -4.26 -17.70
N ILE D 250 22.02 -4.00 -16.44
CA ILE D 250 23.40 -4.01 -15.95
C ILE D 250 23.72 -5.32 -15.23
N ALA D 251 24.84 -5.93 -15.60
CA ALA D 251 25.27 -7.18 -14.98
C ALA D 251 26.36 -6.91 -13.96
N ARG D 252 26.14 -7.37 -12.74
CA ARG D 252 27.12 -7.22 -11.68
C ARG D 252 27.65 -8.61 -11.32
N THR D 253 28.95 -8.73 -11.11
CA THR D 253 29.52 -10.01 -10.71
C THR D 253 30.27 -9.83 -9.41
N ASP D 254 30.01 -10.74 -8.47
CA ASP D 254 30.64 -10.69 -7.16
C ASP D 254 31.75 -11.74 -7.07
N ALA D 255 32.22 -12.17 -8.24
CA ALA D 255 33.25 -13.19 -8.34
C ALA D 255 34.66 -12.80 -7.87
N GLU D 256 34.94 -11.52 -7.73
CA GLU D 256 36.28 -11.10 -7.32
C GLU D 256 36.64 -11.58 -5.91
N ALA D 257 35.65 -11.68 -5.02
CA ALA D 257 35.91 -12.11 -3.66
C ALA D 257 35.02 -13.24 -3.17
N ALA D 258 34.18 -13.78 -4.05
CA ALA D 258 33.30 -14.88 -3.66
C ALA D 258 34.12 -16.10 -3.25
N THR D 259 33.57 -16.95 -2.39
CA THR D 259 34.30 -18.13 -1.95
C THR D 259 33.55 -19.43 -2.17
N LEU D 260 32.26 -19.34 -2.45
CA LEU D 260 31.43 -20.52 -2.65
C LEU D 260 30.55 -20.42 -3.89
N ILE D 261 30.13 -21.57 -4.42
CA ILE D 261 29.23 -21.62 -5.55
C ILE D 261 28.20 -22.71 -5.26
N THR D 262 26.94 -22.39 -5.51
CA THR D 262 25.82 -23.29 -5.26
C THR D 262 25.95 -24.68 -5.88
N THR D 263 26.40 -24.75 -7.12
CA THR D 263 26.54 -26.02 -7.82
C THR D 263 27.68 -25.97 -8.83
N SER D 264 28.11 -27.15 -9.26
CA SER D 264 29.19 -27.30 -10.23
C SER D 264 28.67 -27.68 -11.60
N ILE D 265 27.36 -27.59 -11.78
CA ILE D 265 26.71 -27.98 -13.03
C ILE D 265 27.21 -27.30 -14.30
N ASP D 266 27.70 -26.06 -14.19
CA ASP D 266 28.17 -25.34 -15.37
C ASP D 266 29.68 -25.50 -15.64
N PRO D 267 30.04 -26.07 -16.80
CA PRO D 267 31.45 -26.28 -17.14
C PRO D 267 32.28 -24.99 -17.21
N ARG D 268 31.66 -23.86 -17.54
CA ARG D 268 32.39 -22.60 -17.58
C ARG D 268 32.86 -22.22 -16.18
N ASP D 269 32.30 -22.88 -15.16
CA ASP D 269 32.67 -22.61 -13.77
C ASP D 269 33.72 -23.59 -13.25
N HIS D 270 33.90 -24.71 -13.96
CA HIS D 270 34.85 -25.73 -13.54
C HIS D 270 36.28 -25.26 -13.30
N ALA D 271 36.78 -24.39 -14.16
CA ALA D 271 38.14 -23.89 -14.05
C ALA D 271 38.46 -23.14 -12.77
N PHE D 272 37.45 -22.88 -11.94
CA PHE D 272 37.67 -22.14 -10.71
C PHE D 272 37.24 -22.88 -9.45
N ILE D 273 36.62 -24.05 -9.58
CA ILE D 273 36.19 -24.82 -8.41
C ILE D 273 37.37 -25.52 -7.72
N LEU D 274 37.55 -25.22 -6.45
CA LEU D 274 38.66 -25.82 -5.68
C LEU D 274 38.41 -27.27 -5.26
N GLY D 275 39.41 -28.11 -5.47
CA GLY D 275 39.27 -29.51 -5.10
C GLY D 275 40.38 -29.99 -4.18
N CYS D 276 40.05 -30.93 -3.31
CA CYS D 276 41.04 -31.49 -2.37
C CYS D 276 42.05 -32.32 -3.14
N THR D 277 43.32 -32.22 -2.76
CA THR D 277 44.37 -32.98 -3.43
C THR D 277 45.04 -33.97 -2.49
N ASN D 278 44.45 -34.15 -1.30
CA ASN D 278 44.99 -35.08 -0.31
C ASN D 278 44.13 -36.34 -0.25
N PRO D 279 44.59 -37.44 -0.87
CA PRO D 279 43.86 -38.71 -0.87
C PRO D 279 43.63 -39.24 0.54
N SER D 280 44.47 -38.80 1.47
CA SER D 280 44.39 -39.23 2.86
C SER D 280 43.18 -38.67 3.60
N LEU D 281 42.71 -37.51 3.18
CA LEU D 281 41.57 -36.87 3.84
C LEU D 281 40.19 -37.43 3.56
N GLN D 282 39.34 -37.34 4.58
CA GLN D 282 37.96 -37.80 4.54
C GLN D 282 37.10 -36.54 4.32
N PRO D 283 35.85 -36.69 3.84
CA PRO D 283 35.00 -35.52 3.62
C PRO D 283 34.97 -34.50 4.76
N LEU D 284 35.05 -33.22 4.41
CA LEU D 284 35.03 -32.13 5.39
C LEU D 284 33.74 -32.13 6.20
N ALA D 285 32.62 -32.32 5.52
CA ALA D 285 31.32 -32.35 6.19
C ALA D 285 31.33 -33.36 7.32
N ASP D 286 32.00 -34.48 7.11
CA ASP D 286 32.07 -35.52 8.13
C ASP D 286 32.88 -35.05 9.34
N LEU D 287 33.98 -34.36 9.08
CA LEU D 287 34.84 -33.86 10.15
C LEU D 287 34.08 -32.89 11.06
N MET D 288 33.18 -32.10 10.45
CA MET D 288 32.39 -31.13 11.20
C MET D 288 31.27 -31.79 12.00
N ASN D 289 31.64 -32.57 13.02
CA ASN D 289 30.66 -33.24 13.87
C ASN D 289 31.18 -33.39 15.29
N GLU D 307 42.57 -25.81 9.37
CA GLU D 307 41.91 -27.04 9.83
C GLU D 307 42.01 -28.06 8.70
N TRP D 308 40.90 -28.75 8.46
CA TRP D 308 40.82 -29.76 7.41
C TRP D 308 41.24 -29.12 6.09
N MET D 309 40.96 -27.82 5.97
CA MET D 309 41.27 -27.05 4.77
C MET D 309 42.74 -27.12 4.35
N ALA D 310 43.60 -26.48 5.14
CA ALA D 310 45.04 -26.46 4.85
C ALA D 310 45.57 -27.82 4.47
N LYS D 311 45.13 -28.83 5.22
CA LYS D 311 45.54 -30.21 5.00
C LYS D 311 45.02 -30.72 3.66
N ALA D 312 43.85 -30.26 3.27
CA ALA D 312 43.22 -30.67 2.02
C ALA D 312 44.01 -30.17 0.81
N ASN D 313 44.77 -29.11 1.00
CA ASN D 313 45.57 -28.52 -0.08
C ASN D 313 44.71 -28.28 -1.32
N LEU D 314 43.65 -27.49 -1.15
CA LEU D 314 42.74 -27.17 -2.24
C LEU D 314 43.46 -26.47 -3.38
N LYS D 315 43.14 -26.87 -4.60
CA LYS D 315 43.77 -26.27 -5.79
C LYS D 315 42.78 -26.27 -6.93
N ARG D 316 43.05 -25.44 -7.93
CA ARG D 316 42.21 -25.42 -9.12
C ARG D 316 42.76 -26.60 -9.90
N PHE D 317 41.95 -27.21 -10.74
CA PHE D 317 42.41 -28.37 -11.50
C PHE D 317 43.74 -28.16 -12.21
N ASP D 318 43.95 -26.96 -12.76
CA ASP D 318 45.19 -26.67 -13.45
C ASP D 318 46.36 -26.61 -12.48
N ASP D 319 46.17 -25.88 -11.38
CA ASP D 319 47.22 -25.76 -10.37
C ASP D 319 47.50 -27.13 -9.75
N ALA D 320 46.79 -28.14 -10.21
CA ALA D 320 46.95 -29.50 -9.72
C ALA D 320 47.44 -30.39 -10.87
N VAL D 321 47.21 -29.96 -12.10
CA VAL D 321 47.65 -30.71 -13.27
C VAL D 321 49.08 -30.29 -13.57
N VAL D 322 49.38 -29.03 -13.31
CA VAL D 322 50.71 -28.48 -13.54
C VAL D 322 51.62 -28.93 -12.38
N ASP D 323 51.80 -30.24 -12.25
CA ASP D 323 52.63 -30.81 -11.19
C ASP D 323 53.26 -32.13 -11.65
N ALA D 339 52.86 -30.10 -20.49
CA ALA D 339 53.48 -28.88 -20.00
C ALA D 339 52.62 -27.66 -20.35
N LYS D 340 52.32 -27.50 -21.64
CA LYS D 340 51.52 -26.38 -22.12
C LYS D 340 50.10 -26.83 -22.43
N TYR D 341 49.57 -27.75 -21.62
CA TYR D 341 48.22 -28.27 -21.81
C TYR D 341 47.20 -27.18 -21.47
N LEU D 342 47.61 -26.25 -20.62
CA LEU D 342 46.77 -25.14 -20.21
C LEU D 342 46.20 -24.43 -21.44
N GLN D 343 47.00 -24.43 -22.51
CA GLN D 343 46.60 -23.76 -23.75
C GLN D 343 45.44 -24.43 -24.46
N ALA D 344 45.19 -25.70 -24.14
CA ALA D 344 44.10 -26.45 -24.75
C ALA D 344 43.05 -26.83 -23.71
N ALA D 345 43.34 -26.58 -22.44
CA ALA D 345 42.42 -26.90 -21.36
C ALA D 345 41.59 -25.67 -21.00
N LYS D 346 42.07 -24.50 -21.40
CA LYS D 346 41.41 -23.23 -21.14
C LYS D 346 39.91 -23.31 -21.42
N GLY D 347 39.11 -22.88 -20.44
CA GLY D 347 37.66 -22.88 -20.59
C GLY D 347 37.00 -24.23 -20.78
N LYS D 348 37.73 -25.31 -20.50
CA LYS D 348 37.18 -26.66 -20.65
C LYS D 348 36.61 -27.17 -19.33
N SER D 349 35.71 -28.14 -19.42
CA SER D 349 35.11 -28.74 -18.24
C SER D 349 36.18 -29.59 -17.55
N ASN D 350 35.83 -30.20 -16.42
CA ASN D 350 36.78 -31.04 -15.72
C ASN D 350 36.98 -32.32 -16.50
N ARG D 351 35.88 -32.83 -17.06
CA ARG D 351 35.91 -34.06 -17.84
C ARG D 351 36.83 -33.85 -19.03
N GLU D 352 36.61 -32.77 -19.78
CA GLU D 352 37.43 -32.45 -20.93
C GLU D 352 38.84 -32.06 -20.50
N ALA D 353 38.94 -31.48 -19.31
CA ALA D 353 40.23 -31.07 -18.77
C ALA D 353 41.10 -32.28 -18.45
N ARG D 354 40.49 -33.28 -17.82
CA ARG D 354 41.20 -34.49 -17.46
C ARG D 354 41.67 -35.21 -18.73
N ALA D 355 40.80 -35.23 -19.73
CA ALA D 355 41.11 -35.86 -21.00
C ALA D 355 42.38 -35.24 -21.58
N ILE D 356 42.38 -33.91 -21.70
CA ILE D 356 43.54 -33.18 -22.23
C ILE D 356 44.83 -33.59 -21.53
N ALA D 357 44.76 -33.69 -20.20
CA ALA D 357 45.91 -34.05 -19.37
C ALA D 357 46.55 -35.38 -19.75
N SER D 358 45.76 -36.45 -19.76
CA SER D 358 46.27 -37.78 -20.10
C SER D 358 47.17 -37.73 -21.33
N SER D 359 46.74 -36.98 -22.34
CA SER D 359 47.52 -36.85 -23.57
C SER D 359 48.50 -35.69 -23.47
N PHE D 366 44.81 -36.61 -8.94
CA PHE D 366 43.82 -36.69 -7.87
C PHE D 366 43.20 -35.32 -7.60
N PHE D 367 41.92 -35.16 -7.96
CA PHE D 367 41.21 -33.90 -7.77
C PHE D 367 39.79 -34.19 -7.29
N ASP D 368 39.48 -33.78 -6.08
CA ASP D 368 38.15 -34.00 -5.51
C ASP D 368 37.55 -32.74 -4.90
N TRP D 369 36.52 -32.20 -5.58
CA TRP D 369 35.87 -30.98 -5.11
C TRP D 369 34.60 -31.20 -4.27
N ASP D 370 34.26 -32.46 -4.00
CA ASP D 370 33.07 -32.77 -3.22
C ASP D 370 33.37 -32.76 -1.72
N SER D 371 34.54 -33.24 -1.33
CA SER D 371 34.91 -33.27 0.08
C SER D 371 34.90 -31.88 0.73
N PRO D 372 35.37 -30.85 0.00
CA PRO D 372 35.39 -29.49 0.55
C PRO D 372 34.00 -28.87 0.75
N ARG D 373 32.99 -29.44 0.11
CA ARG D 373 31.64 -28.91 0.19
C ARG D 373 31.20 -28.49 1.60
N THR D 374 30.46 -27.38 1.66
CA THR D 374 29.97 -26.84 2.92
C THR D 374 28.79 -27.68 3.41
N ARG D 375 28.23 -27.30 4.56
CA ARG D 375 27.10 -28.03 5.13
C ARG D 375 25.88 -27.93 4.23
N GLU D 376 25.74 -26.82 3.52
CA GLU D 376 24.60 -26.61 2.64
C GLU D 376 24.77 -27.33 1.31
N GLY D 377 25.96 -27.87 1.08
CA GLY D 377 26.23 -28.58 -0.16
C GLY D 377 26.91 -27.72 -1.20
N TYR D 378 27.41 -26.56 -0.79
CA TYR D 378 28.09 -25.65 -1.71
C TYR D 378 29.51 -26.10 -2.00
N PHE D 379 30.07 -25.62 -3.09
CA PHE D 379 31.42 -25.94 -3.51
C PHE D 379 32.35 -24.76 -3.26
N ARG D 380 33.63 -25.06 -3.03
CA ARG D 380 34.63 -24.03 -2.80
C ARG D 380 35.13 -23.56 -4.15
N ILE D 381 35.37 -22.26 -4.28
CA ILE D 381 35.88 -21.70 -5.53
C ILE D 381 36.87 -20.60 -5.19
N LYS D 382 37.77 -20.32 -6.12
CA LYS D 382 38.73 -19.27 -5.92
C LYS D 382 38.33 -18.10 -6.81
N GLY D 383 37.75 -17.08 -6.19
CA GLY D 383 37.34 -15.92 -6.95
C GLY D 383 38.54 -15.19 -7.50
N GLY D 384 38.41 -13.89 -7.71
CA GLY D 384 39.51 -13.12 -8.23
C GLY D 384 39.10 -12.42 -9.50
N CYS D 385 39.98 -11.56 -9.98
CA CYS D 385 39.73 -10.80 -11.19
C CYS D 385 39.53 -11.77 -12.36
N ASP D 386 40.43 -12.72 -12.49
CA ASP D 386 40.37 -13.72 -13.55
C ASP D 386 38.98 -14.37 -13.59
N CYS D 387 38.49 -14.77 -12.42
CA CYS D 387 37.17 -15.40 -12.31
C CYS D 387 36.08 -14.41 -12.75
N ALA D 388 36.20 -13.16 -12.30
CA ALA D 388 35.23 -12.13 -12.65
C ALA D 388 35.26 -11.82 -14.15
N ILE D 389 36.46 -11.79 -14.73
CA ILE D 389 36.60 -11.53 -16.16
C ILE D 389 35.88 -12.64 -16.91
N ASN D 390 36.14 -13.88 -16.52
CA ASN D 390 35.53 -15.03 -17.17
C ASN D 390 34.01 -14.90 -17.11
N ARG D 391 33.48 -14.53 -15.94
CA ARG D 391 32.04 -14.36 -15.81
C ARG D 391 31.55 -13.15 -16.59
N ALA D 392 32.28 -12.05 -16.52
CA ALA D 392 31.90 -10.84 -17.25
C ALA D 392 31.77 -11.13 -18.75
N ILE D 393 32.71 -11.92 -19.28
CA ILE D 393 32.69 -12.24 -20.70
C ILE D 393 31.47 -13.11 -21.05
N ALA D 394 31.11 -14.04 -20.18
CA ALA D 394 29.96 -14.89 -20.42
C ALA D 394 28.67 -14.07 -20.39
N TYR D 395 28.61 -13.09 -19.49
CA TYR D 395 27.42 -12.25 -19.36
C TYR D 395 27.31 -11.17 -20.44
N ALA D 396 28.44 -10.74 -20.98
CA ALA D 396 28.47 -9.64 -21.97
C ALA D 396 27.42 -9.56 -23.08
N PRO D 397 27.14 -10.68 -23.77
CA PRO D 397 26.13 -10.58 -24.85
C PRO D 397 24.72 -10.25 -24.33
N TYR D 398 24.55 -10.40 -23.02
CA TYR D 398 23.26 -10.18 -22.38
C TYR D 398 23.25 -8.98 -21.42
N ALA D 399 24.24 -8.09 -21.54
CA ALA D 399 24.31 -6.93 -20.64
C ALA D 399 24.78 -5.64 -21.31
N ASP D 400 24.12 -4.54 -21.00
CA ASP D 400 24.47 -3.25 -21.58
C ASP D 400 25.68 -2.62 -20.88
N ALA D 401 25.93 -3.05 -19.65
CA ALA D 401 27.07 -2.57 -18.90
C ALA D 401 27.45 -3.67 -17.93
N ILE D 402 28.72 -3.76 -17.58
CA ILE D 402 29.19 -4.77 -16.65
C ILE D 402 29.90 -4.15 -15.46
N TRP D 403 29.64 -4.71 -14.29
CA TRP D 403 30.21 -4.21 -13.06
C TRP D 403 30.78 -5.36 -12.23
N MET D 404 32.00 -5.17 -11.74
CA MET D 404 32.66 -6.16 -10.90
C MET D 404 33.01 -5.53 -9.55
N GLU D 405 32.46 -6.07 -8.47
CA GLU D 405 32.76 -5.56 -7.14
C GLU D 405 34.24 -5.77 -6.86
N SER D 406 34.84 -4.85 -6.12
CA SER D 406 36.25 -4.93 -5.77
C SER D 406 36.42 -4.68 -4.27
N LYS D 407 37.53 -5.13 -3.72
CA LYS D 407 37.79 -4.95 -2.29
C LYS D 407 38.27 -3.54 -1.98
N LEU D 408 39.02 -2.96 -2.91
CA LEU D 408 39.58 -1.61 -2.75
C LEU D 408 39.47 -0.84 -4.06
N PRO D 409 39.53 0.50 -3.98
CA PRO D 409 39.44 1.30 -5.20
C PRO D 409 40.82 1.21 -5.86
N ASP D 410 41.12 0.05 -6.41
CA ASP D 410 42.40 -0.21 -7.05
C ASP D 410 42.37 0.01 -8.56
N TYR D 411 43.01 1.09 -9.00
CA TYR D 411 43.07 1.43 -10.42
C TYR D 411 43.64 0.29 -11.26
N GLU D 412 44.80 -0.22 -10.87
CA GLU D 412 45.42 -1.30 -11.62
C GLU D 412 44.47 -2.49 -11.79
N GLN D 413 43.78 -2.89 -10.73
CA GLN D 413 42.85 -4.00 -10.87
C GLN D 413 41.73 -3.62 -11.82
N ALA D 414 41.24 -2.38 -11.71
CA ALA D 414 40.16 -1.91 -12.57
C ALA D 414 40.61 -1.95 -14.02
N LYS D 415 41.90 -1.73 -14.23
CA LYS D 415 42.47 -1.75 -15.57
C LYS D 415 42.49 -3.20 -16.07
N GLU D 416 42.93 -4.11 -15.22
CA GLU D 416 43.00 -5.53 -15.56
C GLU D 416 41.61 -6.08 -15.92
N PHE D 417 40.60 -5.69 -15.14
CA PHE D 417 39.26 -6.18 -15.42
C PHE D 417 38.79 -5.66 -16.75
N ALA D 418 38.89 -4.34 -16.94
CA ALA D 418 38.47 -3.71 -18.18
C ALA D 418 39.17 -4.35 -19.37
N GLU D 419 40.50 -4.43 -19.30
CA GLU D 419 41.25 -5.02 -20.40
C GLU D 419 40.87 -6.47 -20.67
N GLY D 420 40.62 -7.23 -19.62
CA GLY D 420 40.24 -8.62 -19.81
C GLY D 420 38.94 -8.74 -20.60
N VAL D 421 37.94 -7.94 -20.20
CA VAL D 421 36.65 -7.94 -20.88
C VAL D 421 36.80 -7.41 -22.30
N HIS D 422 37.43 -6.25 -22.43
CA HIS D 422 37.62 -5.62 -23.72
C HIS D 422 38.50 -6.43 -24.68
N ALA D 423 39.31 -7.33 -24.15
CA ALA D 423 40.15 -8.14 -25.03
C ALA D 423 39.23 -8.98 -25.90
N VAL D 424 37.98 -9.10 -25.49
CA VAL D 424 36.99 -9.88 -26.24
C VAL D 424 35.86 -9.01 -26.79
N TYR D 425 35.35 -8.11 -25.96
CA TYR D 425 34.28 -7.21 -26.37
C TYR D 425 34.76 -5.78 -26.11
N PRO D 426 35.59 -5.26 -27.02
CA PRO D 426 36.17 -3.92 -26.94
C PRO D 426 35.19 -2.76 -26.72
N GLU D 427 33.94 -2.93 -27.14
CA GLU D 427 32.97 -1.86 -26.97
C GLU D 427 31.97 -2.11 -25.85
N GLN D 428 32.34 -2.98 -24.91
CA GLN D 428 31.48 -3.30 -23.78
C GLN D 428 31.56 -2.24 -22.69
N LYS D 429 30.46 -1.53 -22.46
CA LYS D 429 30.43 -0.49 -21.44
C LYS D 429 30.66 -1.12 -20.06
N LEU D 430 31.30 -0.39 -19.17
CA LEU D 430 31.55 -0.90 -17.82
C LEU D 430 31.04 0.10 -16.79
N ALA D 431 30.67 -0.39 -15.59
CA ALA D 431 30.19 0.47 -14.52
C ALA D 431 31.07 0.19 -13.32
N TYR D 432 31.17 1.16 -12.40
CA TYR D 432 32.03 1.00 -11.24
C TYR D 432 31.45 1.56 -9.94
N ASN D 433 31.52 0.78 -8.87
CA ASN D 433 31.03 1.20 -7.56
C ASN D 433 32.10 2.01 -6.80
N LEU D 434 31.93 3.33 -6.73
CA LEU D 434 32.88 4.17 -5.98
C LEU D 434 32.40 3.96 -4.54
N SER D 435 32.67 2.77 -4.02
CA SER D 435 32.21 2.38 -2.69
C SER D 435 32.60 3.21 -1.50
N PRO D 436 31.61 3.57 -0.68
CA PRO D 436 31.81 4.36 0.53
C PRO D 436 32.30 3.40 1.61
N SER D 437 32.45 2.13 1.21
CA SER D 437 32.95 1.10 2.12
C SER D 437 34.46 1.24 2.15
N PHE D 438 35.01 1.86 1.12
CA PHE D 438 36.46 2.06 1.05
C PHE D 438 36.80 3.22 1.99
N ASN D 439 38.06 3.26 2.42
CA ASN D 439 38.55 4.32 3.29
C ASN D 439 39.41 5.19 2.40
N TRP D 440 38.85 6.27 1.87
CA TRP D 440 39.62 7.13 0.98
C TRP D 440 40.69 7.96 1.70
N LYS D 441 41.80 7.31 2.07
CA LYS D 441 42.93 7.93 2.75
C LYS D 441 43.68 6.88 3.56
N ALA D 443 43.56 5.18 1.51
CA ALA D 443 43.60 4.32 0.34
C ALA D 443 44.03 5.10 -0.89
N MET D 444 43.89 6.42 -0.82
CA MET D 444 44.25 7.26 -1.96
C MET D 444 44.51 8.69 -1.50
N PRO D 445 45.55 9.34 -2.05
CA PRO D 445 45.86 10.72 -1.67
C PRO D 445 44.88 11.70 -2.30
N ARG D 446 44.57 12.75 -1.56
CA ARG D 446 43.64 13.80 -1.98
C ARG D 446 43.68 14.09 -3.49
N ASP D 447 44.89 14.23 -4.05
CA ASP D 447 45.03 14.53 -5.47
C ASP D 447 44.58 13.39 -6.39
N GLU D 448 44.78 12.16 -5.98
CA GLU D 448 44.36 11.03 -6.80
C GLU D 448 42.85 10.84 -6.66
N GLN D 449 42.30 11.30 -5.54
CA GLN D 449 40.88 11.19 -5.30
C GLN D 449 40.15 12.02 -6.34
N GLU D 450 40.68 13.20 -6.63
CA GLU D 450 40.06 14.10 -7.58
C GLU D 450 40.12 13.62 -9.02
N THR D 451 41.02 12.71 -9.34
CA THR D 451 41.14 12.24 -10.72
C THR D 451 40.71 10.78 -10.93
N TYR D 452 40.42 10.08 -9.83
CA TYR D 452 40.03 8.68 -9.91
C TYR D 452 38.90 8.39 -10.90
N ILE D 453 37.81 9.14 -10.81
CA ILE D 453 36.67 8.95 -11.69
C ILE D 453 37.08 9.15 -13.15
N ARG D 454 37.91 10.16 -13.40
CA ARG D 454 38.36 10.45 -14.75
C ARG D 454 39.24 9.31 -15.28
N ARG D 455 40.14 8.83 -14.44
CA ARG D 455 41.03 7.75 -14.83
C ARG D 455 40.22 6.50 -15.18
N LEU D 456 39.28 6.12 -14.31
CA LEU D 456 38.45 4.95 -14.58
C LEU D 456 37.66 5.17 -15.88
N ALA D 457 37.21 6.39 -16.09
CA ALA D 457 36.46 6.72 -17.31
C ALA D 457 37.28 6.34 -18.54
N GLY D 458 38.59 6.57 -18.46
CA GLY D 458 39.47 6.23 -19.56
C GLY D 458 39.41 4.74 -19.86
N LEU D 459 39.24 3.94 -18.82
CA LEU D 459 39.18 2.48 -18.97
C LEU D 459 37.89 1.97 -19.59
N GLY D 460 36.86 2.82 -19.65
CA GLY D 460 35.59 2.39 -20.21
C GLY D 460 34.48 2.36 -19.18
N TYR D 461 34.81 2.77 -17.95
CA TYR D 461 33.82 2.81 -16.88
C TYR D 461 33.02 4.09 -17.10
N CYS D 462 32.07 4.02 -18.05
CA CYS D 462 31.25 5.15 -18.42
C CYS D 462 30.16 5.57 -17.44
N TRP D 463 29.89 4.75 -16.42
CA TRP D 463 28.89 5.08 -15.39
C TRP D 463 29.47 4.70 -14.02
N GLN D 464 29.50 5.65 -13.10
CA GLN D 464 30.07 5.39 -11.78
C GLN D 464 29.15 5.93 -10.67
N PHE D 465 29.17 5.31 -9.50
CA PHE D 465 28.27 5.74 -8.44
C PHE D 465 28.74 5.38 -7.04
N ILE D 466 28.43 6.26 -6.09
CA ILE D 466 28.75 6.02 -4.69
C ILE D 466 27.43 5.46 -4.17
N THR D 467 27.38 4.16 -3.91
CA THR D 467 26.15 3.52 -3.44
C THR D 467 25.43 4.20 -2.27
N LEU D 468 26.13 4.35 -1.14
CA LEU D 468 25.49 4.91 0.04
C LEU D 468 25.75 6.37 0.40
N ALA D 469 26.10 7.21 -0.57
CA ALA D 469 26.36 8.63 -0.28
C ALA D 469 25.13 9.30 0.35
N GLY D 470 23.94 8.92 -0.13
CA GLY D 470 22.71 9.49 0.39
C GLY D 470 22.57 9.23 1.89
N LEU D 471 22.76 7.99 2.28
CA LEU D 471 22.68 7.60 3.68
C LEU D 471 23.68 8.43 4.51
N HIS D 472 24.93 8.43 4.08
CA HIS D 472 26.00 9.15 4.78
C HIS D 472 25.87 10.65 4.89
N THR D 473 25.42 11.32 3.83
CA THR D 473 25.25 12.76 3.90
C THR D 473 24.14 13.12 4.87
N THR D 474 23.02 12.40 4.81
CA THR D 474 21.91 12.70 5.71
C THR D 474 22.32 12.45 7.15
N ALA D 475 23.03 11.35 7.38
CA ALA D 475 23.47 10.99 8.71
C ALA D 475 24.38 12.07 9.31
N LEU D 476 25.36 12.51 8.52
CA LEU D 476 26.30 13.52 8.96
C LEU D 476 25.64 14.83 9.39
N ILE D 477 24.87 15.42 8.49
CA ILE D 477 24.19 16.67 8.79
C ILE D 477 23.17 16.51 9.91
N SER D 478 22.54 15.33 9.99
CA SER D 478 21.54 15.07 11.03
C SER D 478 22.19 15.08 12.42
N ASP D 479 23.31 14.37 12.53
CA ASP D 479 24.04 14.27 13.78
C ASP D 479 24.55 15.66 14.17
N ARG D 480 25.23 16.30 13.22
CA ARG D 480 25.79 17.64 13.41
C ARG D 480 24.71 18.61 13.86
N PHE D 481 23.62 18.68 13.11
CA PHE D 481 22.55 19.59 13.46
C PHE D 481 21.79 19.26 14.74
N ALA D 482 21.41 17.99 14.92
CA ALA D 482 20.67 17.62 16.12
C ALA D 482 21.49 17.92 17.36
N ARG D 483 22.79 17.69 17.29
CA ARG D 483 23.66 17.96 18.44
C ARG D 483 23.72 19.45 18.75
N ALA D 484 23.98 20.26 17.73
CA ALA D 484 24.06 21.70 17.91
C ALA D 484 22.73 22.27 18.38
N TYR D 485 21.64 21.80 17.80
CA TYR D 485 20.29 22.25 18.15
C TYR D 485 19.97 21.95 19.61
N SER D 486 20.44 20.81 20.10
CA SER D 486 20.18 20.44 21.48
C SER D 486 20.99 21.32 22.43
N GLU D 487 22.06 21.92 21.92
CA GLU D 487 22.90 22.77 22.76
C GLU D 487 22.56 24.25 22.74
N VAL D 488 22.39 24.82 21.56
CA VAL D 488 22.11 26.25 21.45
C VAL D 488 20.77 26.63 20.80
N GLY D 489 19.86 25.67 20.70
CA GLY D 489 18.56 25.97 20.13
C GLY D 489 18.56 26.58 18.75
N MET D 490 17.72 27.58 18.55
CA MET D 490 17.59 28.24 17.26
C MET D 490 18.87 28.85 16.70
N ARG D 491 19.87 29.07 17.54
CA ARG D 491 21.12 29.63 17.05
C ARG D 491 21.73 28.64 16.06
N ALA D 492 21.61 27.35 16.40
CA ALA D 492 22.16 26.31 15.54
C ALA D 492 21.43 26.29 14.20
N TYR D 493 20.12 26.54 14.22
CA TYR D 493 19.34 26.52 12.99
C TYR D 493 19.72 27.66 12.05
N GLY D 494 19.87 28.85 12.61
CA GLY D 494 20.23 29.99 11.80
C GLY D 494 21.64 29.86 11.27
N GLU D 495 22.53 29.34 12.10
CA GLU D 495 23.92 29.19 11.72
C GLU D 495 24.29 27.95 10.91
N LEU D 496 23.75 26.79 11.25
CA LEU D 496 24.09 25.57 10.53
C LEU D 496 23.18 25.22 9.35
N VAL D 497 22.01 25.83 9.28
CA VAL D 497 21.10 25.49 8.18
C VAL D 497 20.62 26.67 7.35
N GLN D 498 19.76 27.48 7.94
CA GLN D 498 19.18 28.62 7.25
C GLN D 498 20.20 29.52 6.57
N GLU D 499 21.12 30.11 7.32
CA GLU D 499 22.13 30.99 6.71
C GLU D 499 22.89 30.33 5.57
N PRO D 500 23.33 29.08 5.76
CA PRO D 500 24.08 28.39 4.69
C PRO D 500 23.22 28.17 3.43
N GLU D 501 21.95 27.85 3.62
CA GLU D 501 21.04 27.63 2.51
C GLU D 501 20.90 28.89 1.66
N MET D 502 20.68 30.02 2.33
CA MET D 502 20.52 31.29 1.62
C MET D 502 21.79 31.71 0.89
N GLU D 503 22.95 31.47 1.50
CA GLU D 503 24.20 31.83 0.86
C GLU D 503 24.45 31.04 -0.42
N LEU D 504 24.22 29.73 -0.37
CA LEU D 504 24.41 28.89 -1.54
C LEU D 504 23.24 29.01 -2.49
N GLY D 505 22.23 29.75 -2.05
CA GLY D 505 21.05 29.94 -2.88
C GLY D 505 20.26 28.67 -3.13
N VAL D 506 20.10 27.86 -2.09
CA VAL D 506 19.33 26.62 -2.18
C VAL D 506 17.88 27.01 -2.43
N ASP D 507 17.31 26.56 -3.54
CA ASP D 507 15.93 26.91 -3.86
C ASP D 507 14.95 26.46 -2.77
N VAL D 508 15.18 25.30 -2.18
CA VAL D 508 14.31 24.78 -1.12
C VAL D 508 14.14 25.78 0.04
N VAL D 509 15.09 26.70 0.19
CA VAL D 509 14.98 27.67 1.28
C VAL D 509 13.67 28.43 1.15
N LYS D 510 13.21 28.61 -0.09
CA LYS D 510 11.93 29.27 -0.36
C LYS D 510 10.98 28.07 -0.42
N HIS D 511 10.82 27.42 0.74
CA HIS D 511 10.00 26.22 0.87
C HIS D 511 8.66 26.16 0.16
N GLN D 512 7.86 27.23 0.26
CA GLN D 512 6.54 27.23 -0.38
C GLN D 512 6.61 27.16 -1.90
N LYS D 513 7.39 28.04 -2.50
CA LYS D 513 7.57 28.06 -3.94
C LYS D 513 8.18 26.74 -4.40
N TRP D 514 9.19 26.27 -3.66
CA TRP D 514 9.86 25.02 -4.01
C TRP D 514 8.89 23.85 -4.05
N SER D 515 8.03 23.78 -3.03
CA SER D 515 7.07 22.68 -2.92
C SER D 515 5.97 22.73 -3.97
N GLY D 516 5.92 23.80 -4.75
CA GLY D 516 4.91 23.93 -5.79
C GLY D 516 3.66 24.70 -5.40
N ALA D 517 3.77 25.53 -4.36
CA ALA D 517 2.62 26.31 -3.88
C ALA D 517 2.03 27.22 -4.95
N THR D 518 2.90 27.86 -5.73
CA THR D 518 2.40 28.76 -6.78
C THR D 518 1.83 27.98 -7.94
N TYR D 519 2.44 26.84 -8.24
CA TYR D 519 1.98 25.99 -9.33
C TYR D 519 0.54 25.53 -9.09
N VAL D 520 0.31 24.93 -7.93
CA VAL D 520 -1.01 24.42 -7.54
C VAL D 520 -2.01 25.56 -7.38
N ASP D 521 -1.53 26.70 -6.88
CA ASP D 521 -2.40 27.84 -6.70
C ASP D 521 -2.94 28.31 -8.06
N GLU D 522 -2.10 28.20 -9.09
CA GLU D 522 -2.50 28.59 -10.44
C GLU D 522 -3.46 27.56 -11.03
N LEU D 523 -3.21 26.29 -10.76
CA LEU D 523 -4.09 25.21 -11.23
C LEU D 523 -5.51 25.50 -10.73
N GLN D 524 -5.61 25.92 -9.47
CA GLN D 524 -6.88 26.24 -8.84
C GLN D 524 -7.60 27.40 -9.52
N LYS D 525 -6.92 28.53 -9.63
CA LYS D 525 -7.50 29.70 -10.25
C LYS D 525 -7.94 29.39 -11.69
N MET D 526 -7.26 28.44 -12.33
CA MET D 526 -7.61 28.07 -13.70
C MET D 526 -8.92 27.29 -13.72
N VAL D 527 -9.16 26.51 -12.67
CA VAL D 527 -10.38 25.72 -12.61
C VAL D 527 -11.60 26.53 -12.18
N THR D 528 -11.39 27.51 -11.31
CA THR D 528 -12.50 28.33 -10.83
C THR D 528 -12.52 29.70 -11.51
N GLY D 529 -11.52 29.96 -12.34
CA GLY D 529 -11.43 31.23 -13.04
C GLY D 529 -12.38 31.39 -14.21
C1 GLV E . -22.63 4.16 -5.64
O1 GLV E . -22.24 5.31 -5.60
C2 GLV E . -21.95 3.09 -4.90
O2 GLV E . -22.29 1.84 -5.13
O3 GLV E . -21.06 3.31 -4.09
C1 GOL F . -26.45 4.03 -3.55
O1 GOL F . -25.30 4.84 -3.17
C2 GOL F . -26.39 2.65 -2.85
O2 GOL F . -26.22 2.85 -1.43
C3 GOL F . -27.63 1.79 -3.09
O3 GOL F . -27.70 1.42 -4.47
MG MG G . -20.73 5.61 -3.76
C1 GLV H . -2.25 -24.09 -0.50
O1 GLV H . -1.24 -23.95 0.17
C2 GLV H . -2.91 -22.91 -1.09
O2 GLV H . -2.19 -21.96 -1.66
O3 GLV H . -4.13 -22.77 -1.09
C1 GOL I . -2.28 -25.91 -3.18
O1 GOL I . -0.99 -26.53 -3.33
C2 GOL I . -3.33 -27.00 -3.48
O2 GOL I . -2.65 -28.21 -3.85
C3 GOL I . -4.30 -26.62 -4.59
O3 GOL I . -5.34 -27.62 -4.64
MG MG J . 0.11 -22.59 -1.44
C1 GLV K . 3.66 21.36 9.25
O1 GLV K . 4.50 20.55 9.57
C2 GLV K . 2.85 22.07 10.28
O2 GLV K . 2.84 23.28 10.32
O3 GLV K . 2.13 21.39 11.18
MG MG L . 1.10 20.60 8.72
C1 GLV M . 24.62 -1.85 -4.29
O1 GLV M . 24.14 -2.52 -5.19
C2 GLV M . 23.75 -1.11 -3.34
O2 GLV M . 23.92 0.08 -3.19
O3 GLV M . 22.80 -1.72 -2.63
C1 GOL N . 27.89 -1.69 -0.35
O1 GOL N . 29.08 -0.93 -0.03
C2 GOL N . 27.94 -2.07 -1.83
O2 GOL N . 29.05 -2.97 -2.01
C3 GOL N . 26.66 -2.78 -2.33
O3 GOL N . 26.87 -4.21 -2.42
MG MG O . 22.84 -3.89 -3.63
#